data_2F8B
#
_entry.id   2F8B
#
loop_
_entity.id
_entity.type
_entity.pdbx_description
1 polymer 'Protein E7'
2 non-polymer 'ZINC ION'
#
_entity_poly.entity_id   1
_entity_poly.type   'polypeptide(L)'
_entity_poly.pdbx_seq_one_letter_code
;GSHMAEPQRHKILCVCCKCDGRIELTVESSAEDLRTLQQLFLSTLSFVCPWCATNQ
;
_entity_poly.pdbx_strand_id   A,B
#
loop_
_chem_comp.id
_chem_comp.type
_chem_comp.name
_chem_comp.formula
ZN non-polymer 'ZINC ION' 'Zn 2'
#
# COMPACT_ATOMS: atom_id res chain seq x y z
N GLY A 1 2.95 -25.95 11.98
CA GLY A 1 3.99 -26.83 11.41
C GLY A 1 5.02 -25.99 10.66
N SER A 2 5.92 -26.63 9.92
CA SER A 2 6.77 -25.92 8.97
C SER A 2 5.92 -25.40 7.80
N HIS A 3 6.42 -24.38 7.10
CA HIS A 3 5.89 -23.85 5.87
C HIS A 3 7.03 -23.10 5.17
N MET A 4 6.87 -22.76 3.89
CA MET A 4 7.79 -21.84 3.22
C MET A 4 7.45 -20.40 3.60
N ALA A 5 8.43 -19.51 3.54
CA ALA A 5 8.27 -18.07 3.48
C ALA A 5 9.32 -17.55 2.50
N GLU A 6 9.12 -16.34 1.98
CA GLU A 6 9.98 -15.69 0.99
C GLU A 6 10.05 -14.21 1.36
N PRO A 7 11.13 -13.49 0.98
CA PRO A 7 11.32 -12.08 1.31
C PRO A 7 10.44 -11.19 0.43
N GLN A 8 9.12 -11.33 0.56
CA GLN A 8 8.11 -10.63 -0.21
C GLN A 8 7.11 -10.01 0.75
N ARG A 9 6.27 -10.80 1.42
CA ARG A 9 5.27 -10.37 2.40
C ARG A 9 5.92 -9.57 3.53
N HIS A 10 6.00 -8.25 3.38
CA HIS A 10 6.67 -7.35 4.32
C HIS A 10 5.67 -6.32 4.82
N LYS A 11 5.99 -5.64 5.93
CA LYS A 11 4.99 -5.00 6.77
C LYS A 11 5.45 -3.61 7.19
N ILE A 12 5.05 -2.60 6.42
CA ILE A 12 5.25 -1.21 6.79
C ILE A 12 4.08 -0.87 7.70
N LEU A 13 4.28 -0.96 9.02
CA LEU A 13 3.30 -0.53 9.97
C LEU A 13 3.29 1.00 10.01
N CYS A 14 2.33 1.60 9.32
CA CYS A 14 2.21 3.03 9.09
C CYS A 14 0.98 3.57 9.83
N VAL A 15 0.58 4.81 9.51
CA VAL A 15 -0.65 5.41 9.98
C VAL A 15 -1.43 5.96 8.78
N CYS A 16 -2.73 6.07 8.95
CA CYS A 16 -3.66 6.57 7.96
C CYS A 16 -3.69 8.10 7.99
N CYS A 17 -3.56 8.74 6.85
CA CYS A 17 -3.38 10.19 6.80
C CYS A 17 -4.65 10.95 7.22
N LYS A 18 -5.85 10.41 6.98
CA LYS A 18 -7.09 11.15 7.21
C LYS A 18 -7.65 10.89 8.61
N CYS A 19 -7.25 9.78 9.27
CA CYS A 19 -7.82 9.36 10.53
C CYS A 19 -6.77 9.04 11.61
N ASP A 20 -5.47 9.16 11.29
CA ASP A 20 -4.31 8.85 12.16
C ASP A 20 -4.41 7.46 12.81
N GLY A 21 -5.13 6.54 12.17
CA GLY A 21 -5.26 5.18 12.67
C GLY A 21 -4.05 4.40 12.23
N ARG A 22 -3.61 3.46 13.06
CA ARG A 22 -2.51 2.56 12.76
C ARG A 22 -2.95 1.68 11.59
N ILE A 23 -2.09 1.49 10.59
CA ILE A 23 -2.31 0.55 9.52
C ILE A 23 -1.10 -0.37 9.43
N GLU A 24 -1.34 -1.68 9.53
CA GLU A 24 -0.38 -2.66 9.06
C GLU A 24 -0.44 -2.63 7.52
N LEU A 25 0.56 -2.04 6.85
CA LEU A 25 0.65 -2.13 5.40
C LEU A 25 1.47 -3.38 5.08
N THR A 26 0.81 -4.54 4.98
CA THR A 26 1.46 -5.67 4.35
C THR A 26 1.57 -5.40 2.84
N VAL A 27 2.76 -5.03 2.39
CA VAL A 27 3.09 -4.82 0.98
C VAL A 27 4.06 -5.95 0.65
N GLU A 28 3.73 -6.71 -0.38
CA GLU A 28 4.40 -7.95 -0.70
C GLU A 28 5.49 -7.52 -1.68
N SER A 29 6.62 -7.07 -1.13
CA SER A 29 7.56 -6.22 -1.79
C SER A 29 8.97 -6.51 -1.31
N SER A 30 9.91 -6.72 -2.23
CA SER A 30 11.28 -7.10 -1.90
C SER A 30 11.90 -6.05 -1.00
N ALA A 31 12.75 -6.42 -0.05
CA ALA A 31 13.12 -5.54 1.06
C ALA A 31 13.56 -4.14 0.64
N GLU A 32 14.30 -4.03 -0.47
CA GLU A 32 14.84 -2.75 -0.89
C GLU A 32 13.97 -2.06 -1.95
N ASP A 33 13.06 -2.80 -2.56
CA ASP A 33 11.95 -2.24 -3.29
C ASP A 33 10.95 -1.62 -2.29
N LEU A 34 10.73 -2.30 -1.15
CA LEU A 34 9.97 -1.78 -0.02
C LEU A 34 10.63 -0.51 0.49
N ARG A 35 11.95 -0.55 0.65
CA ARG A 35 12.78 0.59 1.05
C ARG A 35 12.56 1.72 0.08
N THR A 36 12.68 1.45 -1.22
CA THR A 36 12.47 2.42 -2.30
C THR A 36 11.07 3.05 -2.18
N LEU A 37 10.01 2.22 -2.11
CA LEU A 37 8.65 2.73 -1.98
C LEU A 37 8.46 3.48 -0.64
N GLN A 38 9.21 3.11 0.41
CA GLN A 38 9.25 3.81 1.68
C GLN A 38 10.02 5.14 1.56
N GLN A 39 10.93 5.29 0.60
CA GLN A 39 11.47 6.60 0.23
C GLN A 39 10.40 7.43 -0.44
N LEU A 40 9.52 6.81 -1.27
CA LEU A 40 8.36 7.51 -1.81
C LEU A 40 7.40 7.96 -0.68
N PHE A 41 7.27 7.18 0.41
CA PHE A 41 6.57 7.62 1.63
C PHE A 41 7.27 8.84 2.21
N LEU A 42 8.56 8.73 2.46
CA LEU A 42 9.38 9.79 3.05
C LEU A 42 9.41 11.06 2.17
N SER A 43 9.24 10.92 0.85
CA SER A 43 9.04 11.99 -0.10
C SER A 43 7.68 12.66 0.13
N THR A 44 6.59 11.93 -0.16
CA THR A 44 5.23 12.47 -0.18
C THR A 44 4.16 11.47 0.25
N LEU A 45 4.33 10.19 -0.05
CA LEU A 45 3.23 9.24 -0.07
C LEU A 45 2.72 8.97 1.35
N SER A 46 1.39 8.92 1.52
CA SER A 46 0.75 8.28 2.66
C SER A 46 -0.14 7.14 2.16
N PHE A 47 -0.64 6.34 3.09
CA PHE A 47 -1.62 5.30 2.80
C PHE A 47 -2.91 5.71 3.50
N VAL A 48 -4.02 5.24 2.94
CA VAL A 48 -5.32 5.53 3.47
C VAL A 48 -6.12 4.21 3.48
N CYS A 49 -6.32 3.65 4.68
CA CYS A 49 -6.80 2.29 4.90
C CYS A 49 -8.14 2.06 4.20
N PRO A 50 -8.42 0.87 3.63
CA PRO A 50 -9.61 0.65 2.82
C PRO A 50 -10.91 0.87 3.60
N TRP A 51 -10.89 0.67 4.93
CA TRP A 51 -11.99 1.05 5.81
C TRP A 51 -12.28 2.54 5.67
N CYS A 52 -11.31 3.38 6.03
CA CYS A 52 -11.54 4.82 6.04
C CYS A 52 -11.77 5.35 4.63
N ALA A 53 -11.15 4.71 3.62
CA ALA A 53 -11.29 5.11 2.25
C ALA A 53 -12.74 4.85 1.77
N THR A 54 -13.34 3.75 2.22
CA THR A 54 -14.73 3.40 1.93
C THR A 54 -15.68 4.32 2.70
N ASN A 55 -15.38 4.62 3.98
CA ASN A 55 -16.22 5.51 4.81
C ASN A 55 -16.18 6.95 4.29
N GLN A 56 -14.97 7.39 3.90
CA GLN A 56 -14.57 8.76 3.60
C GLN A 56 -15.15 9.74 4.64
N GLY B 1 -2.48 20.03 3.33
CA GLY B 1 -1.90 21.38 3.27
C GLY B 1 -2.83 22.34 3.96
N SER B 2 -3.29 23.37 3.24
CA SER B 2 -4.48 24.14 3.56
C SER B 2 -5.40 24.03 2.34
N HIS B 3 -6.64 24.53 2.44
CA HIS B 3 -7.73 24.10 1.55
C HIS B 3 -7.89 22.57 1.70
N MET B 4 -8.41 21.88 0.68
CA MET B 4 -8.59 20.43 0.66
C MET B 4 -8.58 19.98 -0.82
N ALA B 5 -8.80 18.69 -1.08
CA ALA B 5 -8.90 18.07 -2.41
C ALA B 5 -7.59 18.21 -3.18
N GLU B 6 -6.51 17.71 -2.59
CA GLU B 6 -5.15 17.89 -3.09
C GLU B 6 -4.78 16.65 -3.93
N PRO B 7 -3.98 16.81 -5.01
CA PRO B 7 -3.76 15.81 -6.04
C PRO B 7 -2.79 14.71 -5.58
N GLN B 8 -3.14 14.03 -4.49
CA GLN B 8 -2.37 12.97 -3.87
C GLN B 8 -3.26 11.74 -3.64
N ARG B 9 -4.42 11.87 -2.99
CA ARG B 9 -5.26 10.73 -2.58
C ARG B 9 -5.74 9.92 -3.80
N HIS B 10 -5.00 8.87 -4.17
CA HIS B 10 -5.13 8.15 -5.44
C HIS B 10 -5.31 6.66 -5.20
N LYS B 11 -5.53 5.90 -6.27
CA LYS B 11 -6.13 4.56 -6.22
C LYS B 11 -5.48 3.68 -7.27
N ILE B 12 -4.50 2.86 -6.87
CA ILE B 12 -3.96 1.81 -7.73
C ILE B 12 -4.86 0.59 -7.54
N LEU B 13 -5.83 0.39 -8.42
CA LEU B 13 -6.56 -0.86 -8.45
C LEU B 13 -5.61 -1.96 -8.88
N CYS B 14 -5.24 -2.82 -7.92
CA CYS B 14 -4.46 -4.02 -8.15
C CYS B 14 -5.30 -5.23 -7.71
N VAL B 15 -4.66 -6.40 -7.58
CA VAL B 15 -5.28 -7.58 -7.00
C VAL B 15 -4.40 -8.08 -5.85
N CYS B 16 -5.03 -8.77 -4.90
CA CYS B 16 -4.34 -9.46 -3.84
C CYS B 16 -3.64 -10.68 -4.44
N CYS B 17 -2.36 -10.87 -4.10
CA CYS B 17 -1.54 -11.99 -4.57
C CYS B 17 -2.19 -13.36 -4.28
N LYS B 18 -2.98 -13.46 -3.21
CA LYS B 18 -3.43 -14.73 -2.63
C LYS B 18 -4.93 -14.84 -2.44
N CYS B 19 -5.65 -13.71 -2.35
CA CYS B 19 -7.10 -13.72 -2.50
C CYS B 19 -7.50 -13.72 -3.97
N ASP B 20 -6.58 -13.36 -4.88
CA ASP B 20 -6.84 -13.12 -6.30
C ASP B 20 -8.08 -12.24 -6.49
N GLY B 21 -8.15 -11.18 -5.67
CA GLY B 21 -9.30 -10.31 -5.53
C GLY B 21 -8.89 -8.86 -5.66
N ARG B 22 -9.81 -8.04 -6.16
CA ARG B 22 -9.67 -6.62 -6.46
C ARG B 22 -9.31 -5.87 -5.18
N ILE B 23 -8.10 -5.29 -5.12
CA ILE B 23 -7.76 -4.34 -4.07
C ILE B 23 -7.59 -2.97 -4.73
N GLU B 24 -8.42 -2.03 -4.31
CA GLU B 24 -8.33 -0.63 -4.68
C GLU B 24 -7.37 0.07 -3.74
N LEU B 25 -6.08 0.03 -4.10
CA LEU B 25 -5.00 0.48 -3.24
C LEU B 25 -5.06 2.00 -3.13
N THR B 26 -5.69 2.50 -2.06
CA THR B 26 -5.89 3.92 -1.87
C THR B 26 -4.62 4.48 -1.21
N VAL B 27 -3.69 4.93 -2.06
CA VAL B 27 -2.33 5.38 -1.71
C VAL B 27 -2.28 6.84 -2.16
N GLU B 28 -1.74 7.72 -1.30
CA GLU B 28 -1.97 9.14 -1.41
C GLU B 28 -0.64 9.79 -1.75
N SER B 29 -0.38 10.02 -3.04
CA SER B 29 0.82 10.69 -3.51
C SER B 29 0.61 11.19 -4.92
N SER B 30 1.43 12.15 -5.34
CA SER B 30 1.35 12.77 -6.66
C SER B 30 1.38 11.69 -7.75
N ALA B 31 0.68 11.92 -8.86
CA ALA B 31 0.37 10.89 -9.84
C ALA B 31 1.60 10.10 -10.30
N GLU B 32 2.74 10.77 -10.48
CA GLU B 32 3.94 10.14 -11.00
C GLU B 32 4.75 9.41 -9.92
N ASP B 33 4.57 9.77 -8.66
CA ASP B 33 5.10 9.06 -7.51
C ASP B 33 4.30 7.77 -7.31
N LEU B 34 2.97 7.88 -7.48
CA LEU B 34 2.07 6.72 -7.58
C LEU B 34 2.52 5.79 -8.70
N ARG B 35 2.79 6.40 -9.85
CA ARG B 35 3.17 5.73 -11.09
C ARG B 35 4.47 5.00 -10.88
N THR B 36 5.46 5.68 -10.29
CA THR B 36 6.76 5.10 -9.97
C THR B 36 6.55 3.83 -9.13
N LEU B 37 5.77 3.92 -8.05
CA LEU B 37 5.46 2.74 -7.25
C LEU B 37 4.67 1.69 -8.07
N GLN B 38 3.82 2.12 -9.02
CA GLN B 38 3.15 1.21 -9.93
C GLN B 38 4.16 0.54 -10.86
N GLN B 39 5.28 1.18 -11.20
CA GLN B 39 6.34 0.56 -11.98
C GLN B 39 7.03 -0.51 -11.13
N LEU B 40 7.19 -0.28 -9.83
CA LEU B 40 7.60 -1.35 -8.90
C LEU B 40 6.64 -2.54 -8.98
N PHE B 41 5.33 -2.30 -8.96
CA PHE B 41 4.32 -3.36 -9.08
C PHE B 41 4.45 -4.08 -10.43
N LEU B 42 4.59 -3.32 -11.51
CA LEU B 42 4.80 -3.84 -12.86
C LEU B 42 6.13 -4.60 -12.98
N SER B 43 7.15 -4.27 -12.16
CA SER B 43 8.40 -4.99 -12.11
C SER B 43 8.20 -6.35 -11.42
N THR B 44 7.78 -6.32 -10.15
CA THR B 44 7.78 -7.46 -9.25
C THR B 44 6.69 -7.44 -8.17
N LEU B 45 6.26 -6.25 -7.74
CA LEU B 45 5.59 -6.06 -6.47
C LEU B 45 4.12 -6.49 -6.46
N SER B 46 3.65 -6.92 -5.29
CA SER B 46 2.25 -7.25 -5.03
C SER B 46 1.80 -6.56 -3.74
N PHE B 47 0.50 -6.57 -3.50
CA PHE B 47 -0.11 -6.10 -2.27
C PHE B 47 -0.89 -7.27 -1.68
N VAL B 48 -1.02 -7.25 -0.36
CA VAL B 48 -1.54 -8.31 0.46
C VAL B 48 -2.42 -7.62 1.50
N CYS B 49 -3.72 -7.54 1.20
CA CYS B 49 -4.72 -6.76 1.93
C CYS B 49 -4.76 -7.18 3.41
N PRO B 50 -5.11 -6.28 4.35
CA PRO B 50 -4.98 -6.58 5.78
C PRO B 50 -5.77 -7.82 6.25
N TRP B 51 -6.84 -8.18 5.53
CA TRP B 51 -7.61 -9.40 5.70
C TRP B 51 -6.70 -10.63 5.55
N CYS B 52 -6.19 -10.90 4.34
CA CYS B 52 -5.28 -12.03 4.15
C CYS B 52 -3.99 -11.83 4.91
N ALA B 53 -3.55 -10.58 5.11
CA ALA B 53 -2.29 -10.37 5.79
C ALA B 53 -2.36 -10.88 7.23
N THR B 54 -3.52 -10.70 7.87
CA THR B 54 -3.85 -11.18 9.21
C THR B 54 -4.08 -12.70 9.18
N ASN B 55 -4.94 -13.20 8.28
CA ASN B 55 -5.39 -14.60 8.27
C ASN B 55 -4.32 -15.55 7.76
N GLN B 56 -3.44 -15.04 6.90
CA GLN B 56 -2.49 -15.75 6.06
C GLN B 56 -3.20 -16.82 5.22
ZN ZN C . -7.22 5.79 7.30
ZN ZN D . -5.27 -10.41 -0.37
N GLY A 1 6.61 -26.00 -3.19
CA GLY A 1 7.99 -25.48 -3.29
C GLY A 1 8.18 -24.27 -2.38
N SER A 2 9.34 -23.62 -2.47
CA SER A 2 9.58 -22.31 -1.87
C SER A 2 8.69 -21.26 -2.54
N HIS A 3 7.45 -21.13 -2.06
CA HIS A 3 6.50 -20.12 -2.49
C HIS A 3 5.59 -19.69 -1.31
N MET A 4 6.13 -19.64 -0.08
CA MET A 4 5.53 -18.86 1.01
C MET A 4 6.49 -18.58 2.19
N ALA A 5 7.79 -18.51 1.93
CA ALA A 5 8.83 -18.24 2.91
C ALA A 5 9.92 -17.31 2.37
N GLU A 6 9.57 -16.50 1.37
CA GLU A 6 10.52 -15.72 0.59
C GLU A 6 10.60 -14.28 1.13
N PRO A 7 11.73 -13.56 0.93
CA PRO A 7 11.93 -12.19 1.40
C PRO A 7 11.16 -11.17 0.55
N GLN A 8 9.84 -11.36 0.50
CA GLN A 8 8.88 -10.47 -0.14
C GLN A 8 7.76 -10.14 0.85
N ARG A 9 7.11 -11.10 1.50
CA ARG A 9 5.90 -10.86 2.32
C ARG A 9 6.24 -9.95 3.52
N HIS A 10 6.08 -8.63 3.37
CA HIS A 10 6.62 -7.65 4.33
C HIS A 10 5.53 -6.69 4.80
N LYS A 11 5.79 -6.02 5.93
CA LYS A 11 4.79 -5.29 6.72
C LYS A 11 5.37 -3.95 7.15
N ILE A 12 5.07 -2.89 6.42
CA ILE A 12 5.48 -1.53 6.75
C ILE A 12 4.39 -0.94 7.63
N LEU A 13 4.57 -0.89 8.95
CA LEU A 13 3.63 -0.22 9.82
C LEU A 13 3.66 1.27 9.55
N CYS A 14 2.53 1.79 9.13
CA CYS A 14 2.23 3.20 9.00
C CYS A 14 0.96 3.50 9.82
N VAL A 15 0.46 4.74 9.72
CA VAL A 15 -0.85 5.11 10.25
C VAL A 15 -1.70 5.68 9.12
N CYS A 16 -3.03 5.60 9.29
CA CYS A 16 -3.96 6.18 8.35
C CYS A 16 -3.85 7.69 8.42
N CYS A 17 -3.64 8.34 7.27
CA CYS A 17 -3.38 9.77 7.19
C CYS A 17 -4.53 10.63 7.78
N LYS A 18 -5.76 10.10 7.85
CA LYS A 18 -6.94 10.86 8.25
C LYS A 18 -7.69 10.31 9.47
N CYS A 19 -7.53 9.03 9.83
CA CYS A 19 -8.09 8.48 11.06
C CYS A 19 -7.02 8.04 12.06
N ASP A 20 -5.72 8.19 11.73
CA ASP A 20 -4.56 7.84 12.57
C ASP A 20 -4.60 6.38 13.05
N GLY A 21 -5.28 5.50 12.31
CA GLY A 21 -5.39 4.10 12.69
C GLY A 21 -4.10 3.37 12.32
N ARG A 22 -3.78 2.33 13.09
CA ARG A 22 -2.62 1.46 12.87
C ARG A 22 -2.82 0.71 11.55
N ILE A 23 -2.04 1.02 10.51
CA ILE A 23 -2.11 0.27 9.26
C ILE A 23 -0.74 -0.36 9.00
N GLU A 24 -0.70 -1.67 9.22
CA GLU A 24 0.40 -2.53 8.86
C GLU A 24 0.37 -2.78 7.36
N LEU A 25 1.05 -1.89 6.61
CA LEU A 25 1.01 -1.86 5.15
C LEU A 25 1.73 -3.09 4.66
N THR A 26 0.94 -4.14 4.44
CA THR A 26 1.45 -5.44 4.09
C THR A 26 1.57 -5.43 2.57
N VAL A 27 2.81 -5.40 2.09
CA VAL A 27 3.18 -5.39 0.67
C VAL A 27 4.14 -6.56 0.51
N GLU A 28 3.82 -7.51 -0.39
CA GLU A 28 4.73 -8.62 -0.67
C GLU A 28 5.71 -8.06 -1.71
N SER A 29 6.87 -7.55 -1.27
CA SER A 29 7.90 -7.05 -2.15
C SER A 29 9.27 -7.14 -1.52
N SER A 30 10.29 -7.22 -2.37
CA SER A 30 11.69 -7.30 -1.99
C SER A 30 12.06 -6.13 -1.07
N ALA A 31 12.98 -6.34 -0.13
CA ALA A 31 13.25 -5.36 0.92
C ALA A 31 13.64 -3.99 0.37
N GLU A 32 14.49 -3.93 -0.65
CA GLU A 32 14.95 -2.67 -1.23
C GLU A 32 13.86 -1.95 -2.04
N ASP A 33 12.96 -2.72 -2.62
CA ASP A 33 11.81 -2.26 -3.38
C ASP A 33 10.83 -1.60 -2.39
N LEU A 34 10.53 -2.31 -1.30
CA LEU A 34 9.77 -1.85 -0.14
C LEU A 34 10.35 -0.58 0.47
N ARG A 35 11.68 -0.55 0.55
CA ARG A 35 12.50 0.51 1.13
C ARG A 35 12.41 1.72 0.24
N THR A 36 12.57 1.53 -1.07
CA THR A 36 12.38 2.59 -2.05
C THR A 36 11.00 3.21 -1.85
N LEU A 37 9.96 2.36 -1.80
CA LEU A 37 8.59 2.72 -1.42
C LEU A 37 8.57 3.49 -0.08
N GLN A 38 9.34 3.04 0.92
CA GLN A 38 9.40 3.69 2.22
C GLN A 38 10.04 5.09 2.11
N GLN A 39 10.98 5.28 1.15
CA GLN A 39 11.54 6.59 0.88
C GLN A 39 10.49 7.49 0.24
N LEU A 40 9.60 6.93 -0.61
CA LEU A 40 8.42 7.64 -1.09
C LEU A 40 7.59 8.10 0.11
N PHE A 41 7.37 7.25 1.12
CA PHE A 41 6.60 7.62 2.31
C PHE A 41 7.31 8.73 3.10
N LEU A 42 8.64 8.63 3.24
CA LEU A 42 9.45 9.67 3.86
C LEU A 42 9.44 10.98 3.04
N SER A 43 9.17 10.92 1.74
CA SER A 43 9.17 12.04 0.81
C SER A 43 7.79 12.71 0.74
N THR A 44 6.80 11.97 0.24
CA THR A 44 5.57 12.47 -0.33
C THR A 44 4.32 11.60 -0.14
N LEU A 45 4.53 10.33 0.19
CA LEU A 45 3.46 9.32 0.25
C LEU A 45 2.84 9.17 1.65
N SER A 46 1.54 8.89 1.69
CA SER A 46 0.80 8.45 2.87
C SER A 46 -0.15 7.30 2.48
N PHE A 47 -0.81 6.69 3.47
CA PHE A 47 -1.74 5.59 3.27
C PHE A 47 -3.06 5.88 3.95
N VAL A 48 -4.08 5.19 3.45
CA VAL A 48 -5.47 5.43 3.71
C VAL A 48 -6.19 4.08 3.65
N CYS A 49 -6.64 3.57 4.80
CA CYS A 49 -7.30 2.26 4.91
C CYS A 49 -8.60 2.22 4.08
N PRO A 50 -9.12 1.04 3.72
CA PRO A 50 -10.37 0.92 2.98
C PRO A 50 -11.58 1.53 3.72
N TRP A 51 -11.53 1.59 5.06
CA TRP A 51 -12.52 2.32 5.83
C TRP A 51 -12.52 3.80 5.43
N CYS A 52 -11.34 4.43 5.37
CA CYS A 52 -11.21 5.82 4.94
C CYS A 52 -11.40 5.98 3.43
N ALA A 53 -11.11 4.95 2.62
CA ALA A 53 -11.50 4.94 1.21
C ALA A 53 -13.02 5.05 1.07
N THR A 54 -13.76 4.44 2.01
CA THR A 54 -15.21 4.39 2.02
C THR A 54 -15.83 5.63 2.69
N ASN A 55 -15.29 6.08 3.84
CA ASN A 55 -15.94 7.05 4.74
C ASN A 55 -15.24 8.40 4.76
N GLN A 56 -14.02 8.49 4.22
CA GLN A 56 -13.03 9.52 4.49
C GLN A 56 -12.54 9.43 5.95
N GLY B 1 -6.08 25.31 4.91
CA GLY B 1 -7.35 25.35 5.65
C GLY B 1 -7.99 23.97 5.65
N SER B 2 -9.32 23.89 5.84
CA SER B 2 -10.05 22.64 5.76
C SER B 2 -10.06 22.18 4.30
N HIS B 3 -9.24 21.18 3.96
CA HIS B 3 -9.08 20.64 2.62
C HIS B 3 -8.93 19.12 2.72
N MET B 4 -9.34 18.38 1.68
CA MET B 4 -9.01 16.96 1.48
C MET B 4 -9.21 16.55 0.00
N ALA B 5 -8.85 17.46 -0.91
CA ALA B 5 -9.14 17.47 -2.33
C ALA B 5 -7.88 17.42 -3.21
N GLU B 6 -6.78 16.96 -2.63
CA GLU B 6 -5.44 17.12 -3.18
C GLU B 6 -5.13 15.95 -4.13
N PRO B 7 -4.18 16.12 -5.08
CA PRO B 7 -3.74 15.08 -6.02
C PRO B 7 -2.83 14.05 -5.29
N GLN B 8 -3.34 13.50 -4.20
CA GLN B 8 -2.71 12.56 -3.29
C GLN B 8 -3.60 11.33 -3.22
N ARG B 9 -4.75 11.41 -2.52
CA ARG B 9 -5.67 10.32 -2.23
C ARG B 9 -6.15 9.63 -3.51
N HIS B 10 -5.47 8.57 -3.91
CA HIS B 10 -5.63 7.87 -5.19
C HIS B 10 -5.89 6.40 -4.91
N LYS B 11 -6.40 5.69 -5.92
CA LYS B 11 -6.99 4.37 -5.77
C LYS B 11 -6.53 3.50 -6.93
N ILE B 12 -5.44 2.76 -6.72
CA ILE B 12 -4.91 1.83 -7.70
C ILE B 12 -5.73 0.54 -7.56
N LEU B 13 -6.68 0.30 -8.45
CA LEU B 13 -7.40 -0.96 -8.48
C LEU B 13 -6.43 -2.05 -8.92
N CYS B 14 -6.14 -2.96 -7.99
CA CYS B 14 -5.39 -4.18 -8.21
C CYS B 14 -6.24 -5.38 -7.80
N VAL B 15 -5.63 -6.56 -7.76
CA VAL B 15 -6.15 -7.70 -7.02
C VAL B 15 -5.19 -8.03 -5.89
N CYS B 16 -5.70 -8.76 -4.89
CA CYS B 16 -4.90 -9.35 -3.85
C CYS B 16 -3.98 -10.40 -4.47
N CYS B 17 -2.70 -10.38 -4.08
CA CYS B 17 -1.66 -11.32 -4.47
C CYS B 17 -2.10 -12.77 -4.23
N LYS B 18 -2.84 -13.03 -3.15
CA LYS B 18 -3.13 -14.38 -2.68
C LYS B 18 -4.62 -14.66 -2.46
N CYS B 19 -5.44 -13.64 -2.21
CA CYS B 19 -6.89 -13.79 -2.17
C CYS B 19 -7.50 -13.65 -3.57
N ASP B 20 -6.71 -13.19 -4.56
CA ASP B 20 -7.10 -12.97 -5.96
C ASP B 20 -8.48 -12.33 -6.09
N GLY B 21 -8.68 -11.26 -5.30
CA GLY B 21 -9.89 -10.48 -5.24
C GLY B 21 -9.58 -9.00 -5.40
N ARG B 22 -10.54 -8.22 -5.89
CA ARG B 22 -10.43 -6.81 -6.24
C ARG B 22 -10.05 -6.03 -5.01
N ILE B 23 -8.91 -5.32 -5.06
CA ILE B 23 -8.56 -4.34 -4.04
C ILE B 23 -8.40 -2.99 -4.72
N GLU B 24 -9.11 -1.99 -4.21
CA GLU B 24 -8.95 -0.59 -4.58
C GLU B 24 -7.87 0.02 -3.67
N LEU B 25 -6.60 -0.11 -4.09
CA LEU B 25 -5.44 0.20 -3.26
C LEU B 25 -5.40 1.70 -3.05
N THR B 26 -5.91 2.12 -1.90
CA THR B 26 -6.07 3.52 -1.58
C THR B 26 -4.75 3.98 -0.97
N VAL B 27 -3.93 4.66 -1.78
CA VAL B 27 -2.64 5.23 -1.37
C VAL B 27 -2.71 6.73 -1.68
N GLU B 28 -2.22 7.56 -0.76
CA GLU B 28 -2.12 9.00 -0.97
C GLU B 28 -0.77 9.24 -1.61
N SER B 29 -0.74 9.57 -2.90
CA SER B 29 0.45 9.49 -3.70
C SER B 29 0.32 10.40 -4.91
N SER B 30 1.33 11.22 -5.21
CA SER B 30 1.32 12.02 -6.43
C SER B 30 1.33 11.06 -7.62
N ALA B 31 0.73 11.43 -8.75
CA ALA B 31 0.50 10.48 -9.85
C ALA B 31 1.78 9.77 -10.31
N GLU B 32 2.89 10.51 -10.47
CA GLU B 32 4.17 9.96 -10.90
C GLU B 32 4.92 9.24 -9.76
N ASP B 33 4.58 9.56 -8.51
CA ASP B 33 5.09 8.89 -7.33
C ASP B 33 4.38 7.52 -7.20
N LEU B 34 3.07 7.50 -7.46
CA LEU B 34 2.22 6.33 -7.59
C LEU B 34 2.69 5.44 -8.74
N ARG B 35 3.12 6.07 -9.82
CA ARG B 35 3.70 5.48 -11.02
C ARG B 35 5.04 4.86 -10.65
N THR B 36 5.87 5.56 -9.90
CA THR B 36 7.12 5.03 -9.39
C THR B 36 6.83 3.78 -8.55
N LEU B 37 5.88 3.87 -7.61
CA LEU B 37 5.35 2.74 -6.86
C LEU B 37 4.80 1.63 -7.80
N GLN B 38 4.17 1.98 -8.91
CA GLN B 38 3.66 1.03 -9.89
C GLN B 38 4.83 0.32 -10.59
N GLN B 39 5.99 0.97 -10.75
CA GLN B 39 7.18 0.31 -11.26
C GLN B 39 7.73 -0.64 -10.20
N LEU B 40 7.65 -0.29 -8.90
CA LEU B 40 7.93 -1.21 -7.80
C LEU B 40 6.95 -2.41 -7.83
N PHE B 41 5.71 -2.21 -8.28
CA PHE B 41 4.71 -3.26 -8.51
C PHE B 41 5.17 -4.20 -9.63
N LEU B 42 5.61 -3.62 -10.75
CA LEU B 42 6.17 -4.36 -11.88
C LEU B 42 7.47 -5.08 -11.54
N SER B 43 8.25 -4.55 -10.59
CA SER B 43 9.40 -5.18 -9.95
C SER B 43 8.96 -6.43 -9.18
N THR B 44 8.37 -6.26 -7.99
CA THR B 44 7.82 -7.34 -7.19
C THR B 44 6.51 -7.02 -6.46
N LEU B 45 6.29 -5.74 -6.18
CA LEU B 45 5.36 -5.29 -5.14
C LEU B 45 3.93 -5.73 -5.39
N SER B 46 3.52 -6.78 -4.70
CA SER B 46 2.21 -7.34 -4.78
C SER B 46 1.51 -6.98 -3.47
N PHE B 47 0.19 -6.89 -3.51
CA PHE B 47 -0.60 -6.28 -2.46
C PHE B 47 -1.50 -7.31 -1.78
N VAL B 48 -1.78 -6.98 -0.54
CA VAL B 48 -2.19 -7.86 0.53
C VAL B 48 -3.25 -7.06 1.31
N CYS B 49 -4.52 -7.35 1.08
CA CYS B 49 -5.62 -6.72 1.81
C CYS B 49 -5.54 -7.06 3.31
N PRO B 50 -6.20 -6.30 4.21
CA PRO B 50 -6.10 -6.53 5.65
C PRO B 50 -6.42 -7.96 6.12
N TRP B 51 -7.20 -8.72 5.34
CA TRP B 51 -7.45 -10.14 5.58
C TRP B 51 -6.15 -10.95 5.52
N CYS B 52 -5.51 -11.04 4.35
CA CYS B 52 -4.21 -11.71 4.21
C CYS B 52 -3.10 -11.00 4.99
N ALA B 53 -3.28 -9.72 5.33
CA ALA B 53 -2.31 -9.13 6.23
C ALA B 53 -2.39 -9.82 7.59
N THR B 54 -3.61 -10.06 8.06
CA THR B 54 -3.92 -10.70 9.34
C THR B 54 -3.74 -12.23 9.30
N ASN B 55 -3.75 -12.89 8.13
CA ASN B 55 -3.77 -14.37 8.04
C ASN B 55 -2.56 -14.95 7.30
N GLN B 56 -1.80 -14.09 6.65
CA GLN B 56 -0.88 -14.43 5.56
C GLN B 56 -1.66 -15.08 4.40
ZN ZN C . -7.58 5.57 7.81
ZN ZN D . -5.63 -10.53 -0.42
N GLY A 1 -1.79 -21.15 -8.52
CA GLY A 1 -0.49 -21.06 -7.81
C GLY A 1 -0.65 -20.27 -6.53
N SER A 2 0.45 -19.83 -5.93
CA SER A 2 0.51 -18.92 -4.78
C SER A 2 1.96 -18.44 -4.66
N HIS A 3 2.21 -17.48 -3.76
CA HIS A 3 3.53 -17.06 -3.34
C HIS A 3 3.48 -16.89 -1.82
N MET A 4 4.51 -17.37 -1.11
CA MET A 4 4.65 -17.28 0.34
C MET A 4 6.03 -17.81 0.73
N ALA A 5 6.35 -17.76 2.04
CA ALA A 5 7.56 -18.30 2.66
C ALA A 5 8.85 -17.72 2.05
N GLU A 6 8.78 -16.48 1.58
CA GLU A 6 9.84 -15.75 0.88
C GLU A 6 9.92 -14.33 1.48
N PRO A 7 11.07 -13.63 1.30
CA PRO A 7 11.24 -12.24 1.74
C PRO A 7 10.45 -11.32 0.82
N GLN A 8 9.13 -11.26 1.02
CA GLN A 8 8.22 -10.46 0.22
C GLN A 8 7.14 -9.88 1.14
N ARG A 9 6.26 -10.71 1.73
CA ARG A 9 5.20 -10.30 2.66
C ARG A 9 5.80 -9.52 3.85
N HIS A 10 5.87 -8.19 3.75
CA HIS A 10 6.55 -7.32 4.69
C HIS A 10 5.58 -6.26 5.20
N LYS A 11 5.89 -5.67 6.36
CA LYS A 11 4.89 -5.02 7.20
C LYS A 11 5.41 -3.68 7.70
N ILE A 12 5.09 -2.60 6.98
CA ILE A 12 5.43 -1.26 7.41
C ILE A 12 4.32 -0.79 8.37
N LEU A 13 4.54 -0.91 9.67
CA LEU A 13 3.63 -0.35 10.66
C LEU A 13 3.68 1.17 10.53
N CYS A 14 2.56 1.75 10.09
CA CYS A 14 2.39 3.19 9.96
C CYS A 14 1.08 3.64 10.63
N VAL A 15 0.64 4.86 10.33
CA VAL A 15 -0.70 5.34 10.64
C VAL A 15 -1.38 5.77 9.34
N CYS A 16 -2.72 5.72 9.35
CA CYS A 16 -3.55 6.28 8.31
C CYS A 16 -3.48 7.80 8.41
N CYS A 17 -3.03 8.45 7.34
CA CYS A 17 -2.83 9.90 7.29
C CYS A 17 -4.07 10.68 7.74
N LYS A 18 -5.27 10.19 7.42
CA LYS A 18 -6.53 10.91 7.59
C LYS A 18 -7.39 10.38 8.73
N CYS A 19 -7.02 9.23 9.33
CA CYS A 19 -7.66 8.71 10.53
C CYS A 19 -6.79 8.93 11.78
N ASP A 20 -5.48 9.12 11.60
CA ASP A 20 -4.44 8.94 12.60
C ASP A 20 -4.65 7.65 13.41
N GLY A 21 -4.91 6.55 12.70
CA GLY A 21 -5.09 5.23 13.25
C GLY A 21 -4.00 4.30 12.74
N ARG A 22 -3.59 3.35 13.57
CA ARG A 22 -2.49 2.42 13.36
C ARG A 22 -2.83 1.51 12.17
N ILE A 23 -1.96 1.44 11.17
CA ILE A 23 -2.04 0.44 10.12
C ILE A 23 -0.76 -0.40 10.16
N GLU A 24 -0.86 -1.67 9.79
CA GLU A 24 0.26 -2.59 9.67
C GLU A 24 0.37 -2.98 8.20
N LEU A 25 1.05 -2.11 7.46
CA LEU A 25 0.98 -2.04 6.01
C LEU A 25 1.64 -3.28 5.41
N THR A 26 0.85 -4.30 5.11
CA THR A 26 1.39 -5.55 4.62
C THR A 26 1.57 -5.44 3.10
N VAL A 27 2.70 -4.90 2.68
CA VAL A 27 3.04 -4.74 1.26
C VAL A 27 4.00 -5.89 0.95
N GLU A 28 3.81 -6.54 -0.19
CA GLU A 28 4.48 -7.80 -0.47
C GLU A 28 5.59 -7.40 -1.43
N SER A 29 6.80 -7.22 -0.90
CA SER A 29 7.83 -6.43 -1.55
C SER A 29 9.22 -6.84 -1.06
N SER A 30 10.16 -7.04 -1.97
CA SER A 30 11.54 -7.37 -1.64
C SER A 30 12.14 -6.25 -0.79
N ALA A 31 13.00 -6.56 0.19
CA ALA A 31 13.39 -5.60 1.22
C ALA A 31 13.92 -4.26 0.68
N GLU A 32 14.72 -4.28 -0.40
CA GLU A 32 15.30 -3.06 -0.99
C GLU A 32 14.31 -2.35 -1.92
N ASP A 33 13.32 -3.07 -2.43
CA ASP A 33 12.24 -2.59 -3.27
C ASP A 33 11.19 -1.91 -2.37
N LEU A 34 10.92 -2.54 -1.22
CA LEU A 34 10.21 -1.97 -0.07
C LEU A 34 10.89 -0.69 0.39
N ARG A 35 12.21 -0.73 0.50
CA ARG A 35 13.04 0.40 0.90
C ARG A 35 12.91 1.50 -0.13
N THR A 36 12.95 1.17 -1.41
CA THR A 36 12.74 2.13 -2.49
C THR A 36 11.38 2.81 -2.31
N LEU A 37 10.31 2.04 -2.11
CA LEU A 37 8.98 2.59 -1.85
C LEU A 37 8.91 3.33 -0.50
N GLN A 38 9.76 3.00 0.48
CA GLN A 38 9.93 3.74 1.72
C GLN A 38 10.58 5.10 1.42
N GLN A 39 11.46 5.20 0.41
CA GLN A 39 11.95 6.49 -0.05
C GLN A 39 10.82 7.26 -0.74
N LEU A 40 9.89 6.59 -1.43
CA LEU A 40 8.67 7.23 -1.92
C LEU A 40 7.76 7.71 -0.76
N PHE A 41 7.81 7.04 0.40
CA PHE A 41 7.19 7.47 1.66
C PHE A 41 7.80 8.80 2.10
N LEU A 42 9.13 8.86 2.11
CA LEU A 42 9.90 10.04 2.47
C LEU A 42 9.79 11.16 1.42
N SER A 43 9.45 10.83 0.17
CA SER A 43 9.09 11.74 -0.92
C SER A 43 7.75 12.40 -0.59
N THR A 44 6.62 11.74 -0.88
CA THR A 44 5.29 12.28 -0.63
C THR A 44 4.26 11.29 -0.09
N LEU A 45 4.59 10.00 -0.10
CA LEU A 45 3.61 8.94 0.11
C LEU A 45 3.22 8.78 1.58
N SER A 46 1.99 9.18 1.93
CA SER A 46 1.28 8.73 3.10
C SER A 46 0.47 7.49 2.69
N PHE A 47 -0.20 6.88 3.66
CA PHE A 47 -1.04 5.70 3.46
C PHE A 47 -2.42 5.94 4.05
N VAL A 48 -3.41 5.33 3.40
CA VAL A 48 -4.82 5.56 3.58
C VAL A 48 -5.52 4.20 3.45
N CYS A 49 -5.78 3.54 4.59
CA CYS A 49 -6.34 2.18 4.70
C CYS A 49 -7.64 2.02 3.89
N PRO A 50 -7.96 0.84 3.33
CA PRO A 50 -9.13 0.68 2.45
C PRO A 50 -10.48 0.99 3.14
N TRP A 51 -10.54 0.85 4.47
CA TRP A 51 -11.65 1.31 5.29
C TRP A 51 -11.89 2.80 5.10
N CYS A 52 -10.87 3.64 5.27
CA CYS A 52 -11.02 5.08 5.05
C CYS A 52 -10.95 5.45 3.59
N ALA A 53 -10.41 4.57 2.75
CA ALA A 53 -10.54 4.80 1.33
C ALA A 53 -12.03 4.82 0.95
N THR A 54 -12.79 3.92 1.58
CA THR A 54 -14.23 3.78 1.46
C THR A 54 -14.97 4.93 2.18
N ASN A 55 -14.67 5.18 3.47
CA ASN A 55 -15.47 6.08 4.32
C ASN A 55 -15.05 7.55 4.24
N GLN A 56 -13.83 7.80 3.78
CA GLN A 56 -13.08 9.06 3.94
C GLN A 56 -12.89 9.39 5.42
N GLY B 1 -18.31 18.14 0.64
CA GLY B 1 -18.22 18.33 2.11
C GLY B 1 -16.76 18.44 2.48
N SER B 2 -16.39 19.39 3.35
CA SER B 2 -15.05 19.95 3.42
C SER B 2 -14.63 20.50 2.05
N HIS B 3 -13.32 20.64 1.81
CA HIS B 3 -12.73 20.88 0.49
C HIS B 3 -11.71 19.77 0.16
N MET B 4 -11.69 18.65 0.91
CA MET B 4 -10.75 17.55 0.70
C MET B 4 -10.91 16.95 -0.70
N ALA B 5 -9.93 17.23 -1.57
CA ALA B 5 -9.80 16.80 -2.96
C ALA B 5 -8.47 17.33 -3.45
N GLU B 6 -7.52 16.43 -3.70
CA GLU B 6 -6.11 16.77 -3.72
C GLU B 6 -5.34 15.62 -4.38
N PRO B 7 -4.24 15.92 -5.11
CA PRO B 7 -3.55 14.99 -5.99
C PRO B 7 -2.58 14.07 -5.21
N GLN B 8 -3.03 13.53 -4.08
CA GLN B 8 -2.27 12.60 -3.24
C GLN B 8 -3.11 11.36 -2.97
N ARG B 9 -4.24 11.47 -2.26
CA ARG B 9 -5.13 10.34 -1.92
C ARG B 9 -5.61 9.59 -3.16
N HIS B 10 -4.87 8.56 -3.57
CA HIS B 10 -5.00 7.88 -4.85
C HIS B 10 -5.19 6.38 -4.66
N LYS B 11 -5.54 5.67 -5.73
CA LYS B 11 -6.04 4.30 -5.67
C LYS B 11 -5.46 3.50 -6.84
N ILE B 12 -4.45 2.67 -6.54
CA ILE B 12 -3.89 1.71 -7.50
C ILE B 12 -4.68 0.42 -7.31
N LEU B 13 -5.64 0.12 -8.18
CA LEU B 13 -6.33 -1.16 -8.15
C LEU B 13 -5.35 -2.25 -8.54
N CYS B 14 -5.17 -3.18 -7.62
CA CYS B 14 -4.38 -4.39 -7.76
C CYS B 14 -5.23 -5.59 -7.30
N VAL B 15 -4.61 -6.77 -7.22
CA VAL B 15 -5.19 -7.96 -6.62
C VAL B 15 -4.21 -8.52 -5.60
N CYS B 16 -4.74 -9.27 -4.63
CA CYS B 16 -3.96 -9.85 -3.56
C CYS B 16 -3.11 -11.01 -4.07
N CYS B 17 -1.82 -11.00 -3.73
CA CYS B 17 -0.89 -12.00 -4.25
C CYS B 17 -1.26 -13.43 -3.85
N LYS B 18 -1.79 -13.61 -2.64
CA LYS B 18 -1.94 -14.94 -2.03
C LYS B 18 -3.39 -15.44 -2.04
N CYS B 19 -4.37 -14.57 -2.34
CA CYS B 19 -5.78 -14.92 -2.36
C CYS B 19 -6.56 -14.30 -3.53
N ASP B 20 -5.90 -13.57 -4.46
CA ASP B 20 -6.49 -12.96 -5.66
C ASP B 20 -7.67 -12.02 -5.39
N GLY B 21 -7.79 -11.50 -4.16
CA GLY B 21 -8.87 -10.59 -3.82
C GLY B 21 -8.61 -9.24 -4.46
N ARG B 22 -9.69 -8.53 -4.82
CA ARG B 22 -9.67 -7.19 -5.39
C ARG B 22 -9.18 -6.21 -4.33
N ILE B 23 -8.05 -5.52 -4.56
CA ILE B 23 -7.55 -4.52 -3.61
C ILE B 23 -7.36 -3.19 -4.33
N GLU B 24 -8.15 -2.21 -3.94
CA GLU B 24 -7.99 -0.83 -4.35
C GLU B 24 -6.91 -0.19 -3.46
N LEU B 25 -5.64 -0.33 -3.87
CA LEU B 25 -4.49 0.02 -3.05
C LEU B 25 -4.48 1.53 -2.88
N THR B 26 -4.99 1.98 -1.75
CA THR B 26 -5.19 3.38 -1.52
C THR B 26 -3.93 3.93 -0.86
N VAL B 27 -3.14 4.64 -1.65
CA VAL B 27 -1.84 5.19 -1.28
C VAL B 27 -1.98 6.69 -1.50
N GLU B 28 -1.43 7.50 -0.60
CA GLU B 28 -1.73 8.91 -0.54
C GLU B 28 -0.47 9.63 -1.00
N SER B 29 -0.25 9.70 -2.33
CA SER B 29 0.97 10.26 -2.88
C SER B 29 0.76 10.85 -4.26
N SER B 30 1.63 11.80 -4.60
CA SER B 30 1.69 12.53 -5.85
C SER B 30 1.66 11.55 -7.02
N ALA B 31 0.97 11.91 -8.11
CA ALA B 31 0.66 10.98 -9.19
C ALA B 31 1.91 10.25 -9.74
N GLU B 32 3.04 10.95 -9.87
CA GLU B 32 4.27 10.36 -10.40
C GLU B 32 5.05 9.55 -9.36
N ASP B 33 4.88 9.86 -8.09
CA ASP B 33 5.42 9.10 -6.96
C ASP B 33 4.65 7.78 -6.84
N LEU B 34 3.31 7.87 -6.98
CA LEU B 34 2.40 6.72 -7.14
C LEU B 34 2.82 5.87 -8.33
N ARG B 35 3.10 6.54 -9.43
CA ARG B 35 3.46 5.94 -10.72
C ARG B 35 4.76 5.20 -10.53
N THR B 36 5.74 5.81 -9.91
CA THR B 36 7.03 5.20 -9.64
C THR B 36 6.81 3.89 -8.84
N LEU B 37 5.98 3.93 -7.78
CA LEU B 37 5.65 2.72 -7.04
C LEU B 37 4.84 1.72 -7.89
N GLN B 38 4.01 2.18 -8.83
CA GLN B 38 3.32 1.32 -9.79
C GLN B 38 4.36 0.66 -10.70
N GLN B 39 5.48 1.33 -11.04
CA GLN B 39 6.55 0.73 -11.80
C GLN B 39 7.28 -0.31 -10.95
N LEU B 40 7.38 -0.12 -9.63
CA LEU B 40 7.83 -1.19 -8.73
C LEU B 40 6.91 -2.40 -8.84
N PHE B 41 5.58 -2.21 -8.81
CA PHE B 41 4.62 -3.31 -9.02
C PHE B 41 4.81 -3.96 -10.39
N LEU B 42 4.98 -3.16 -11.44
CA LEU B 42 5.22 -3.60 -12.82
C LEU B 42 6.52 -4.42 -12.90
N SER B 43 7.55 -4.03 -12.14
CA SER B 43 8.84 -4.71 -12.03
C SER B 43 8.72 -6.03 -11.26
N THR B 44 8.34 -5.92 -9.98
CA THR B 44 8.57 -6.90 -8.96
C THR B 44 7.46 -7.05 -7.92
N LEU B 45 6.81 -5.93 -7.56
CA LEU B 45 6.07 -5.80 -6.31
C LEU B 45 4.63 -6.34 -6.35
N SER B 46 4.11 -6.65 -5.16
CA SER B 46 2.77 -7.16 -4.93
C SER B 46 2.20 -6.56 -3.64
N PHE B 47 0.94 -6.88 -3.31
CA PHE B 47 0.29 -6.43 -2.10
C PHE B 47 -0.49 -7.60 -1.50
N VAL B 48 -0.70 -7.52 -0.19
CA VAL B 48 -1.29 -8.54 0.63
C VAL B 48 -2.26 -7.83 1.59
N CYS B 49 -3.56 -7.87 1.27
CA CYS B 49 -4.61 -7.07 1.93
C CYS B 49 -4.64 -7.36 3.43
N PRO B 50 -4.96 -6.39 4.32
CA PRO B 50 -4.84 -6.59 5.77
C PRO B 50 -5.68 -7.77 6.30
N TRP B 51 -6.80 -8.07 5.66
CA TRP B 51 -7.62 -9.26 5.92
C TRP B 51 -6.76 -10.53 5.77
N CYS B 52 -6.25 -10.79 4.57
CA CYS B 52 -5.47 -11.99 4.32
C CYS B 52 -4.14 -11.92 5.05
N ALA B 53 -3.61 -10.72 5.27
CA ALA B 53 -2.35 -10.55 5.96
C ALA B 53 -2.47 -11.05 7.40
N THR B 54 -3.63 -10.80 8.02
CA THR B 54 -3.99 -11.23 9.37
C THR B 54 -4.32 -12.73 9.38
N ASN B 55 -5.17 -13.21 8.46
CA ASN B 55 -5.62 -14.62 8.42
C ASN B 55 -4.50 -15.56 7.97
N GLN B 56 -3.55 -15.02 7.20
CA GLN B 56 -2.47 -15.71 6.52
C GLN B 56 -3.00 -16.77 5.56
ZN ZN C . -7.01 5.68 7.14
ZN ZN D . -4.81 -10.83 -0.10
N GLY A 1 6.76 -21.27 -2.37
CA GLY A 1 5.32 -21.54 -2.45
C GLY A 1 4.84 -22.18 -1.16
N SER A 2 4.88 -23.51 -1.07
CA SER A 2 4.75 -24.22 0.20
C SER A 2 5.82 -23.69 1.15
N HIS A 3 5.46 -23.42 2.41
CA HIS A 3 6.34 -22.79 3.41
C HIS A 3 7.03 -21.54 2.83
N MET A 4 6.23 -20.55 2.41
CA MET A 4 6.68 -19.25 1.90
C MET A 4 7.32 -18.36 2.99
N ALA A 5 8.46 -18.80 3.55
CA ALA A 5 9.41 -18.00 4.29
C ALA A 5 10.20 -17.07 3.35
N GLU A 6 9.56 -16.58 2.28
CA GLU A 6 10.18 -15.95 1.14
C GLU A 6 10.35 -14.44 1.41
N PRO A 7 11.43 -13.82 0.90
CA PRO A 7 11.86 -12.45 1.24
C PRO A 7 11.02 -11.39 0.51
N GLN A 8 9.69 -11.54 0.54
CA GLN A 8 8.73 -10.66 -0.09
C GLN A 8 7.64 -10.23 0.89
N ARG A 9 6.97 -11.15 1.62
CA ARG A 9 5.81 -10.84 2.47
C ARG A 9 6.20 -9.89 3.62
N HIS A 10 6.11 -8.58 3.40
CA HIS A 10 6.70 -7.57 4.27
C HIS A 10 5.63 -6.59 4.75
N LYS A 11 5.96 -5.81 5.78
CA LYS A 11 5.00 -5.05 6.58
C LYS A 11 5.58 -3.67 6.86
N ILE A 12 5.13 -2.67 6.11
CA ILE A 12 5.44 -1.27 6.37
C ILE A 12 4.40 -0.79 7.38
N LEU A 13 4.73 -0.81 8.67
CA LEU A 13 3.90 -0.17 9.67
C LEU A 13 3.89 1.32 9.38
N CYS A 14 2.70 1.82 9.05
CA CYS A 14 2.41 3.24 8.92
C CYS A 14 1.25 3.61 9.83
N VAL A 15 0.74 4.82 9.65
CA VAL A 15 -0.55 5.24 10.16
C VAL A 15 -1.43 5.63 8.97
N CYS A 16 -2.74 5.68 9.18
CA CYS A 16 -3.65 6.16 8.17
C CYS A 16 -3.40 7.65 7.97
N CYS A 17 -3.20 8.04 6.71
CA CYS A 17 -2.92 9.40 6.26
C CYS A 17 -3.90 10.43 6.84
N LYS A 18 -5.17 10.03 7.01
CA LYS A 18 -6.26 10.92 7.41
C LYS A 18 -6.94 10.54 8.73
N CYS A 19 -6.61 9.37 9.30
CA CYS A 19 -7.16 8.91 10.58
C CYS A 19 -6.10 8.77 11.67
N ASP A 20 -4.80 8.83 11.33
CA ASP A 20 -3.66 8.57 12.22
C ASP A 20 -3.74 7.21 12.93
N GLY A 21 -4.52 6.27 12.39
CA GLY A 21 -4.69 4.94 13.00
C GLY A 21 -3.59 4.01 12.53
N ARG A 22 -3.17 3.09 13.39
CA ARG A 22 -2.05 2.16 13.14
C ARG A 22 -2.44 1.23 11.99
N ILE A 23 -1.64 1.20 10.92
CA ILE A 23 -1.83 0.24 9.83
C ILE A 23 -0.51 -0.49 9.56
N GLU A 24 -0.56 -1.82 9.51
CA GLU A 24 0.59 -2.65 9.17
C GLU A 24 0.52 -3.01 7.69
N LEU A 25 1.05 -2.11 6.86
CA LEU A 25 0.85 -2.10 5.42
C LEU A 25 1.59 -3.27 4.82
N THR A 26 0.86 -4.33 4.54
CA THR A 26 1.47 -5.56 4.11
C THR A 26 1.55 -5.53 2.58
N VAL A 27 2.78 -5.47 2.07
CA VAL A 27 3.11 -5.47 0.65
C VAL A 27 4.03 -6.70 0.49
N GLU A 28 3.67 -7.67 -0.37
CA GLU A 28 4.61 -8.73 -0.69
C GLU A 28 5.53 -8.13 -1.76
N SER A 29 6.73 -7.69 -1.36
CA SER A 29 7.75 -7.21 -2.31
C SER A 29 9.12 -7.29 -1.66
N SER A 30 10.15 -7.39 -2.49
CA SER A 30 11.54 -7.47 -2.06
C SER A 30 11.88 -6.26 -1.16
N ALA A 31 12.74 -6.46 -0.16
CA ALA A 31 12.95 -5.47 0.90
C ALA A 31 13.29 -4.08 0.35
N GLU A 32 14.10 -4.00 -0.71
CA GLU A 32 14.57 -2.72 -1.19
C GLU A 32 13.70 -2.10 -2.28
N ASP A 33 12.84 -2.91 -2.87
CA ASP A 33 11.66 -2.45 -3.60
C ASP A 33 10.74 -1.73 -2.59
N LEU A 34 10.52 -2.35 -1.42
CA LEU A 34 9.77 -1.80 -0.29
C LEU A 34 10.40 -0.52 0.28
N ARG A 35 11.73 -0.48 0.27
CA ARG A 35 12.58 0.61 0.73
C ARG A 35 12.51 1.77 -0.25
N THR A 36 12.57 1.49 -1.55
CA THR A 36 12.35 2.50 -2.57
C THR A 36 10.97 3.14 -2.33
N LEU A 37 9.96 2.30 -2.12
CA LEU A 37 8.63 2.68 -1.68
C LEU A 37 8.64 3.45 -0.35
N GLN A 38 9.49 3.10 0.62
CA GLN A 38 9.67 3.86 1.85
C GLN A 38 10.20 5.26 1.56
N GLN A 39 11.05 5.42 0.53
CA GLN A 39 11.48 6.74 0.11
C GLN A 39 10.30 7.49 -0.54
N LEU A 40 9.39 6.77 -1.21
CA LEU A 40 8.12 7.35 -1.67
C LEU A 40 7.20 7.79 -0.52
N PHE A 41 7.23 7.13 0.65
CA PHE A 41 6.59 7.66 1.86
C PHE A 41 7.28 8.96 2.30
N LEU A 42 8.61 8.94 2.39
CA LEU A 42 9.40 10.11 2.79
C LEU A 42 9.25 11.28 1.80
N SER A 43 8.93 10.98 0.53
CA SER A 43 8.50 11.91 -0.50
C SER A 43 7.12 12.48 -0.16
N THR A 44 6.02 11.75 -0.43
CA THR A 44 4.65 12.19 -0.15
C THR A 44 3.70 11.13 0.41
N LEU A 45 4.02 9.86 0.23
CA LEU A 45 3.03 8.80 0.36
C LEU A 45 2.59 8.55 1.80
N SER A 46 1.30 8.23 1.97
CA SER A 46 0.77 7.54 3.13
C SER A 46 -0.48 6.77 2.69
N PHE A 47 -0.96 5.85 3.54
CA PHE A 47 -1.95 4.86 3.17
C PHE A 47 -3.27 5.19 3.86
N VAL A 48 -4.32 4.61 3.30
CA VAL A 48 -5.70 5.03 3.41
C VAL A 48 -6.46 3.71 3.55
N CYS A 49 -6.63 3.30 4.82
CA CYS A 49 -7.26 2.03 5.18
C CYS A 49 -8.63 1.93 4.49
N PRO A 50 -9.13 0.73 4.15
CA PRO A 50 -10.38 0.60 3.37
C PRO A 50 -11.58 1.31 4.02
N TRP A 51 -11.60 1.40 5.36
CA TRP A 51 -12.53 2.24 6.10
C TRP A 51 -12.42 3.71 5.65
N CYS A 52 -11.25 4.34 5.80
CA CYS A 52 -11.07 5.74 5.44
C CYS A 52 -11.18 5.95 3.94
N ALA A 53 -10.81 4.95 3.13
CA ALA A 53 -10.97 5.03 1.69
C ALA A 53 -12.46 5.10 1.32
N THR A 54 -13.30 4.38 2.07
CA THR A 54 -14.75 4.36 1.89
C THR A 54 -15.41 5.63 2.46
N ASN A 55 -15.02 6.06 3.66
CA ASN A 55 -15.65 7.17 4.39
C ASN A 55 -15.17 8.54 3.86
N GLN A 56 -13.85 8.64 3.69
CA GLN A 56 -13.07 9.84 3.41
C GLN A 56 -13.45 11.01 4.33
N GLY B 1 -13.71 16.65 6.33
CA GLY B 1 -13.60 17.83 7.20
C GLY B 1 -12.80 18.88 6.45
N SER B 2 -13.46 19.95 5.99
CA SER B 2 -13.25 20.47 4.63
C SER B 2 -13.46 19.33 3.60
N HIS B 3 -13.15 19.61 2.33
CA HIS B 3 -13.14 18.61 1.27
C HIS B 3 -11.90 18.85 0.40
N MET B 4 -10.81 18.18 0.77
CA MET B 4 -9.55 18.15 0.03
C MET B 4 -9.80 17.65 -1.39
N ALA B 5 -9.15 18.26 -2.39
CA ALA B 5 -9.34 18.00 -3.80
C ALA B 5 -8.03 17.89 -4.58
N GLU B 6 -6.95 17.65 -3.86
CA GLU B 6 -5.58 17.80 -4.35
C GLU B 6 -5.10 16.48 -5.00
N PRO B 7 -4.16 16.54 -5.97
CA PRO B 7 -3.67 15.37 -6.71
C PRO B 7 -2.67 14.55 -5.87
N GLN B 8 -3.14 14.07 -4.71
CA GLN B 8 -2.46 13.15 -3.83
C GLN B 8 -3.39 11.97 -3.52
N ARG B 9 -4.63 12.21 -3.06
CA ARG B 9 -5.60 11.16 -2.69
C ARG B 9 -5.89 10.25 -3.89
N HIS B 10 -5.16 9.13 -4.05
CA HIS B 10 -5.18 8.32 -5.27
C HIS B 10 -5.47 6.86 -4.95
N LYS B 11 -5.79 6.07 -5.99
CA LYS B 11 -6.29 4.70 -5.89
C LYS B 11 -5.61 3.84 -6.93
N ILE B 12 -4.68 2.99 -6.51
CA ILE B 12 -4.08 1.96 -7.34
C ILE B 12 -4.95 0.72 -7.18
N LEU B 13 -5.87 0.48 -8.10
CA LEU B 13 -6.58 -0.78 -8.16
C LEU B 13 -5.58 -1.88 -8.48
N CYS B 14 -5.40 -2.78 -7.52
CA CYS B 14 -4.65 -4.01 -7.68
C CYS B 14 -5.55 -5.20 -7.33
N VAL B 15 -4.94 -6.37 -7.22
CA VAL B 15 -5.53 -7.53 -6.58
C VAL B 15 -4.67 -7.91 -5.38
N CYS B 16 -5.23 -8.71 -4.48
CA CYS B 16 -4.46 -9.29 -3.40
C CYS B 16 -3.45 -10.27 -4.01
N CYS B 17 -2.18 -10.10 -3.64
CA CYS B 17 -1.04 -10.90 -4.06
C CYS B 17 -1.30 -12.40 -3.93
N LYS B 18 -2.03 -12.81 -2.88
CA LYS B 18 -2.24 -14.22 -2.54
C LYS B 18 -3.69 -14.67 -2.55
N CYS B 19 -4.66 -13.73 -2.68
CA CYS B 19 -6.08 -14.05 -2.75
C CYS B 19 -6.70 -13.71 -4.11
N ASP B 20 -5.98 -13.01 -4.98
CA ASP B 20 -6.45 -12.49 -6.28
C ASP B 20 -7.74 -11.65 -6.17
N GLY B 21 -8.05 -11.12 -4.98
CA GLY B 21 -9.26 -10.35 -4.76
C GLY B 21 -9.02 -8.89 -5.07
N ARG B 22 -10.04 -8.19 -5.57
CA ARG B 22 -9.96 -6.80 -6.03
C ARG B 22 -9.67 -5.90 -4.84
N ILE B 23 -8.57 -5.12 -4.89
CA ILE B 23 -8.28 -4.13 -3.85
C ILE B 23 -8.02 -2.78 -4.52
N GLU B 24 -8.75 -1.75 -4.10
CA GLU B 24 -8.57 -0.39 -4.55
C GLU B 24 -7.62 0.33 -3.59
N LEU B 25 -6.32 0.18 -3.85
CA LEU B 25 -5.25 0.55 -2.93
C LEU B 25 -5.17 2.06 -2.85
N THR B 26 -5.78 2.62 -1.81
CA THR B 26 -5.86 4.06 -1.68
C THR B 26 -4.57 4.50 -0.97
N VAL B 27 -3.72 5.22 -1.72
CA VAL B 27 -2.45 5.79 -1.25
C VAL B 27 -2.61 7.29 -1.54
N GLU B 28 -2.53 8.14 -0.50
CA GLU B 28 -2.53 9.59 -0.75
C GLU B 28 -1.06 9.91 -1.07
N SER B 29 -0.72 10.05 -2.36
CA SER B 29 0.60 10.46 -2.79
C SER B 29 0.52 11.03 -4.20
N SER B 30 1.48 11.90 -4.54
CA SER B 30 1.55 12.57 -5.82
C SER B 30 1.55 11.54 -6.96
N ALA B 31 0.95 11.89 -8.11
CA ALA B 31 0.68 10.91 -9.17
C ALA B 31 1.92 10.11 -9.58
N GLU B 32 3.08 10.76 -9.68
CA GLU B 32 4.26 10.08 -10.20
C GLU B 32 5.13 9.44 -9.12
N ASP B 33 4.90 9.83 -7.87
CA ASP B 33 5.31 9.08 -6.71
C ASP B 33 4.55 7.74 -6.73
N LEU B 34 3.23 7.79 -6.99
CA LEU B 34 2.35 6.63 -7.17
C LEU B 34 2.80 5.75 -8.35
N ARG B 35 3.24 6.40 -9.41
CA ARG B 35 3.71 5.83 -10.68
C ARG B 35 5.04 5.14 -10.46
N THR B 36 5.97 5.77 -9.74
CA THR B 36 7.23 5.15 -9.36
C THR B 36 6.90 3.86 -8.59
N LEU B 37 5.98 3.94 -7.63
CA LEU B 37 5.41 2.82 -6.91
C LEU B 37 4.74 1.80 -7.85
N GLN B 38 4.05 2.22 -8.91
CA GLN B 38 3.50 1.34 -9.94
C GLN B 38 4.62 0.58 -10.66
N GLN B 39 5.80 1.21 -10.85
CA GLN B 39 6.94 0.50 -11.39
C GLN B 39 7.48 -0.49 -10.35
N LEU B 40 7.36 -0.20 -9.05
CA LEU B 40 7.65 -1.17 -7.99
C LEU B 40 6.66 -2.35 -7.98
N PHE B 41 5.40 -2.17 -8.41
CA PHE B 41 4.51 -3.32 -8.70
C PHE B 41 5.06 -4.13 -9.86
N LEU B 42 5.41 -3.46 -10.96
CA LEU B 42 5.95 -4.10 -12.15
C LEU B 42 7.30 -4.79 -11.90
N SER B 43 8.06 -4.31 -10.92
CA SER B 43 9.24 -4.93 -10.30
C SER B 43 8.82 -6.22 -9.59
N THR B 44 8.25 -6.13 -8.39
CA THR B 44 7.84 -7.27 -7.58
C THR B 44 6.55 -7.11 -6.79
N LEU B 45 6.16 -5.88 -6.49
CA LEU B 45 5.20 -5.59 -5.44
C LEU B 45 3.78 -6.06 -5.76
N SER B 46 3.06 -6.50 -4.74
CA SER B 46 1.61 -6.58 -4.72
C SER B 46 1.16 -6.45 -3.27
N PHE B 47 -0.13 -6.19 -3.06
CA PHE B 47 -0.68 -5.81 -1.77
C PHE B 47 -1.44 -6.99 -1.18
N VAL B 48 -1.63 -6.91 0.13
CA VAL B 48 -1.92 -7.99 1.04
C VAL B 48 -2.95 -7.39 1.97
N CYS B 49 -4.23 -7.57 1.59
CA CYS B 49 -5.38 -7.01 2.29
C CYS B 49 -5.31 -7.42 3.76
N PRO B 50 -5.80 -6.61 4.73
CA PRO B 50 -5.57 -6.87 6.16
C PRO B 50 -6.03 -8.27 6.62
N TRP B 51 -7.05 -8.82 5.95
CA TRP B 51 -7.46 -10.22 6.04
C TRP B 51 -6.27 -11.15 5.75
N CYS B 52 -5.73 -11.14 4.52
CA CYS B 52 -4.62 -12.00 4.14
C CYS B 52 -3.32 -11.62 4.84
N ALA B 53 -3.16 -10.35 5.23
CA ALA B 53 -2.02 -9.94 6.01
C ALA B 53 -1.97 -10.74 7.31
N THR B 54 -3.13 -10.78 8.00
CA THR B 54 -3.33 -11.47 9.26
C THR B 54 -3.33 -13.00 9.07
N ASN B 55 -4.12 -13.52 8.12
CA ASN B 55 -4.42 -14.96 8.00
C ASN B 55 -3.41 -15.70 7.13
N GLN B 56 -2.57 -14.95 6.41
CA GLN B 56 -1.71 -15.41 5.32
C GLN B 56 -2.56 -15.87 4.12
ZN ZN C . -7.22 5.80 7.13
ZN ZN D . -4.92 -10.68 0.03
N GLY A 1 4.92 -30.69 9.09
CA GLY A 1 5.46 -30.68 7.72
C GLY A 1 6.33 -29.45 7.52
N SER A 2 7.05 -29.39 6.40
CA SER A 2 7.83 -28.22 6.00
C SER A 2 6.95 -27.01 5.73
N HIS A 3 7.56 -25.84 5.58
CA HIS A 3 6.97 -24.64 5.00
C HIS A 3 8.06 -23.97 4.16
N MET A 4 7.75 -22.80 3.59
CA MET A 4 8.70 -21.92 2.92
C MET A 4 8.56 -20.52 3.53
N ALA A 5 9.51 -19.63 3.24
CA ALA A 5 9.41 -18.20 3.41
C ALA A 5 10.29 -17.58 2.32
N GLU A 6 10.03 -16.32 1.96
CA GLU A 6 10.79 -15.58 0.96
C GLU A 6 10.91 -14.13 1.42
N PRO A 7 12.00 -13.40 1.09
CA PRO A 7 12.25 -12.03 1.51
C PRO A 7 11.41 -11.04 0.69
N GLN A 8 10.08 -11.24 0.66
CA GLN A 8 9.12 -10.43 -0.05
C GLN A 8 7.98 -10.04 0.86
N ARG A 9 7.30 -10.98 1.55
CA ARG A 9 6.12 -10.68 2.39
C ARG A 9 6.49 -9.71 3.52
N HIS A 10 6.31 -8.40 3.32
CA HIS A 10 6.83 -7.39 4.22
C HIS A 10 5.71 -6.44 4.65
N LYS A 11 5.98 -5.64 5.69
CA LYS A 11 4.97 -4.97 6.47
C LYS A 11 5.46 -3.58 6.84
N ILE A 12 5.09 -2.59 6.04
CA ILE A 12 5.36 -1.20 6.35
C ILE A 12 4.24 -0.73 7.28
N LEU A 13 4.45 -0.78 8.59
CA LEU A 13 3.57 -0.11 9.51
C LEU A 13 3.67 1.39 9.29
N CYS A 14 2.61 1.97 8.73
CA CYS A 14 2.44 3.40 8.61
C CYS A 14 1.22 3.85 9.41
N VAL A 15 0.83 5.12 9.26
CA VAL A 15 -0.39 5.67 9.80
C VAL A 15 -1.25 6.21 8.67
N CYS A 16 -2.55 6.27 8.91
CA CYS A 16 -3.52 6.71 7.93
C CYS A 16 -3.44 8.21 7.74
N CYS A 17 -3.38 8.63 6.48
CA CYS A 17 -3.16 10.03 6.11
C CYS A 17 -4.27 10.95 6.65
N LYS A 18 -5.53 10.47 6.70
CA LYS A 18 -6.68 11.31 7.06
C LYS A 18 -7.18 11.09 8.48
N CYS A 19 -6.83 9.98 9.15
CA CYS A 19 -7.33 9.63 10.45
C CYS A 19 -6.25 9.15 11.44
N ASP A 20 -4.97 9.17 11.05
CA ASP A 20 -3.79 8.79 11.86
C ASP A 20 -3.85 7.35 12.42
N GLY A 21 -4.75 6.52 11.89
CA GLY A 21 -4.92 5.16 12.39
C GLY A 21 -3.75 4.29 11.96
N ARG A 22 -3.38 3.33 12.80
CA ARG A 22 -2.30 2.37 12.57
C ARG A 22 -2.63 1.51 11.35
N ILE A 23 -1.83 1.60 10.28
CA ILE A 23 -2.01 0.75 9.11
C ILE A 23 -0.75 -0.09 8.91
N GLU A 24 -0.89 -1.40 9.11
CA GLU A 24 0.15 -2.38 8.88
C GLU A 24 0.14 -2.78 7.40
N LEU A 25 0.85 -1.99 6.59
CA LEU A 25 0.81 -2.11 5.15
C LEU A 25 1.58 -3.34 4.74
N THR A 26 0.86 -4.44 4.56
CA THR A 26 1.48 -5.67 4.13
C THR A 26 1.63 -5.56 2.60
N VAL A 27 2.87 -5.41 2.13
CA VAL A 27 3.25 -5.30 0.72
C VAL A 27 4.28 -6.43 0.52
N GLU A 28 3.99 -7.41 -0.36
CA GLU A 28 4.92 -8.50 -0.64
C GLU A 28 5.84 -7.98 -1.75
N SER A 29 7.08 -7.59 -1.39
CA SER A 29 8.11 -7.18 -2.35
C SER A 29 9.47 -7.18 -1.68
N SER A 30 10.53 -7.30 -2.48
CA SER A 30 11.91 -7.28 -2.04
C SER A 30 12.18 -6.05 -1.16
N ALA A 31 13.03 -6.20 -0.14
CA ALA A 31 13.22 -5.18 0.89
C ALA A 31 13.59 -3.83 0.29
N GLU A 32 14.46 -3.80 -0.71
CA GLU A 32 14.93 -2.57 -1.36
C GLU A 32 13.86 -1.90 -2.21
N ASP A 33 12.97 -2.69 -2.83
CA ASP A 33 11.82 -2.21 -3.57
C ASP A 33 10.84 -1.56 -2.59
N LEU A 34 10.56 -2.25 -1.48
CA LEU A 34 9.77 -1.75 -0.35
C LEU A 34 10.33 -0.44 0.21
N ARG A 35 11.65 -0.38 0.28
CA ARG A 35 12.44 0.71 0.85
C ARG A 35 12.41 1.88 -0.09
N THR A 36 12.56 1.64 -1.39
CA THR A 36 12.36 2.64 -2.43
C THR A 36 10.97 3.26 -2.25
N LEU A 37 9.94 2.41 -2.16
CA LEU A 37 8.58 2.78 -1.79
C LEU A 37 8.53 3.55 -0.44
N GLN A 38 9.33 3.18 0.56
CA GLN A 38 9.41 3.90 1.81
C GLN A 38 10.04 5.29 1.62
N GLN A 39 10.93 5.47 0.62
CA GLN A 39 11.45 6.78 0.28
C GLN A 39 10.33 7.61 -0.37
N LEU A 40 9.44 6.98 -1.17
CA LEU A 40 8.25 7.64 -1.68
C LEU A 40 7.33 8.10 -0.53
N PHE A 41 7.21 7.31 0.55
CA PHE A 41 6.53 7.73 1.78
C PHE A 41 7.22 8.96 2.38
N LEU A 42 8.53 8.86 2.59
CA LEU A 42 9.34 9.92 3.18
C LEU A 42 9.35 11.19 2.32
N SER A 43 9.14 11.05 1.00
CA SER A 43 8.97 12.12 0.03
C SER A 43 7.59 12.79 0.20
N THR A 44 6.51 12.08 -0.13
CA THR A 44 5.16 12.60 -0.17
C THR A 44 4.08 11.61 0.24
N LEU A 45 4.28 10.31 0.01
CA LEU A 45 3.20 9.35 0.01
C LEU A 45 2.67 9.12 1.43
N SER A 46 1.39 8.81 1.54
CA SER A 46 0.82 8.15 2.69
C SER A 46 -0.25 7.18 2.19
N PHE A 47 -0.78 6.34 3.08
CA PHE A 47 -1.83 5.39 2.75
C PHE A 47 -3.08 5.86 3.49
N VAL A 48 -4.23 5.44 2.98
CA VAL A 48 -5.51 5.75 3.56
C VAL A 48 -6.33 4.46 3.57
N CYS A 49 -6.50 3.88 4.78
CA CYS A 49 -6.98 2.52 5.02
C CYS A 49 -8.36 2.31 4.39
N PRO A 50 -8.69 1.11 3.89
CA PRO A 50 -9.93 0.88 3.14
C PRO A 50 -11.18 1.18 3.96
N TRP A 51 -11.11 1.00 5.28
CA TRP A 51 -12.12 1.43 6.24
C TRP A 51 -12.39 2.93 6.05
N CYS A 52 -11.41 3.77 6.37
CA CYS A 52 -11.59 5.20 6.33
C CYS A 52 -11.81 5.68 4.90
N ALA A 53 -11.24 4.98 3.90
CA ALA A 53 -11.40 5.38 2.52
C ALA A 53 -12.86 5.19 2.07
N THR A 54 -13.53 4.16 2.60
CA THR A 54 -14.94 3.88 2.38
C THR A 54 -15.83 4.81 3.21
N ASN A 55 -15.49 5.06 4.49
CA ASN A 55 -16.24 5.97 5.36
C ASN A 55 -16.13 7.42 4.88
N GLN A 56 -14.97 7.74 4.32
CA GLN A 56 -14.43 9.07 4.05
C GLN A 56 -14.46 9.95 5.30
N GLY B 1 -5.58 13.51 1.86
CA GLY B 1 -7.01 13.19 1.86
C GLY B 1 -7.76 14.33 2.53
N SER B 2 -8.54 15.10 1.77
CA SER B 2 -9.13 16.35 2.21
C SER B 2 -10.47 16.58 1.49
N HIS B 3 -11.20 17.62 1.94
CA HIS B 3 -12.28 18.23 1.17
C HIS B 3 -11.73 19.11 0.05
N MET B 4 -10.46 19.52 0.12
CA MET B 4 -9.76 20.08 -1.02
C MET B 4 -9.58 18.98 -2.07
N ALA B 5 -9.86 19.28 -3.34
CA ALA B 5 -9.61 18.39 -4.46
C ALA B 5 -8.09 18.32 -4.73
N GLU B 6 -7.38 17.66 -3.83
CA GLU B 6 -5.93 17.47 -3.90
C GLU B 6 -5.55 16.50 -5.03
N PRO B 7 -4.40 16.72 -5.67
CA PRO B 7 -3.79 15.79 -6.61
C PRO B 7 -2.92 14.76 -5.86
N GLN B 8 -3.41 14.23 -4.73
CA GLN B 8 -2.70 13.28 -3.87
C GLN B 8 -3.57 12.05 -3.62
N ARG B 9 -4.75 12.16 -2.96
CA ARG B 9 -5.67 11.05 -2.72
C ARG B 9 -5.97 10.26 -4.00
N HIS B 10 -5.26 9.15 -4.25
CA HIS B 10 -5.34 8.38 -5.48
C HIS B 10 -5.59 6.90 -5.17
N LYS B 11 -5.89 6.11 -6.21
CA LYS B 11 -6.42 4.75 -6.10
C LYS B 11 -5.71 3.86 -7.10
N ILE B 12 -4.68 3.12 -6.66
CA ILE B 12 -4.06 2.09 -7.47
C ILE B 12 -4.92 0.84 -7.30
N LEU B 13 -5.81 0.56 -8.24
CA LEU B 13 -6.45 -0.74 -8.31
C LEU B 13 -5.38 -1.78 -8.60
N CYS B 14 -5.09 -2.61 -7.60
CA CYS B 14 -4.25 -3.79 -7.70
C CYS B 14 -5.13 -5.01 -7.43
N VAL B 15 -4.50 -6.18 -7.32
CA VAL B 15 -5.13 -7.39 -6.79
C VAL B 15 -4.32 -7.86 -5.59
N CYS B 16 -4.96 -8.65 -4.72
CA CYS B 16 -4.26 -9.24 -3.61
C CYS B 16 -3.28 -10.28 -4.13
N CYS B 17 -2.01 -10.14 -3.74
CA CYS B 17 -0.90 -11.01 -4.08
C CYS B 17 -1.24 -12.50 -3.88
N LYS B 18 -2.02 -12.81 -2.83
CA LYS B 18 -2.27 -14.18 -2.40
C LYS B 18 -3.75 -14.58 -2.44
N CYS B 19 -4.68 -13.63 -2.68
CA CYS B 19 -6.10 -13.89 -2.82
C CYS B 19 -6.61 -13.64 -4.25
N ASP B 20 -5.80 -12.99 -5.10
CA ASP B 20 -6.16 -12.51 -6.45
C ASP B 20 -7.47 -11.70 -6.48
N GLY B 21 -7.81 -11.05 -5.36
CA GLY B 21 -9.03 -10.26 -5.24
C GLY B 21 -8.73 -8.79 -5.48
N ARG B 22 -9.69 -8.07 -6.04
CA ARG B 22 -9.60 -6.66 -6.43
C ARG B 22 -9.34 -5.81 -5.19
N ILE B 23 -8.22 -5.07 -5.14
CA ILE B 23 -7.97 -4.12 -4.07
C ILE B 23 -7.75 -2.73 -4.68
N GLU B 24 -8.62 -1.79 -4.32
CA GLU B 24 -8.48 -0.38 -4.64
C GLU B 24 -7.55 0.28 -3.62
N LEU B 25 -6.25 0.25 -3.92
CA LEU B 25 -5.22 0.73 -2.99
C LEU B 25 -5.29 2.25 -2.95
N THR B 26 -5.92 2.80 -1.91
CA THR B 26 -6.04 4.23 -1.76
C THR B 26 -4.74 4.74 -1.11
N VAL B 27 -3.83 5.24 -1.97
CA VAL B 27 -2.52 5.74 -1.61
C VAL B 27 -2.56 7.22 -1.98
N GLU B 28 -2.17 8.09 -1.07
CA GLU B 28 -2.33 9.52 -1.24
C GLU B 28 -0.95 10.07 -1.54
N SER B 29 -0.67 10.36 -2.81
CA SER B 29 0.60 10.95 -3.24
C SER B 29 0.46 11.47 -4.67
N SER B 30 1.35 12.36 -5.07
CA SER B 30 1.42 12.91 -6.42
C SER B 30 1.45 11.78 -7.45
N ALA B 31 0.79 11.99 -8.60
CA ALA B 31 0.55 10.93 -9.57
C ALA B 31 1.85 10.22 -9.99
N GLU B 32 2.92 10.97 -10.22
CA GLU B 32 4.21 10.42 -10.66
C GLU B 32 4.90 9.60 -9.56
N ASP B 33 4.70 9.95 -8.30
CA ASP B 33 5.22 9.24 -7.16
C ASP B 33 4.47 7.90 -7.02
N LEU B 34 3.13 7.96 -7.14
CA LEU B 34 2.23 6.80 -7.24
C LEU B 34 2.60 5.88 -8.40
N ARG B 35 3.05 6.47 -9.49
CA ARG B 35 3.39 5.85 -10.77
C ARG B 35 4.77 5.22 -10.69
N THR B 36 5.70 5.90 -10.04
CA THR B 36 6.98 5.30 -9.67
C THR B 36 6.71 4.03 -8.86
N LEU B 37 5.87 4.15 -7.83
CA LEU B 37 5.30 3.04 -7.06
C LEU B 37 4.57 2.03 -7.99
N GLN B 38 3.89 2.45 -9.06
CA GLN B 38 3.29 1.54 -10.02
C GLN B 38 4.35 0.79 -10.82
N GLN B 39 5.52 1.37 -11.06
CA GLN B 39 6.62 0.66 -11.69
C GLN B 39 7.17 -0.38 -10.71
N LEU B 40 7.19 -0.06 -9.41
CA LEU B 40 7.48 -1.07 -8.38
C LEU B 40 6.46 -2.22 -8.41
N PHE B 41 5.17 -1.93 -8.65
CA PHE B 41 4.12 -2.95 -8.84
C PHE B 41 4.42 -3.80 -10.07
N LEU B 42 4.76 -3.16 -11.18
CA LEU B 42 5.13 -3.83 -12.42
C LEU B 42 6.43 -4.62 -12.28
N SER B 43 7.31 -4.25 -11.33
CA SER B 43 8.54 -4.94 -10.98
C SER B 43 8.25 -6.19 -10.15
N THR B 44 7.84 -6.01 -8.88
CA THR B 44 7.63 -7.09 -7.91
C THR B 44 6.50 -6.80 -6.92
N LEU B 45 6.29 -5.53 -6.57
CA LEU B 45 5.44 -5.13 -5.47
C LEU B 45 4.04 -5.67 -5.69
N SER B 46 3.48 -6.28 -4.66
CA SER B 46 2.13 -6.80 -4.64
C SER B 46 1.54 -6.44 -3.27
N PHE B 47 0.22 -6.32 -3.18
CA PHE B 47 -0.45 -5.83 -1.98
C PHE B 47 -1.30 -6.95 -1.40
N VAL B 48 -1.54 -6.82 -0.10
CA VAL B 48 -1.93 -7.86 0.83
C VAL B 48 -2.95 -7.17 1.70
N CYS B 49 -4.21 -7.26 1.27
CA CYS B 49 -5.35 -6.60 1.92
C CYS B 49 -5.33 -6.92 3.42
N PRO B 50 -5.76 -6.02 4.32
CA PRO B 50 -5.66 -6.28 5.76
C PRO B 50 -6.35 -7.57 6.19
N TRP B 51 -7.39 -7.99 5.45
CA TRP B 51 -7.99 -9.30 5.55
C TRP B 51 -6.95 -10.42 5.33
N CYS B 52 -6.29 -10.45 4.17
CA CYS B 52 -5.32 -11.49 3.86
C CYS B 52 -4.10 -11.39 4.75
N ALA B 53 -3.72 -10.17 5.15
CA ALA B 53 -2.61 -9.95 6.05
C ALA B 53 -2.88 -10.62 7.41
N THR B 54 -4.12 -10.50 7.89
CA THR B 54 -4.58 -11.02 9.17
C THR B 54 -4.84 -12.54 9.09
N ASN B 55 -5.63 -12.99 8.11
CA ASN B 55 -6.05 -14.40 7.98
C ASN B 55 -4.90 -15.26 7.49
N GLN B 56 -4.26 -14.79 6.41
CA GLN B 56 -3.21 -15.46 5.63
C GLN B 56 -3.53 -16.94 5.41
ZN ZN C . -7.14 6.01 7.48
ZN ZN D . -4.97 -10.35 -0.15
N GLY A 1 6.28 -25.63 12.43
CA GLY A 1 6.61 -25.99 11.03
C GLY A 1 6.68 -24.73 10.19
N SER A 2 6.46 -24.86 8.87
CA SER A 2 6.34 -23.74 7.94
C SER A 2 5.45 -24.21 6.79
N HIS A 3 5.01 -23.25 5.97
CA HIS A 3 4.32 -23.47 4.70
C HIS A 3 5.16 -22.92 3.52
N MET A 4 6.41 -22.54 3.80
CA MET A 4 7.27 -21.63 3.03
C MET A 4 6.76 -20.19 3.19
N ALA A 5 7.69 -19.24 3.13
CA ALA A 5 7.47 -17.82 2.98
C ALA A 5 8.71 -17.28 2.26
N GLU A 6 8.64 -16.04 1.79
CA GLU A 6 9.71 -15.35 1.07
C GLU A 6 9.73 -13.88 1.55
N PRO A 7 10.84 -13.15 1.34
CA PRO A 7 10.94 -11.73 1.71
C PRO A 7 10.12 -10.88 0.72
N GLN A 8 8.80 -11.01 0.81
CA GLN A 8 7.82 -10.34 -0.03
C GLN A 8 6.80 -9.69 0.90
N ARG A 9 5.90 -10.48 1.52
CA ARG A 9 4.86 -10.03 2.44
C ARG A 9 5.48 -9.29 3.62
N HIS A 10 5.51 -7.95 3.56
CA HIS A 10 6.17 -7.10 4.54
C HIS A 10 5.17 -6.11 5.13
N LYS A 11 5.47 -5.62 6.34
CA LYS A 11 4.52 -4.96 7.22
C LYS A 11 5.14 -3.66 7.71
N ILE A 12 4.93 -2.57 6.97
CA ILE A 12 5.41 -1.25 7.38
C ILE A 12 4.35 -0.69 8.33
N LEU A 13 4.57 -0.75 9.63
CA LEU A 13 3.69 -0.13 10.60
C LEU A 13 3.80 1.38 10.47
N CYS A 14 2.70 1.99 10.04
CA CYS A 14 2.51 3.41 9.93
C CYS A 14 1.19 3.80 10.60
N VAL A 15 0.71 5.02 10.36
CA VAL A 15 -0.64 5.43 10.69
C VAL A 15 -1.36 5.87 9.42
N CYS A 16 -2.70 5.77 9.45
CA CYS A 16 -3.55 6.32 8.43
C CYS A 16 -3.52 7.84 8.51
N CYS A 17 -3.23 8.50 7.39
CA CYS A 17 -3.12 9.96 7.28
C CYS A 17 -4.35 10.69 7.85
N LYS A 18 -5.51 10.05 7.74
CA LYS A 18 -6.81 10.68 7.86
C LYS A 18 -7.73 10.02 8.89
N CYS A 19 -7.27 8.94 9.52
CA CYS A 19 -7.87 8.38 10.71
C CYS A 19 -6.99 8.61 11.95
N ASP A 20 -5.70 8.92 11.76
CA ASP A 20 -4.62 8.78 12.75
C ASP A 20 -4.77 7.50 13.57
N GLY A 21 -4.80 6.37 12.86
CA GLY A 21 -4.91 5.04 13.42
C GLY A 21 -3.85 4.13 12.82
N ARG A 22 -3.41 3.15 13.61
CA ARG A 22 -2.32 2.23 13.33
C ARG A 22 -2.66 1.41 12.08
N ILE A 23 -1.89 1.56 11.00
CA ILE A 23 -1.95 0.63 9.87
C ILE A 23 -0.63 -0.12 9.83
N GLU A 24 -0.70 -1.45 9.99
CA GLU A 24 0.37 -2.35 9.62
C GLU A 24 0.31 -2.54 8.10
N LEU A 25 0.99 -1.64 7.37
CA LEU A 25 0.91 -1.54 5.91
C LEU A 25 1.49 -2.80 5.32
N THR A 26 0.60 -3.75 4.98
CA THR A 26 1.03 -5.02 4.46
C THR A 26 1.16 -4.88 2.95
N VAL A 27 2.37 -4.62 2.49
CA VAL A 27 2.71 -4.51 1.07
C VAL A 27 3.64 -5.70 0.79
N GLU A 28 3.53 -6.30 -0.39
CA GLU A 28 4.19 -7.57 -0.66
C GLU A 28 5.32 -7.17 -1.61
N SER A 29 6.48 -6.82 -1.04
CA SER A 29 7.45 -6.00 -1.72
C SER A 29 8.86 -6.31 -1.23
N SER A 30 9.78 -6.58 -2.15
CA SER A 30 11.14 -7.02 -1.85
C SER A 30 11.83 -5.93 -1.05
N ALA A 31 12.63 -6.26 -0.04
CA ALA A 31 13.00 -5.31 1.00
C ALA A 31 13.53 -3.97 0.49
N GLU A 32 14.30 -3.95 -0.61
CA GLU A 32 14.91 -2.73 -1.08
C GLU A 32 14.13 -2.04 -2.21
N ASP A 33 13.24 -2.80 -2.82
CA ASP A 33 12.18 -2.30 -3.66
C ASP A 33 11.14 -1.60 -2.75
N LEU A 34 10.87 -2.19 -1.58
CA LEU A 34 10.06 -1.62 -0.51
C LEU A 34 10.69 -0.36 0.04
N ARG A 35 12.01 -0.37 0.23
CA ARG A 35 12.85 0.78 0.60
C ARG A 35 12.71 1.88 -0.44
N THR A 36 12.76 1.52 -1.72
CA THR A 36 12.52 2.45 -2.82
C THR A 36 11.11 3.08 -2.67
N LEU A 37 10.10 2.24 -2.47
CA LEU A 37 8.75 2.66 -2.11
C LEU A 37 8.74 3.54 -0.83
N GLN A 38 9.59 3.26 0.16
CA GLN A 38 9.71 4.06 1.37
C GLN A 38 10.31 5.43 1.06
N GLN A 39 11.16 5.55 0.03
CA GLN A 39 11.62 6.84 -0.44
C GLN A 39 10.46 7.58 -1.11
N LEU A 40 9.57 6.88 -1.82
CA LEU A 40 8.32 7.47 -2.31
C LEU A 40 7.39 7.90 -1.16
N PHE A 41 7.47 7.25 0.01
CA PHE A 41 6.83 7.67 1.25
C PHE A 41 7.41 8.99 1.74
N LEU A 42 8.74 9.09 1.76
CA LEU A 42 9.47 10.30 2.13
C LEU A 42 9.29 11.44 1.11
N SER A 43 9.00 11.10 -0.16
CA SER A 43 8.61 12.00 -1.23
C SER A 43 7.25 12.62 -0.89
N THR A 44 6.13 11.91 -1.16
CA THR A 44 4.79 12.40 -0.85
C THR A 44 3.82 11.38 -0.29
N LEU A 45 4.13 10.09 -0.40
CA LEU A 45 3.15 9.03 -0.17
C LEU A 45 2.78 8.87 1.31
N SER A 46 1.59 9.32 1.69
CA SER A 46 0.90 8.89 2.88
C SER A 46 0.02 7.69 2.50
N PHE A 47 -0.60 7.05 3.49
CA PHE A 47 -1.41 5.87 3.30
C PHE A 47 -2.80 6.04 3.92
N VAL A 48 -3.74 5.36 3.27
CA VAL A 48 -5.16 5.53 3.35
C VAL A 48 -5.81 4.14 3.26
N CYS A 49 -6.04 3.51 4.44
CA CYS A 49 -6.63 2.17 4.57
C CYS A 49 -8.02 2.08 3.92
N PRO A 50 -8.52 0.87 3.56
CA PRO A 50 -9.77 0.74 2.81
C PRO A 50 -11.01 1.37 3.49
N TRP A 51 -11.03 1.47 4.83
CA TRP A 51 -12.07 2.13 5.60
C TRP A 51 -12.18 3.60 5.18
N CYS A 52 -11.16 4.42 5.45
CA CYS A 52 -11.16 5.80 5.03
C CYS A 52 -11.10 5.94 3.53
N ALA A 53 -10.56 4.95 2.82
CA ALA A 53 -10.58 5.03 1.39
C ALA A 53 -12.04 5.03 0.88
N THR A 54 -12.90 4.31 1.58
CA THR A 54 -14.34 4.29 1.37
C THR A 54 -15.00 5.56 1.94
N ASN A 55 -14.69 5.95 3.19
CA ASN A 55 -15.39 7.04 3.89
C ASN A 55 -15.03 8.42 3.35
N GLN A 56 -13.72 8.65 3.17
CA GLN A 56 -12.93 9.82 2.75
C GLN A 56 -11.90 10.18 3.82
N GLY B 1 -11.24 11.58 6.77
CA GLY B 1 -11.60 12.86 6.14
C GLY B 1 -10.45 13.38 5.29
N SER B 2 -10.70 14.34 4.41
CA SER B 2 -9.65 15.02 3.65
C SER B 2 -9.73 16.52 3.92
N HIS B 3 -8.75 17.27 3.39
CA HIS B 3 -8.68 18.72 3.48
C HIS B 3 -9.57 19.31 2.37
N MET B 4 -9.50 18.72 1.18
CA MET B 4 -10.38 18.96 0.04
C MET B 4 -10.36 17.71 -0.84
N ALA B 5 -10.81 17.79 -2.10
CA ALA B 5 -10.45 16.86 -3.14
C ALA B 5 -9.08 17.28 -3.64
N GLU B 6 -8.06 16.43 -3.44
CA GLU B 6 -6.67 16.83 -3.44
C GLU B 6 -5.81 15.78 -4.16
N PRO B 7 -4.74 16.19 -4.88
CA PRO B 7 -4.05 15.40 -5.90
C PRO B 7 -3.04 14.41 -5.29
N GLN B 8 -3.42 13.77 -4.18
CA GLN B 8 -2.64 12.76 -3.49
C GLN B 8 -3.50 11.51 -3.27
N ARG B 9 -4.67 11.61 -2.62
CA ARG B 9 -5.60 10.51 -2.36
C ARG B 9 -6.01 9.78 -3.64
N HIS B 10 -5.26 8.76 -4.03
CA HIS B 10 -5.32 8.09 -5.32
C HIS B 10 -5.49 6.59 -5.14
N LYS B 11 -5.81 5.87 -6.22
CA LYS B 11 -6.38 4.53 -6.17
C LYS B 11 -5.77 3.67 -7.28
N ILE B 12 -4.74 2.88 -6.94
CA ILE B 12 -4.15 1.91 -7.85
C ILE B 12 -4.95 0.62 -7.67
N LEU B 13 -5.90 0.32 -8.55
CA LEU B 13 -6.56 -0.97 -8.55
C LEU B 13 -5.54 -2.04 -8.92
N CYS B 14 -5.33 -2.96 -7.99
CA CYS B 14 -4.54 -4.16 -8.13
C CYS B 14 -5.42 -5.35 -7.70
N VAL B 15 -4.81 -6.54 -7.65
CA VAL B 15 -5.40 -7.72 -7.06
C VAL B 15 -4.45 -8.28 -6.01
N CYS B 16 -5.01 -8.99 -5.04
CA CYS B 16 -4.24 -9.56 -3.95
C CYS B 16 -3.41 -10.73 -4.45
N CYS B 17 -2.13 -10.75 -4.09
CA CYS B 17 -1.18 -11.72 -4.60
C CYS B 17 -1.60 -13.16 -4.27
N LYS B 18 -2.13 -13.39 -3.06
CA LYS B 18 -2.32 -14.74 -2.54
C LYS B 18 -3.77 -15.23 -2.69
N CYS B 19 -4.73 -14.33 -2.95
CA CYS B 19 -6.14 -14.65 -2.98
C CYS B 19 -6.90 -14.01 -4.16
N ASP B 20 -6.21 -13.29 -5.06
CA ASP B 20 -6.75 -12.64 -6.26
C ASP B 20 -7.93 -11.68 -5.97
N GLY B 21 -8.06 -11.22 -4.72
CA GLY B 21 -9.14 -10.31 -4.37
C GLY B 21 -8.88 -8.94 -4.97
N ARG B 22 -9.95 -8.25 -5.35
CA ARG B 22 -9.92 -6.90 -5.91
C ARG B 22 -9.45 -5.93 -4.82
N ILE B 23 -8.29 -5.27 -5.01
CA ILE B 23 -7.82 -4.27 -4.05
C ILE B 23 -7.62 -2.95 -4.78
N GLU B 24 -8.47 -1.97 -4.45
CA GLU B 24 -8.28 -0.58 -4.82
C GLU B 24 -7.23 0.02 -3.87
N LEU B 25 -5.95 -0.12 -4.25
CA LEU B 25 -4.82 0.26 -3.40
C LEU B 25 -4.86 1.77 -3.27
N THR B 26 -5.44 2.24 -2.18
CA THR B 26 -5.65 3.64 -1.97
C THR B 26 -4.41 4.17 -1.28
N VAL B 27 -3.56 4.82 -2.08
CA VAL B 27 -2.27 5.34 -1.64
C VAL B 27 -2.34 6.83 -1.90
N GLU B 28 -1.79 7.63 -1.00
CA GLU B 28 -2.13 9.03 -0.92
C GLU B 28 -0.86 9.77 -1.34
N SER B 29 -0.63 9.86 -2.65
CA SER B 29 0.61 10.43 -3.19
C SER B 29 0.40 11.04 -4.56
N SER B 30 1.28 11.98 -4.89
CA SER B 30 1.32 12.72 -6.14
C SER B 30 1.33 11.74 -7.31
N ALA B 31 0.66 12.10 -8.41
CA ALA B 31 0.35 11.15 -9.47
C ALA B 31 1.57 10.40 -10.01
N GLU B 32 2.74 11.04 -10.08
CA GLU B 32 3.91 10.40 -10.66
C GLU B 32 4.84 9.74 -9.63
N ASP B 33 4.66 10.09 -8.36
CA ASP B 33 5.16 9.32 -7.24
C ASP B 33 4.40 7.99 -7.17
N LEU B 34 3.07 8.06 -7.38
CA LEU B 34 2.18 6.90 -7.51
C LEU B 34 2.60 6.05 -8.71
N ARG B 35 2.87 6.72 -9.82
CA ARG B 35 3.29 6.14 -11.09
C ARG B 35 4.59 5.41 -10.88
N THR B 36 5.55 6.03 -10.22
CA THR B 36 6.83 5.41 -9.94
C THR B 36 6.60 4.12 -9.15
N LEU B 37 5.77 4.13 -8.10
CA LEU B 37 5.46 2.89 -7.38
C LEU B 37 4.65 1.90 -8.24
N GLN B 38 3.84 2.37 -9.19
CA GLN B 38 3.16 1.52 -10.16
C GLN B 38 4.23 0.85 -11.05
N GLN B 39 5.32 1.54 -11.38
CA GLN B 39 6.42 0.95 -12.15
C GLN B 39 7.12 -0.12 -11.30
N LEU B 40 7.25 0.08 -9.99
CA LEU B 40 7.72 -0.97 -9.09
C LEU B 40 6.78 -2.19 -9.18
N PHE B 41 5.44 -1.98 -9.16
CA PHE B 41 4.48 -3.08 -9.29
C PHE B 41 4.62 -3.79 -10.65
N LEU B 42 4.79 -3.01 -11.73
CA LEU B 42 5.01 -3.54 -13.06
C LEU B 42 6.34 -4.30 -13.16
N SER B 43 7.35 -3.92 -12.37
CA SER B 43 8.67 -4.54 -12.34
C SER B 43 8.65 -5.84 -11.52
N THR B 44 8.23 -5.74 -10.25
CA THR B 44 8.54 -6.67 -9.18
C THR B 44 7.45 -6.80 -8.10
N LEU B 45 6.69 -5.74 -7.83
CA LEU B 45 5.95 -5.58 -6.57
C LEU B 45 4.51 -6.09 -6.60
N SER B 46 3.98 -6.43 -5.42
CA SER B 46 2.64 -6.94 -5.21
C SER B 46 2.04 -6.34 -3.91
N PHE B 47 0.78 -6.67 -3.62
CA PHE B 47 0.09 -6.22 -2.42
C PHE B 47 -0.71 -7.38 -1.84
N VAL B 48 -0.96 -7.30 -0.53
CA VAL B 48 -1.59 -8.32 0.27
C VAL B 48 -2.56 -7.61 1.24
N CYS B 49 -3.87 -7.65 0.93
CA CYS B 49 -4.93 -6.92 1.62
C CYS B 49 -4.98 -7.32 3.11
N PRO B 50 -5.34 -6.40 4.04
CA PRO B 50 -5.23 -6.65 5.48
C PRO B 50 -6.04 -7.87 5.96
N TRP B 51 -7.18 -8.14 5.30
CA TRP B 51 -8.00 -9.33 5.56
C TRP B 51 -7.15 -10.59 5.32
N CYS B 52 -6.64 -10.76 4.10
CA CYS B 52 -5.88 -11.94 3.76
C CYS B 52 -4.53 -11.94 4.50
N ALA B 53 -3.99 -10.75 4.80
CA ALA B 53 -2.74 -10.61 5.50
C ALA B 53 -2.85 -11.14 6.93
N THR B 54 -4.05 -10.98 7.53
CA THR B 54 -4.41 -11.49 8.84
C THR B 54 -4.64 -13.02 8.75
N ASN B 55 -5.40 -13.49 7.76
CA ASN B 55 -5.77 -14.91 7.62
C ASN B 55 -4.56 -15.77 7.25
N GLN B 56 -3.78 -15.30 6.28
CA GLN B 56 -2.50 -15.80 5.77
C GLN B 56 -2.42 -17.33 5.69
ZN ZN C . -7.00 5.55 7.30
ZN ZN D . -5.15 -10.62 -0.53
N GLY A 1 4.35 -21.57 12.09
CA GLY A 1 3.52 -22.08 13.19
C GLY A 1 3.08 -20.91 14.06
N SER A 2 3.52 -20.85 15.32
CA SER A 2 3.36 -19.69 16.21
C SER A 2 4.28 -18.51 15.81
N HIS A 3 4.44 -18.31 14.50
CA HIS A 3 5.47 -17.54 13.81
C HIS A 3 5.21 -17.72 12.31
N MET A 4 5.62 -16.74 11.50
CA MET A 4 5.50 -16.77 10.06
C MET A 4 6.56 -15.84 9.47
N ALA A 5 7.03 -16.13 8.26
CA ALA A 5 7.76 -15.22 7.40
C ALA A 5 7.53 -15.66 5.95
N GLU A 6 7.61 -14.73 5.01
CA GLU A 6 7.70 -14.98 3.58
C GLU A 6 8.64 -13.92 3.00
N PRO A 7 9.27 -14.16 1.85
CA PRO A 7 9.79 -13.08 1.01
C PRO A 7 8.56 -12.38 0.42
N GLN A 8 8.75 -11.20 -0.16
CA GLN A 8 7.71 -10.39 -0.73
C GLN A 8 6.81 -9.84 0.39
N ARG A 9 5.99 -10.66 1.07
CA ARG A 9 5.00 -10.27 2.08
C ARG A 9 5.63 -9.55 3.29
N HIS A 10 5.79 -8.23 3.21
CA HIS A 10 6.49 -7.42 4.20
C HIS A 10 5.54 -6.36 4.77
N LYS A 11 5.89 -5.78 5.92
CA LYS A 11 4.96 -5.07 6.79
C LYS A 11 5.61 -3.79 7.29
N ILE A 12 5.34 -2.66 6.62
CA ILE A 12 5.79 -1.34 7.06
C ILE A 12 4.72 -0.81 8.01
N LEU A 13 4.94 -0.89 9.33
CA LEU A 13 4.06 -0.24 10.28
C LEU A 13 4.16 1.26 10.09
N CYS A 14 3.06 1.85 9.68
CA CYS A 14 2.85 3.26 9.46
C CYS A 14 1.53 3.67 10.12
N VAL A 15 1.04 4.86 9.79
CA VAL A 15 -0.32 5.28 10.10
C VAL A 15 -1.06 5.57 8.79
N CYS A 16 -2.39 5.52 8.86
CA CYS A 16 -3.23 6.01 7.78
C CYS A 16 -3.04 7.52 7.69
N CYS A 17 -2.81 8.01 6.47
CA CYS A 17 -2.56 9.41 6.15
C CYS A 17 -3.62 10.35 6.76
N LYS A 18 -4.89 9.91 6.82
CA LYS A 18 -6.01 10.74 7.23
C LYS A 18 -6.80 10.21 8.43
N CYS A 19 -6.63 8.94 8.82
CA CYS A 19 -7.18 8.44 10.08
C CYS A 19 -6.18 8.56 11.23
N ASP A 20 -4.88 8.73 10.92
CA ASP A 20 -3.78 8.65 11.88
C ASP A 20 -3.84 7.37 12.74
N GLY A 21 -4.33 6.28 12.13
CA GLY A 21 -4.50 4.99 12.79
C GLY A 21 -3.43 4.02 12.29
N ARG A 22 -3.00 3.13 13.18
CA ARG A 22 -1.91 2.18 12.97
C ARG A 22 -2.27 1.29 11.78
N ILE A 23 -1.51 1.40 10.68
CA ILE A 23 -1.59 0.42 9.60
C ILE A 23 -0.26 -0.31 9.55
N GLU A 24 -0.31 -1.63 9.69
CA GLU A 24 0.77 -2.51 9.32
C GLU A 24 0.72 -2.71 7.81
N LEU A 25 1.37 -1.79 7.06
CA LEU A 25 1.27 -1.69 5.60
C LEU A 25 1.85 -2.96 5.01
N THR A 26 0.97 -3.90 4.70
CA THR A 26 1.36 -5.23 4.26
C THR A 26 1.49 -5.17 2.74
N VAL A 27 2.67 -4.78 2.27
CA VAL A 27 2.98 -4.65 0.86
C VAL A 27 3.88 -5.84 0.54
N GLU A 28 3.73 -6.39 -0.66
CA GLU A 28 4.34 -7.65 -1.01
C GLU A 28 5.39 -7.21 -2.02
N SER A 29 6.66 -7.17 -1.61
CA SER A 29 7.66 -6.36 -2.28
C SER A 29 9.05 -6.90 -1.98
N SER A 30 10.01 -6.90 -2.92
CA SER A 30 11.38 -7.29 -2.57
C SER A 30 11.93 -6.21 -1.64
N ALA A 31 12.80 -6.56 -0.68
CA ALA A 31 13.09 -5.68 0.45
C ALA A 31 13.59 -4.28 0.06
N GLU A 32 14.33 -4.14 -1.05
CA GLU A 32 14.88 -2.87 -1.45
C GLU A 32 14.09 -2.17 -2.56
N ASP A 33 13.25 -2.93 -3.26
CA ASP A 33 12.17 -2.42 -4.07
C ASP A 33 11.16 -1.75 -3.11
N LEU A 34 10.90 -2.40 -1.95
CA LEU A 34 10.12 -1.88 -0.84
C LEU A 34 10.75 -0.62 -0.27
N ARG A 35 12.03 -0.71 0.05
CA ARG A 35 12.86 0.38 0.56
C ARG A 35 12.72 1.58 -0.36
N THR A 36 12.85 1.37 -1.67
CA THR A 36 12.71 2.44 -2.64
C THR A 36 11.31 3.07 -2.49
N LEU A 37 10.26 2.23 -2.48
CA LEU A 37 8.87 2.64 -2.16
C LEU A 37 8.81 3.44 -0.84
N GLN A 38 9.55 3.01 0.18
CA GLN A 38 9.58 3.62 1.50
C GLN A 38 10.28 4.98 1.43
N GLN A 39 11.28 5.16 0.55
CA GLN A 39 11.89 6.46 0.32
C GLN A 39 10.89 7.39 -0.38
N LEU A 40 10.01 6.87 -1.25
CA LEU A 40 8.87 7.65 -1.73
C LEU A 40 8.01 8.10 -0.55
N PHE A 41 7.64 7.19 0.35
CA PHE A 41 6.85 7.53 1.55
C PHE A 41 7.57 8.57 2.41
N LEU A 42 8.88 8.44 2.59
CA LEU A 42 9.72 9.39 3.29
C LEU A 42 9.72 10.76 2.60
N SER A 43 9.66 10.80 1.27
CA SER A 43 9.75 12.01 0.47
C SER A 43 8.39 12.72 0.31
N THR A 44 7.39 12.01 -0.19
CA THR A 44 6.20 12.53 -0.83
C THR A 44 4.91 11.79 -0.52
N LEU A 45 4.99 10.54 -0.05
CA LEU A 45 3.88 9.58 -0.14
C LEU A 45 3.29 9.11 1.19
N SER A 46 2.10 8.50 1.15
CA SER A 46 1.45 7.83 2.28
C SER A 46 0.39 6.84 1.79
N PHE A 47 -0.20 6.07 2.72
CA PHE A 47 -1.22 5.06 2.45
C PHE A 47 -2.50 5.46 3.17
N VAL A 48 -3.61 5.01 2.59
CA VAL A 48 -4.97 5.33 2.93
C VAL A 48 -5.74 4.00 2.92
N CYS A 49 -5.96 3.44 4.11
CA CYS A 49 -6.50 2.09 4.33
C CYS A 49 -7.89 1.92 3.68
N PRO A 50 -8.33 0.68 3.36
CA PRO A 50 -9.57 0.46 2.60
C PRO A 50 -10.83 1.04 3.28
N TRP A 51 -10.83 1.17 4.61
CA TRP A 51 -11.88 1.80 5.38
C TRP A 51 -12.04 3.26 4.93
N CYS A 52 -11.05 4.13 5.18
CA CYS A 52 -11.13 5.51 4.71
C CYS A 52 -11.12 5.58 3.19
N ALA A 53 -10.51 4.61 2.51
CA ALA A 53 -10.56 4.65 1.06
C ALA A 53 -12.01 4.58 0.58
N THR A 54 -12.86 3.85 1.32
CA THR A 54 -14.30 3.78 1.13
C THR A 54 -15.02 5.02 1.73
N ASN A 55 -14.69 5.44 2.97
CA ASN A 55 -15.49 6.40 3.76
C ASN A 55 -15.06 7.86 3.61
N GLN A 56 -13.84 8.07 3.12
CA GLN A 56 -13.02 9.28 3.26
C GLN A 56 -12.80 9.53 4.77
N GLY B 1 -20.06 20.38 1.23
CA GLY B 1 -20.28 21.61 0.45
C GLY B 1 -19.07 21.81 -0.43
N SER B 2 -18.15 22.67 -0.01
CA SER B 2 -16.73 22.37 -0.15
C SER B 2 -16.42 21.04 0.55
N HIS B 3 -15.27 20.45 0.22
CA HIS B 3 -14.73 19.22 0.79
C HIS B 3 -13.22 19.24 0.53
N MET B 4 -12.46 18.31 1.13
CA MET B 4 -11.08 18.10 0.71
C MET B 4 -11.08 17.36 -0.63
N ALA B 5 -10.12 17.67 -1.49
CA ALA B 5 -9.68 16.83 -2.58
C ALA B 5 -8.31 17.31 -2.98
N GLU B 6 -7.52 16.39 -3.51
CA GLU B 6 -6.07 16.56 -3.57
C GLU B 6 -5.46 15.75 -4.72
N PRO B 7 -4.29 16.15 -5.26
CA PRO B 7 -3.60 15.47 -6.35
C PRO B 7 -2.79 14.29 -5.79
N GLN B 8 -3.41 13.53 -4.88
CA GLN B 8 -2.76 12.67 -3.92
C GLN B 8 -3.57 11.37 -3.82
N ARG B 9 -4.80 11.42 -3.31
CA ARG B 9 -5.65 10.26 -3.03
C ARG B 9 -5.96 9.44 -4.28
N HIS B 10 -5.08 8.49 -4.60
CA HIS B 10 -5.09 7.76 -5.85
C HIS B 10 -5.18 6.27 -5.59
N LYS B 11 -5.50 5.49 -6.64
CA LYS B 11 -6.06 4.16 -6.50
C LYS B 11 -5.49 3.24 -7.57
N ILE B 12 -4.45 2.47 -7.22
CA ILE B 12 -3.88 1.47 -8.13
C ILE B 12 -4.74 0.21 -7.98
N LEU B 13 -5.62 -0.10 -8.93
CA LEU B 13 -6.34 -1.35 -8.91
C LEU B 13 -5.35 -2.48 -9.15
N CYS B 14 -5.22 -3.35 -8.15
CA CYS B 14 -4.42 -4.56 -8.15
C CYS B 14 -5.32 -5.75 -7.79
N VAL B 15 -4.71 -6.93 -7.62
CA VAL B 15 -5.29 -8.03 -6.87
C VAL B 15 -4.42 -8.27 -5.64
N CYS B 16 -4.97 -8.96 -4.65
CA CYS B 16 -4.19 -9.61 -3.61
C CYS B 16 -3.36 -10.70 -4.27
N CYS B 17 -2.05 -10.69 -4.07
CA CYS B 17 -1.15 -11.66 -4.69
C CYS B 17 -1.49 -13.11 -4.32
N LYS B 18 -2.09 -13.35 -3.13
CA LYS B 18 -2.28 -14.67 -2.57
C LYS B 18 -3.74 -15.02 -2.25
N CYS B 19 -4.64 -14.03 -2.12
CA CYS B 19 -6.07 -14.29 -2.11
C CYS B 19 -6.67 -14.23 -3.52
N ASP B 20 -5.93 -13.67 -4.50
CA ASP B 20 -6.37 -13.38 -5.86
C ASP B 20 -7.78 -12.78 -5.89
N GLY B 21 -7.94 -11.68 -5.16
CA GLY B 21 -9.15 -10.87 -5.13
C GLY B 21 -8.79 -9.42 -5.42
N ARG B 22 -9.75 -8.67 -6.00
CA ARG B 22 -9.59 -7.30 -6.47
C ARG B 22 -9.32 -6.39 -5.28
N ILE B 23 -8.28 -5.56 -5.36
CA ILE B 23 -8.03 -4.51 -4.39
C ILE B 23 -7.83 -3.20 -5.14
N GLU B 24 -8.29 -2.09 -4.59
CA GLU B 24 -8.16 -0.77 -5.14
C GLU B 24 -7.19 0.01 -4.24
N LEU B 25 -5.90 -0.15 -4.56
CA LEU B 25 -4.80 0.17 -3.66
C LEU B 25 -4.74 1.68 -3.49
N THR B 26 -5.31 2.16 -2.40
CA THR B 26 -5.51 3.59 -2.21
C THR B 26 -4.26 4.17 -1.56
N VAL B 27 -3.35 4.65 -2.41
CA VAL B 27 -2.07 5.24 -2.03
C VAL B 27 -2.26 6.75 -2.25
N GLU B 28 -2.03 7.52 -1.20
CA GLU B 28 -2.18 8.97 -1.24
C GLU B 28 -0.81 9.45 -1.69
N SER B 29 -0.69 9.72 -2.99
CA SER B 29 0.57 9.75 -3.71
C SER B 29 0.49 10.67 -4.92
N SER B 30 1.53 11.47 -5.19
CA SER B 30 1.53 12.30 -6.40
C SER B 30 1.44 11.38 -7.61
N ALA B 31 0.69 11.76 -8.66
CA ALA B 31 0.31 10.84 -9.73
C ALA B 31 1.50 10.08 -10.33
N GLU B 32 2.65 10.75 -10.52
CA GLU B 32 3.79 10.12 -11.17
C GLU B 32 4.75 9.46 -10.18
N ASP B 33 4.57 9.73 -8.90
CA ASP B 33 5.19 9.04 -7.80
C ASP B 33 4.42 7.72 -7.57
N LEU B 34 3.09 7.76 -7.75
CA LEU B 34 2.24 6.57 -7.87
C LEU B 34 2.69 5.72 -9.05
N ARG B 35 2.92 6.39 -10.17
CA ARG B 35 3.41 5.79 -11.42
C ARG B 35 4.74 5.13 -11.13
N THR B 36 5.65 5.84 -10.48
CA THR B 36 6.96 5.32 -10.12
C THR B 36 6.79 4.04 -9.28
N LEU B 37 5.98 4.07 -8.21
CA LEU B 37 5.74 2.89 -7.40
C LEU B 37 5.00 1.79 -8.19
N GLN B 38 4.18 2.14 -9.19
CA GLN B 38 3.56 1.21 -10.12
C GLN B 38 4.65 0.58 -11.01
N GLN B 39 5.73 1.30 -11.36
CA GLN B 39 6.84 0.72 -12.08
C GLN B 39 7.58 -0.27 -11.17
N LEU B 40 7.65 0.00 -9.86
CA LEU B 40 8.08 -1.00 -8.88
C LEU B 40 7.16 -2.23 -8.92
N PHE B 41 5.83 -2.07 -9.03
CA PHE B 41 4.91 -3.20 -9.19
C PHE B 41 5.24 -3.98 -10.45
N LEU B 42 5.48 -3.28 -11.55
CA LEU B 42 5.92 -3.87 -12.80
C LEU B 42 7.32 -4.51 -12.71
N SER B 43 8.14 -4.13 -11.72
CA SER B 43 9.42 -4.73 -11.38
C SER B 43 9.22 -6.00 -10.53
N THR B 44 8.92 -5.88 -9.22
CA THR B 44 8.88 -6.99 -8.27
C THR B 44 7.78 -6.86 -7.20
N LEU B 45 6.99 -5.80 -7.26
CA LEU B 45 6.02 -5.44 -6.23
C LEU B 45 4.62 -6.01 -6.52
N SER B 46 3.90 -6.31 -5.45
CA SER B 46 2.56 -6.87 -5.35
C SER B 46 1.92 -6.31 -4.06
N PHE B 47 0.66 -6.66 -3.77
CA PHE B 47 0.00 -6.24 -2.54
C PHE B 47 -0.76 -7.40 -1.93
N VAL B 48 -0.99 -7.27 -0.62
CA VAL B 48 -1.51 -8.28 0.26
C VAL B 48 -2.49 -7.58 1.21
N CYS B 49 -3.80 -7.78 0.97
CA CYS B 49 -4.88 -7.10 1.70
C CYS B 49 -4.82 -7.34 3.21
N PRO B 50 -5.39 -6.44 4.04
CA PRO B 50 -5.39 -6.61 5.49
C PRO B 50 -6.04 -7.91 5.97
N TRP B 51 -6.93 -8.51 5.16
CA TRP B 51 -7.48 -9.84 5.36
C TRP B 51 -6.34 -10.87 5.46
N CYS B 52 -5.61 -11.13 4.37
CA CYS B 52 -4.48 -12.06 4.42
C CYS B 52 -3.35 -11.54 5.28
N ALA B 53 -3.24 -10.23 5.48
CA ALA B 53 -2.22 -9.76 6.39
C ALA B 53 -2.47 -10.32 7.79
N THR B 54 -3.75 -10.34 8.19
CA THR B 54 -4.24 -10.86 9.46
C THR B 54 -4.29 -12.40 9.47
N ASN B 55 -4.84 -13.02 8.41
CA ASN B 55 -5.07 -14.47 8.33
C ASN B 55 -3.80 -15.24 7.97
N GLN B 56 -3.19 -14.84 6.85
CA GLN B 56 -2.22 -15.45 5.94
C GLN B 56 -2.79 -15.38 4.52
ZN ZN C . -6.79 5.53 6.82
ZN ZN D . -4.94 -10.96 -0.25
N GLY A 1 3.77 -18.49 12.11
CA GLY A 1 4.24 -19.83 12.50
C GLY A 1 4.99 -20.41 11.32
N SER A 2 4.36 -21.31 10.58
CA SER A 2 4.51 -21.28 9.12
C SER A 2 3.81 -20.00 8.59
N HIS A 3 3.84 -19.81 7.26
CA HIS A 3 3.39 -18.62 6.55
C HIS A 3 3.84 -17.32 7.25
N MET A 4 5.14 -17.25 7.58
CA MET A 4 5.73 -16.16 8.31
C MET A 4 7.21 -16.05 7.93
N ALA A 5 7.75 -14.83 7.99
CA ALA A 5 9.18 -14.49 7.89
C ALA A 5 9.83 -14.78 6.53
N GLU A 6 9.04 -14.81 5.48
CA GLU A 6 9.51 -15.11 4.14
C GLU A 6 9.97 -13.83 3.42
N PRO A 7 10.79 -13.93 2.36
CA PRO A 7 11.07 -12.80 1.49
C PRO A 7 9.81 -12.39 0.72
N GLN A 8 9.90 -11.23 0.05
CA GLN A 8 8.86 -10.45 -0.56
C GLN A 8 7.78 -10.05 0.44
N ARG A 9 7.06 -10.98 1.10
CA ARG A 9 5.97 -10.70 2.03
C ARG A 9 6.42 -9.84 3.21
N HIS A 10 6.42 -8.52 3.03
CA HIS A 10 7.03 -7.57 3.94
C HIS A 10 5.96 -6.60 4.43
N LYS A 11 6.27 -5.85 5.50
CA LYS A 11 5.29 -5.12 6.29
C LYS A 11 5.81 -3.74 6.62
N ILE A 12 5.39 -2.74 5.83
CA ILE A 12 5.68 -1.35 6.09
C ILE A 12 4.62 -0.88 7.09
N LEU A 13 4.95 -0.88 8.37
CA LEU A 13 4.12 -0.25 9.37
C LEU A 13 4.08 1.25 9.09
N CYS A 14 2.91 1.72 8.70
CA CYS A 14 2.59 3.13 8.56
C CYS A 14 1.40 3.45 9.46
N VAL A 15 0.84 4.65 9.29
CA VAL A 15 -0.46 5.02 9.82
C VAL A 15 -1.35 5.42 8.65
N CYS A 16 -2.67 5.32 8.84
CA CYS A 16 -3.62 5.86 7.88
C CYS A 16 -3.49 7.39 7.89
N CYS A 17 -3.27 7.97 6.71
CA CYS A 17 -3.06 9.41 6.51
C CYS A 17 -4.13 10.27 7.21
N LYS A 18 -5.38 9.80 7.25
CA LYS A 18 -6.53 10.54 7.76
C LYS A 18 -7.18 9.95 9.01
N CYS A 19 -6.83 8.72 9.41
CA CYS A 19 -7.29 8.14 10.66
C CYS A 19 -6.21 8.14 11.75
N ASP A 20 -4.94 8.37 11.37
CA ASP A 20 -3.74 8.20 12.20
C ASP A 20 -3.70 6.83 12.89
N GLY A 21 -4.33 5.82 12.27
CA GLY A 21 -4.43 4.48 12.83
C GLY A 21 -3.34 3.60 12.25
N ARG A 22 -2.79 2.72 13.07
CA ARG A 22 -1.67 1.83 12.78
C ARG A 22 -2.06 0.89 11.65
N ILE A 23 -1.38 0.98 10.50
CA ILE A 23 -1.55 0.02 9.41
C ILE A 23 -0.22 -0.68 9.16
N GLU A 24 -0.21 -1.99 9.33
CA GLU A 24 0.92 -2.84 8.94
C GLU A 24 0.78 -3.18 7.46
N LEU A 25 1.31 -2.29 6.60
CA LEU A 25 1.11 -2.34 5.16
C LEU A 25 1.85 -3.54 4.60
N THR A 26 1.10 -4.62 4.41
CA THR A 26 1.66 -5.86 3.94
C THR A 26 1.76 -5.73 2.40
N VAL A 27 2.98 -5.60 1.89
CA VAL A 27 3.29 -5.52 0.46
C VAL A 27 4.31 -6.64 0.23
N GLU A 28 3.98 -7.59 -0.65
CA GLU A 28 4.93 -8.61 -1.08
C GLU A 28 5.85 -7.94 -2.11
N SER A 29 7.02 -7.44 -1.68
CA SER A 29 8.07 -6.99 -2.59
C SER A 29 9.43 -7.08 -1.92
N SER A 30 10.47 -7.13 -2.74
CA SER A 30 11.86 -7.22 -2.34
C SER A 30 12.21 -6.06 -1.39
N ALA A 31 13.14 -6.28 -0.46
CA ALA A 31 13.41 -5.30 0.61
C ALA A 31 13.75 -3.92 0.06
N GLU A 32 14.60 -3.85 -0.98
CA GLU A 32 15.05 -2.58 -1.52
C GLU A 32 14.04 -1.95 -2.49
N ASP A 33 13.14 -2.78 -3.04
CA ASP A 33 11.98 -2.33 -3.78
C ASP A 33 11.03 -1.63 -2.79
N LEU A 34 10.80 -2.27 -1.63
CA LEU A 34 10.05 -1.74 -0.48
C LEU A 34 10.68 -0.44 0.05
N ARG A 35 11.99 -0.38 0.01
CA ARG A 35 12.85 0.71 0.46
C ARG A 35 12.75 1.87 -0.51
N THR A 36 12.80 1.59 -1.81
CA THR A 36 12.55 2.61 -2.83
C THR A 36 11.17 3.21 -2.58
N LEU A 37 10.16 2.36 -2.35
CA LEU A 37 8.82 2.73 -1.92
C LEU A 37 8.82 3.51 -0.58
N GLN A 38 9.69 3.18 0.38
CA GLN A 38 9.86 3.96 1.60
C GLN A 38 10.40 5.36 1.27
N GLN A 39 11.22 5.50 0.23
CA GLN A 39 11.65 6.80 -0.23
C GLN A 39 10.47 7.54 -0.91
N LEU A 40 9.54 6.81 -1.54
CA LEU A 40 8.28 7.39 -2.02
C LEU A 40 7.38 7.89 -0.87
N PHE A 41 7.41 7.25 0.32
CA PHE A 41 6.79 7.81 1.52
C PHE A 41 7.48 9.12 1.91
N LEU A 42 8.82 9.11 1.95
CA LEU A 42 9.62 10.29 2.28
C LEU A 42 9.47 11.42 1.24
N SER A 43 9.12 11.07 0.00
CA SER A 43 8.68 11.96 -1.07
C SER A 43 7.31 12.56 -0.73
N THR A 44 6.21 11.84 -0.99
CA THR A 44 4.85 12.33 -0.76
C THR A 44 3.87 11.29 -0.20
N LEU A 45 4.21 10.01 -0.27
CA LEU A 45 3.24 8.95 -0.09
C LEU A 45 2.77 8.79 1.36
N SER A 46 1.50 8.46 1.52
CA SER A 46 0.97 7.85 2.73
C SER A 46 -0.17 6.91 2.30
N PHE A 47 -0.59 6.02 3.18
CA PHE A 47 -1.56 4.99 2.86
C PHE A 47 -2.86 5.31 3.56
N VAL A 48 -3.95 4.89 2.94
CA VAL A 48 -5.30 5.21 3.28
C VAL A 48 -6.12 3.93 3.13
N CYS A 49 -6.44 3.31 4.27
CA CYS A 49 -7.06 2.00 4.38
C CYS A 49 -8.38 1.98 3.61
N PRO A 50 -8.75 0.87 2.93
CA PRO A 50 -9.86 0.88 1.98
C PRO A 50 -11.20 1.28 2.62
N TRP A 51 -11.38 1.02 3.92
CA TRP A 51 -12.49 1.49 4.73
C TRP A 51 -12.59 3.02 4.68
N CYS A 52 -11.59 3.73 5.19
CA CYS A 52 -11.63 5.19 5.21
C CYS A 52 -11.57 5.74 3.79
N ALA A 53 -10.90 5.03 2.88
CA ALA A 53 -10.75 5.48 1.52
C ALA A 53 -12.10 5.56 0.81
N THR A 54 -12.97 4.59 1.11
CA THR A 54 -14.33 4.47 0.60
C THR A 54 -15.24 5.48 1.31
N ASN A 55 -15.18 5.56 2.65
CA ASN A 55 -16.06 6.42 3.44
C ASN A 55 -15.76 7.90 3.20
N GLN A 56 -14.48 8.26 3.31
CA GLN A 56 -13.90 9.59 3.14
C GLN A 56 -14.72 10.69 3.82
N GLY B 1 -7.79 20.69 1.78
CA GLY B 1 -7.90 19.97 3.07
C GLY B 1 -9.24 20.35 3.67
N SER B 2 -10.17 19.39 3.74
CA SER B 2 -11.55 19.58 3.29
C SER B 2 -11.59 19.92 1.79
N HIS B 3 -12.72 19.62 1.13
CA HIS B 3 -12.93 19.80 -0.32
C HIS B 3 -11.80 19.17 -1.17
N MET B 4 -11.08 18.21 -0.60
CA MET B 4 -9.75 17.79 -1.02
C MET B 4 -9.76 16.80 -2.18
N ALA B 5 -10.29 17.24 -3.32
CA ALA B 5 -10.09 16.66 -4.64
C ALA B 5 -8.65 16.88 -5.14
N GLU B 6 -7.66 16.65 -4.25
CA GLU B 6 -6.27 17.03 -4.43
C GLU B 6 -5.49 15.91 -5.15
N PRO B 7 -4.44 16.25 -5.93
CA PRO B 7 -3.72 15.33 -6.81
C PRO B 7 -2.75 14.40 -6.04
N GLN B 8 -3.21 13.87 -4.91
CA GLN B 8 -2.51 12.92 -4.06
C GLN B 8 -3.40 11.70 -3.81
N ARG B 9 -4.65 11.86 -3.34
CA ARG B 9 -5.55 10.74 -2.99
C ARG B 9 -5.81 9.87 -4.23
N HIS B 10 -5.01 8.82 -4.44
CA HIS B 10 -5.01 8.04 -5.66
C HIS B 10 -5.21 6.57 -5.32
N LYS B 11 -5.60 5.76 -6.32
CA LYS B 11 -6.20 4.45 -6.10
C LYS B 11 -5.61 3.47 -7.11
N ILE B 12 -4.60 2.71 -6.69
CA ILE B 12 -4.10 1.61 -7.49
C ILE B 12 -5.02 0.43 -7.20
N LEU B 13 -6.02 0.22 -8.05
CA LEU B 13 -6.77 -1.02 -8.02
C LEU B 13 -5.83 -2.16 -8.35
N CYS B 14 -5.57 -2.99 -7.34
CA CYS B 14 -4.85 -4.24 -7.47
C CYS B 14 -5.78 -5.37 -6.99
N VAL B 15 -5.21 -6.56 -6.89
CA VAL B 15 -5.82 -7.69 -6.23
C VAL B 15 -4.88 -8.17 -5.14
N CYS B 16 -5.43 -8.86 -4.14
CA CYS B 16 -4.65 -9.58 -3.15
C CYS B 16 -3.92 -10.69 -3.89
N CYS B 17 -2.59 -10.70 -3.80
CA CYS B 17 -1.72 -11.59 -4.57
C CYS B 17 -2.04 -13.09 -4.37
N LYS B 18 -2.75 -13.44 -3.30
CA LYS B 18 -2.98 -14.82 -2.88
C LYS B 18 -4.45 -15.22 -2.69
N CYS B 19 -5.39 -14.28 -2.51
CA CYS B 19 -6.81 -14.56 -2.50
C CYS B 19 -7.55 -13.91 -3.68
N ASP B 20 -6.85 -13.18 -4.56
CA ASP B 20 -7.37 -12.49 -5.74
C ASP B 20 -8.48 -11.49 -5.40
N GLY B 21 -8.54 -11.03 -4.15
CA GLY B 21 -9.60 -10.13 -3.72
C GLY B 21 -9.30 -8.72 -4.22
N ARG B 22 -10.35 -8.02 -4.64
CA ARG B 22 -10.30 -6.68 -5.22
C ARG B 22 -9.82 -5.68 -4.18
N ILE B 23 -8.67 -5.02 -4.39
CA ILE B 23 -8.17 -4.02 -3.45
C ILE B 23 -7.93 -2.71 -4.19
N GLU B 24 -8.72 -1.69 -3.87
CA GLU B 24 -8.52 -0.33 -4.34
C GLU B 24 -7.50 0.36 -3.45
N LEU B 25 -6.21 0.14 -3.75
CA LEU B 25 -5.09 0.54 -2.91
C LEU B 25 -5.01 2.05 -2.90
N THR B 26 -5.58 2.66 -1.87
CA THR B 26 -5.64 4.10 -1.81
C THR B 26 -4.36 4.58 -1.15
N VAL B 27 -3.43 5.02 -2.01
CA VAL B 27 -2.16 5.61 -1.63
C VAL B 27 -2.35 7.10 -1.92
N GLU B 28 -2.28 7.93 -0.89
CA GLU B 28 -2.37 9.36 -1.10
C GLU B 28 -0.94 9.79 -1.44
N SER B 29 -0.63 9.92 -2.74
CA SER B 29 0.66 10.39 -3.21
C SER B 29 0.53 10.94 -4.61
N SER B 30 1.47 11.82 -4.96
CA SER B 30 1.57 12.46 -6.26
C SER B 30 1.54 11.40 -7.37
N ALA B 31 0.90 11.71 -8.51
CA ALA B 31 0.61 10.71 -9.53
C ALA B 31 1.85 9.94 -9.99
N GLU B 32 3.01 10.61 -10.09
CA GLU B 32 4.20 9.97 -10.61
C GLU B 32 5.10 9.37 -9.53
N ASP B 33 4.86 9.75 -8.28
CA ASP B 33 5.32 9.03 -7.12
C ASP B 33 4.60 7.67 -7.11
N LEU B 34 3.28 7.67 -7.37
CA LEU B 34 2.45 6.47 -7.54
C LEU B 34 2.93 5.62 -8.72
N ARG B 35 3.29 6.28 -9.81
CA ARG B 35 3.78 5.70 -11.06
C ARG B 35 5.13 5.04 -10.80
N THR B 36 6.01 5.70 -10.07
CA THR B 36 7.28 5.11 -9.64
C THR B 36 6.99 3.83 -8.86
N LEU B 37 6.04 3.87 -7.93
CA LEU B 37 5.51 2.72 -7.20
C LEU B 37 4.89 1.66 -8.14
N GLN B 38 4.24 2.06 -9.23
CA GLN B 38 3.74 1.14 -10.26
C GLN B 38 4.92 0.48 -10.99
N GLN B 39 6.06 1.16 -11.14
CA GLN B 39 7.26 0.53 -11.66
C GLN B 39 7.83 -0.45 -10.62
N LEU B 40 7.65 -0.19 -9.33
CA LEU B 40 7.98 -1.14 -8.26
C LEU B 40 7.05 -2.37 -8.29
N PHE B 41 5.79 -2.24 -8.73
CA PHE B 41 4.94 -3.40 -9.06
C PHE B 41 5.55 -4.17 -10.22
N LEU B 42 5.90 -3.48 -11.31
CA LEU B 42 6.52 -4.09 -12.49
C LEU B 42 7.88 -4.73 -12.18
N SER B 43 8.59 -4.23 -11.15
CA SER B 43 9.75 -4.82 -10.52
C SER B 43 9.36 -6.11 -9.80
N THR B 44 8.85 -6.03 -8.55
CA THR B 44 8.49 -7.20 -7.75
C THR B 44 7.20 -7.09 -6.95
N LEU B 45 6.68 -5.87 -6.77
CA LEU B 45 5.65 -5.62 -5.77
C LEU B 45 4.31 -6.26 -6.13
N SER B 46 3.62 -6.75 -5.12
CA SER B 46 2.19 -7.02 -5.13
C SER B 46 1.66 -6.78 -3.71
N PHE B 47 0.34 -6.73 -3.55
CA PHE B 47 -0.28 -6.33 -2.30
C PHE B 47 -1.05 -7.52 -1.74
N VAL B 48 -1.25 -7.45 -0.44
CA VAL B 48 -1.94 -8.44 0.37
C VAL B 48 -2.87 -7.68 1.31
N CYS B 49 -4.18 -7.91 1.15
CA CYS B 49 -5.22 -7.21 1.90
C CYS B 49 -5.04 -7.44 3.40
N PRO B 50 -5.53 -6.55 4.29
CA PRO B 50 -5.41 -6.73 5.73
C PRO B 50 -6.06 -8.03 6.23
N TRP B 51 -7.07 -8.55 5.51
CA TRP B 51 -7.65 -9.85 5.78
C TRP B 51 -6.61 -10.97 5.61
N CYS B 52 -5.85 -10.98 4.50
CA CYS B 52 -4.77 -11.94 4.28
C CYS B 52 -3.54 -11.63 5.15
N ALA B 53 -3.30 -10.37 5.50
CA ALA B 53 -2.27 -10.05 6.48
C ALA B 53 -2.60 -10.67 7.85
N THR B 54 -3.90 -10.77 8.17
CA THR B 54 -4.40 -11.33 9.42
C THR B 54 -4.51 -12.86 9.36
N ASN B 55 -5.01 -13.44 8.27
CA ASN B 55 -5.46 -14.85 8.19
C ASN B 55 -4.72 -15.68 7.14
N GLN B 56 -4.05 -15.01 6.19
CA GLN B 56 -3.66 -15.51 4.89
C GLN B 56 -4.77 -16.34 4.22
ZN ZN C . -7.24 5.35 7.11
ZN ZN D . -5.67 -11.15 0.04
N GLY A 1 3.79 -21.14 19.20
CA GLY A 1 2.67 -21.64 18.40
C GLY A 1 3.00 -21.54 16.91
N SER A 2 1.98 -21.47 16.06
CA SER A 2 2.12 -21.25 14.63
C SER A 2 2.95 -20.00 14.35
N HIS A 3 3.86 -20.06 13.37
CA HIS A 3 4.72 -18.97 12.97
C HIS A 3 5.16 -19.21 11.53
N MET A 4 5.38 -18.14 10.78
CA MET A 4 6.00 -18.14 9.45
C MET A 4 6.45 -16.71 9.15
N ALA A 5 7.41 -16.58 8.24
CA ALA A 5 7.68 -15.36 7.49
C ALA A 5 8.34 -15.79 6.19
N GLU A 6 8.33 -14.88 5.21
CA GLU A 6 8.64 -15.17 3.83
C GLU A 6 9.14 -13.88 3.16
N PRO A 7 9.75 -13.97 1.95
CA PRO A 7 10.06 -12.77 1.18
C PRO A 7 8.76 -12.23 0.56
N GLN A 8 8.88 -11.10 -0.14
CA GLN A 8 7.80 -10.39 -0.79
C GLN A 8 6.84 -9.82 0.26
N ARG A 9 5.99 -10.63 0.90
CA ARG A 9 5.05 -10.24 1.97
C ARG A 9 5.76 -9.42 3.07
N HIS A 10 5.77 -8.09 2.97
CA HIS A 10 6.51 -7.22 3.89
C HIS A 10 5.56 -6.15 4.45
N LYS A 11 5.85 -5.70 5.67
CA LYS A 11 4.86 -5.06 6.53
C LYS A 11 5.39 -3.75 7.10
N ILE A 12 5.05 -2.64 6.43
CA ILE A 12 5.43 -1.32 6.89
C ILE A 12 4.36 -0.84 7.88
N LEU A 13 4.60 -0.95 9.18
CA LEU A 13 3.70 -0.41 10.18
C LEU A 13 3.73 1.11 10.07
N CYS A 14 2.60 1.69 9.67
CA CYS A 14 2.42 3.12 9.53
C CYS A 14 1.11 3.58 10.20
N VAL A 15 0.63 4.77 9.85
CA VAL A 15 -0.68 5.27 10.23
C VAL A 15 -1.43 5.70 8.97
N CYS A 16 -2.76 5.69 9.05
CA CYS A 16 -3.64 6.24 8.05
C CYS A 16 -3.57 7.76 8.11
N CYS A 17 -3.43 8.40 6.94
CA CYS A 17 -3.51 9.85 6.79
C CYS A 17 -4.79 10.43 7.43
N LYS A 18 -5.94 9.75 7.27
CA LYS A 18 -7.25 10.37 7.43
C LYS A 18 -8.24 9.58 8.29
N CYS A 19 -7.95 8.31 8.60
CA CYS A 19 -8.57 7.63 9.73
C CYS A 19 -7.85 7.98 11.03
N ASP A 20 -6.61 8.53 10.95
CA ASP A 20 -5.68 8.74 12.04
C ASP A 20 -5.63 7.52 12.97
N GLY A 21 -5.15 6.40 12.41
CA GLY A 21 -5.10 5.12 13.08
C GLY A 21 -3.96 4.28 12.51
N ARG A 22 -3.47 3.32 13.30
CA ARG A 22 -2.37 2.43 12.96
C ARG A 22 -2.76 1.54 11.78
N ILE A 23 -1.87 1.41 10.80
CA ILE A 23 -2.00 0.40 9.74
C ILE A 23 -0.72 -0.42 9.75
N GLU A 24 -0.81 -1.68 9.34
CA GLU A 24 0.29 -2.60 9.18
C GLU A 24 0.38 -2.96 7.71
N LEU A 25 1.07 -2.08 6.97
CA LEU A 25 0.98 -1.97 5.53
C LEU A 25 1.65 -3.19 4.89
N THR A 26 0.86 -4.22 4.66
CA THR A 26 1.35 -5.48 4.15
C THR A 26 1.34 -5.36 2.63
N VAL A 27 2.45 -4.86 2.07
CA VAL A 27 2.71 -4.88 0.64
C VAL A 27 3.51 -6.16 0.37
N GLU A 28 3.78 -6.48 -0.89
CA GLU A 28 4.39 -7.73 -1.27
C GLU A 28 5.48 -7.34 -2.27
N SER A 29 6.72 -7.16 -1.79
CA SER A 29 7.75 -6.37 -2.43
C SER A 29 9.14 -6.91 -2.07
N SER A 30 10.18 -6.80 -2.90
CA SER A 30 11.53 -7.15 -2.43
C SER A 30 11.99 -6.10 -1.42
N ALA A 31 12.93 -6.41 -0.51
CA ALA A 31 13.27 -5.51 0.59
C ALA A 31 13.75 -4.14 0.11
N GLU A 32 14.64 -4.08 -0.89
CA GLU A 32 15.18 -2.84 -1.43
C GLU A 32 14.17 -2.13 -2.36
N ASP A 33 13.17 -2.87 -2.84
CA ASP A 33 12.10 -2.39 -3.69
C ASP A 33 11.02 -1.74 -2.80
N LEU A 34 10.78 -2.36 -1.64
CA LEU A 34 10.05 -1.80 -0.50
C LEU A 34 10.73 -0.52 -0.03
N ARG A 35 12.05 -0.54 0.06
CA ARG A 35 12.86 0.61 0.44
C ARG A 35 12.73 1.70 -0.61
N THR A 36 12.78 1.34 -1.88
CA THR A 36 12.56 2.28 -2.99
C THR A 36 11.18 2.95 -2.82
N LEU A 37 10.12 2.17 -2.59
CA LEU A 37 8.79 2.72 -2.37
C LEU A 37 8.69 3.46 -1.01
N GLN A 38 9.54 3.15 -0.02
CA GLN A 38 9.70 3.93 1.20
C GLN A 38 10.32 5.30 0.88
N GLN A 39 11.20 5.39 -0.14
CA GLN A 39 11.67 6.69 -0.61
C GLN A 39 10.51 7.43 -1.31
N LEU A 40 9.63 6.73 -2.03
CA LEU A 40 8.38 7.33 -2.53
C LEU A 40 7.46 7.81 -1.38
N PHE A 41 7.52 7.16 -0.22
CA PHE A 41 6.86 7.56 1.03
C PHE A 41 7.45 8.89 1.52
N LEU A 42 8.78 8.96 1.59
CA LEU A 42 9.51 10.15 1.99
C LEU A 42 9.37 11.30 0.96
N SER A 43 9.09 10.97 -0.31
CA SER A 43 8.72 11.87 -1.39
C SER A 43 7.34 12.48 -1.09
N THR A 44 6.24 11.78 -1.40
CA THR A 44 4.88 12.25 -1.15
C THR A 44 3.90 11.22 -0.63
N LEU A 45 4.22 9.94 -0.72
CA LEU A 45 3.24 8.87 -0.51
C LEU A 45 2.84 8.72 0.95
N SER A 46 1.61 9.09 1.31
CA SER A 46 0.93 8.63 2.51
C SER A 46 0.00 7.46 2.12
N PHE A 47 -0.65 6.86 3.12
CA PHE A 47 -1.45 5.65 2.96
C PHE A 47 -2.84 5.86 3.55
N VAL A 48 -3.80 5.25 2.83
CA VAL A 48 -5.20 5.51 2.91
C VAL A 48 -5.92 4.16 2.78
N CYS A 49 -6.04 3.45 3.91
CA CYS A 49 -6.61 2.09 4.05
C CYS A 49 -8.05 2.00 3.49
N PRO A 50 -8.56 0.80 3.15
CA PRO A 50 -9.83 0.66 2.43
C PRO A 50 -11.05 1.29 3.11
N TRP A 51 -11.02 1.41 4.45
CA TRP A 51 -12.02 2.11 5.23
C TRP A 51 -12.13 3.57 4.78
N CYS A 52 -11.06 4.37 4.93
CA CYS A 52 -11.09 5.74 4.42
C CYS A 52 -11.05 5.78 2.91
N ALA A 53 -10.55 4.76 2.23
CA ALA A 53 -10.62 4.79 0.79
C ALA A 53 -12.07 4.91 0.35
N THR A 54 -12.95 4.20 1.06
CA THR A 54 -14.40 4.22 0.96
C THR A 54 -14.98 5.50 1.57
N ASN A 55 -14.81 5.73 2.88
CA ASN A 55 -15.51 6.76 3.67
C ASN A 55 -14.96 8.17 3.47
N GLN A 56 -13.65 8.23 3.23
CA GLN A 56 -12.72 9.36 3.39
C GLN A 56 -12.42 9.60 4.87
N GLY B 1 -11.83 10.83 7.58
CA GLY B 1 -11.50 12.24 7.88
C GLY B 1 -11.15 12.98 6.61
N SER B 2 -10.00 13.69 6.63
CA SER B 2 -9.48 14.51 5.53
C SER B 2 -10.35 15.73 5.23
N HIS B 3 -9.80 16.55 4.34
CA HIS B 3 -10.45 17.53 3.49
C HIS B 3 -9.81 17.31 2.10
N MET B 4 -10.01 18.29 1.20
CA MET B 4 -9.24 18.60 -0.01
C MET B 4 -8.93 17.41 -0.95
N ALA B 5 -9.69 17.32 -2.05
CA ALA B 5 -9.49 16.38 -3.15
C ALA B 5 -8.25 16.71 -3.99
N GLU B 6 -7.07 16.78 -3.35
CA GLU B 6 -5.80 17.10 -4.00
C GLU B 6 -5.24 15.86 -4.74
N PRO B 7 -4.36 16.05 -5.75
CA PRO B 7 -3.85 14.99 -6.63
C PRO B 7 -2.78 14.13 -5.93
N GLN B 8 -3.15 13.54 -4.80
CA GLN B 8 -2.38 12.57 -4.05
C GLN B 8 -3.25 11.33 -3.79
N ARG B 9 -4.41 11.47 -3.15
CA ARG B 9 -5.36 10.39 -2.83
C ARG B 9 -5.80 9.62 -4.09
N HIS B 10 -5.05 8.59 -4.47
CA HIS B 10 -5.14 7.90 -5.75
C HIS B 10 -5.38 6.41 -5.53
N LYS B 11 -5.86 5.72 -6.56
CA LYS B 11 -6.53 4.43 -6.45
C LYS B 11 -6.02 3.51 -7.56
N ILE B 12 -4.95 2.75 -7.30
CA ILE B 12 -4.43 1.78 -8.25
C ILE B 12 -5.23 0.50 -8.04
N LEU B 13 -6.21 0.19 -8.89
CA LEU B 13 -6.88 -1.10 -8.84
C LEU B 13 -5.86 -2.18 -9.20
N CYS B 14 -5.60 -3.04 -8.23
CA CYS B 14 -4.75 -4.21 -8.31
C CYS B 14 -5.51 -5.40 -7.74
N VAL B 15 -4.80 -6.50 -7.48
CA VAL B 15 -5.32 -7.62 -6.73
C VAL B 15 -4.40 -7.97 -5.57
N CYS B 16 -4.96 -8.65 -4.57
CA CYS B 16 -4.24 -9.39 -3.57
C CYS B 16 -3.58 -10.55 -4.30
N CYS B 17 -2.28 -10.45 -4.56
CA CYS B 17 -1.53 -11.38 -5.41
C CYS B 17 -1.75 -12.86 -5.01
N LYS B 18 -1.93 -13.11 -3.71
CA LYS B 18 -2.06 -14.44 -3.13
C LYS B 18 -3.49 -14.96 -3.13
N CYS B 19 -4.52 -14.12 -3.31
CA CYS B 19 -5.91 -14.54 -3.31
C CYS B 19 -6.73 -14.07 -4.51
N ASP B 20 -6.11 -13.32 -5.43
CA ASP B 20 -6.69 -12.66 -6.60
C ASP B 20 -7.87 -11.72 -6.27
N GLY B 21 -7.98 -11.30 -5.00
CA GLY B 21 -9.09 -10.45 -4.58
C GLY B 21 -8.84 -9.01 -5.02
N ARG B 22 -9.90 -8.33 -5.43
CA ARG B 22 -9.89 -6.97 -5.95
C ARG B 22 -9.43 -6.02 -4.85
N ILE B 23 -8.35 -5.26 -5.08
CA ILE B 23 -7.97 -4.20 -4.17
C ILE B 23 -7.80 -2.90 -4.96
N GLU B 24 -8.59 -1.89 -4.59
CA GLU B 24 -8.40 -0.53 -5.01
C GLU B 24 -7.31 0.09 -4.13
N LEU B 25 -6.05 -0.09 -4.54
CA LEU B 25 -4.88 0.29 -3.76
C LEU B 25 -4.88 1.79 -3.60
N THR B 26 -5.39 2.24 -2.46
CA THR B 26 -5.63 3.64 -2.25
C THR B 26 -4.38 4.18 -1.56
N VAL B 27 -3.47 4.66 -2.39
CA VAL B 27 -2.16 5.16 -1.98
C VAL B 27 -2.18 6.65 -2.30
N GLU B 28 -1.62 7.45 -1.41
CA GLU B 28 -1.95 8.86 -1.38
C GLU B 28 -0.68 9.58 -1.79
N SER B 29 -0.41 9.65 -3.09
CA SER B 29 0.83 10.22 -3.61
C SER B 29 0.62 10.81 -4.99
N SER B 30 1.48 11.78 -5.31
CA SER B 30 1.55 12.49 -6.57
C SER B 30 1.59 11.48 -7.72
N ALA B 31 0.90 11.78 -8.83
CA ALA B 31 0.61 10.78 -9.86
C ALA B 31 1.88 10.08 -10.38
N GLU B 32 2.99 10.78 -10.51
CA GLU B 32 4.22 10.23 -11.07
C GLU B 32 5.07 9.50 -10.02
N ASP B 33 4.92 9.86 -8.75
CA ASP B 33 5.46 9.14 -7.62
C ASP B 33 4.74 7.79 -7.51
N LEU B 34 3.41 7.82 -7.63
CA LEU B 34 2.54 6.66 -7.73
C LEU B 34 2.90 5.79 -8.94
N ARG B 35 3.13 6.43 -10.07
CA ARG B 35 3.51 5.84 -11.36
C ARG B 35 4.83 5.12 -11.20
N THR B 36 5.81 5.74 -10.54
CA THR B 36 7.09 5.13 -10.23
C THR B 36 6.83 3.84 -9.43
N LEU B 37 6.02 3.94 -8.36
CA LEU B 37 5.52 2.80 -7.60
C LEU B 37 4.84 1.76 -8.52
N GLN B 38 4.06 2.19 -9.51
CA GLN B 38 3.39 1.31 -10.45
C GLN B 38 4.41 0.63 -11.37
N GLN B 39 5.54 1.28 -11.68
CA GLN B 39 6.63 0.64 -12.41
C GLN B 39 7.26 -0.45 -11.55
N LEU B 40 7.37 -0.23 -10.23
CA LEU B 40 7.74 -1.30 -9.30
C LEU B 40 6.75 -2.46 -9.43
N PHE B 41 5.44 -2.20 -9.46
CA PHE B 41 4.44 -3.26 -9.60
C PHE B 41 4.58 -3.99 -10.94
N LEU B 42 4.80 -3.24 -12.02
CA LEU B 42 5.06 -3.79 -13.35
C LEU B 42 6.38 -4.59 -13.39
N SER B 43 7.35 -4.26 -12.53
CA SER B 43 8.64 -4.92 -12.41
C SER B 43 8.58 -6.19 -11.55
N THR B 44 8.29 -5.99 -10.26
CA THR B 44 8.60 -6.90 -9.18
C THR B 44 7.56 -6.99 -8.06
N LEU B 45 6.65 -6.03 -8.00
CA LEU B 45 5.82 -5.78 -6.82
C LEU B 45 4.37 -6.26 -6.93
N SER B 46 3.79 -6.57 -5.77
CA SER B 46 2.42 -6.94 -5.53
C SER B 46 1.92 -6.31 -4.23
N PHE B 47 0.64 -6.54 -3.89
CA PHE B 47 0.02 -6.04 -2.67
C PHE B 47 -0.77 -7.19 -2.03
N VAL B 48 -1.12 -6.99 -0.77
CA VAL B 48 -1.77 -7.95 0.09
C VAL B 48 -2.93 -7.26 0.82
N CYS B 49 -4.17 -7.71 0.61
CA CYS B 49 -5.33 -7.13 1.29
C CYS B 49 -5.22 -7.38 2.81
N PRO B 50 -5.76 -6.51 3.67
CA PRO B 50 -5.67 -6.67 5.12
C PRO B 50 -6.16 -8.03 5.64
N TRP B 51 -7.12 -8.67 4.95
CA TRP B 51 -7.58 -10.02 5.22
C TRP B 51 -6.42 -11.01 5.11
N CYS B 52 -5.90 -11.24 3.91
CA CYS B 52 -4.84 -12.22 3.66
C CYS B 52 -3.52 -11.84 4.30
N ALA B 53 -3.29 -10.54 4.50
CA ALA B 53 -2.17 -10.01 5.25
C ALA B 53 -2.19 -10.53 6.68
N THR B 54 -3.33 -10.34 7.37
CA THR B 54 -3.53 -10.71 8.76
C THR B 54 -3.58 -12.24 8.90
N ASN B 55 -4.36 -12.91 8.05
CA ASN B 55 -4.62 -14.34 8.17
C ASN B 55 -3.42 -15.18 7.73
N GLN B 56 -2.63 -14.65 6.80
CA GLN B 56 -1.70 -15.38 5.93
C GLN B 56 -2.48 -16.14 4.85
ZN ZN C . -7.07 5.46 6.89
ZN ZN D . -5.53 -11.18 -0.53
N GLY A 1 0.32 -19.44 4.92
CA GLY A 1 0.84 -20.75 5.34
C GLY A 1 2.31 -20.63 5.70
N SER A 2 2.84 -21.54 6.52
CA SER A 2 4.12 -21.34 7.21
C SER A 2 5.24 -22.29 6.76
N HIS A 3 4.95 -23.25 5.87
CA HIS A 3 5.93 -24.24 5.41
C HIS A 3 6.95 -23.63 4.41
N MET A 4 6.72 -22.39 3.96
CA MET A 4 7.63 -21.62 3.12
C MET A 4 7.54 -20.17 3.60
N ALA A 5 8.63 -19.42 3.45
CA ALA A 5 8.66 -17.97 3.53
C ALA A 5 9.77 -17.51 2.60
N GLU A 6 9.62 -16.32 2.01
CA GLU A 6 10.56 -15.70 1.09
C GLU A 6 10.62 -14.21 1.41
N PRO A 7 11.76 -13.53 1.17
CA PRO A 7 12.01 -12.15 1.60
C PRO A 7 11.30 -11.14 0.69
N GLN A 8 9.96 -11.24 0.62
CA GLN A 8 9.09 -10.37 -0.16
C GLN A 8 7.96 -9.87 0.74
N ARG A 9 7.19 -10.76 1.39
CA ARG A 9 6.11 -10.38 2.30
C ARG A 9 6.69 -9.51 3.42
N HIS A 10 6.51 -8.19 3.34
CA HIS A 10 7.17 -7.23 4.20
C HIS A 10 6.17 -6.20 4.72
N LYS A 11 6.39 -5.73 5.95
CA LYS A 11 5.37 -5.12 6.77
C LYS A 11 5.82 -3.79 7.31
N ILE A 12 5.44 -2.73 6.62
CA ILE A 12 5.58 -1.38 7.16
C ILE A 12 4.29 -1.14 7.95
N LEU A 13 4.33 -1.39 9.26
CA LEU A 13 3.31 -0.85 10.14
C LEU A 13 3.44 0.66 10.12
N CYS A 14 2.51 1.31 9.43
CA CYS A 14 2.42 2.75 9.33
C CYS A 14 1.11 3.21 9.96
N VAL A 15 0.78 4.50 9.78
CA VAL A 15 -0.47 5.10 10.22
C VAL A 15 -1.17 5.73 9.03
N CYS A 16 -2.49 5.85 9.15
CA CYS A 16 -3.36 6.31 8.09
C CYS A 16 -3.24 7.83 7.93
N CYS A 17 -3.17 8.28 6.67
CA CYS A 17 -3.07 9.69 6.29
C CYS A 17 -4.13 10.54 6.97
N LYS A 18 -5.40 10.09 6.90
CA LYS A 18 -6.54 10.94 7.21
C LYS A 18 -7.13 10.69 8.60
N CYS A 19 -6.82 9.54 9.22
CA CYS A 19 -7.40 9.13 10.48
C CYS A 19 -6.37 8.64 11.51
N ASP A 20 -5.07 8.68 11.18
CA ASP A 20 -3.94 8.26 12.03
C ASP A 20 -4.05 6.82 12.56
N GLY A 21 -4.93 6.00 11.95
CA GLY A 21 -5.16 4.65 12.42
C GLY A 21 -3.99 3.77 12.02
N ARG A 22 -3.69 2.77 12.85
CA ARG A 22 -2.64 1.79 12.61
C ARG A 22 -2.96 1.05 11.33
N ILE A 23 -2.02 1.02 10.36
CA ILE A 23 -2.13 0.19 9.19
C ILE A 23 -0.88 -0.67 9.10
N GLU A 24 -1.02 -1.98 9.29
CA GLU A 24 0.02 -2.93 8.91
C GLU A 24 0.05 -3.00 7.37
N LEU A 25 1.02 -2.35 6.75
CA LEU A 25 1.19 -2.41 5.31
C LEU A 25 1.98 -3.67 4.97
N THR A 26 1.32 -4.83 4.89
CA THR A 26 1.92 -5.95 4.17
C THR A 26 1.91 -5.59 2.66
N VAL A 27 3.01 -5.02 2.17
CA VAL A 27 3.33 -5.04 0.74
C VAL A 27 4.14 -6.35 0.57
N GLU A 28 4.29 -6.87 -0.65
CA GLU A 28 5.10 -8.05 -0.87
C GLU A 28 6.11 -7.70 -1.96
N SER A 29 7.35 -7.40 -1.56
CA SER A 29 8.47 -7.27 -2.49
C SER A 29 9.79 -7.24 -1.74
N SER A 30 10.87 -7.48 -2.46
CA SER A 30 12.24 -7.47 -1.97
C SER A 30 12.53 -6.20 -1.16
N ALA A 31 13.36 -6.32 -0.12
CA ALA A 31 13.50 -5.28 0.90
C ALA A 31 13.84 -3.91 0.31
N GLU A 32 14.67 -3.87 -0.73
CA GLU A 32 15.12 -2.64 -1.37
C GLU A 32 14.07 -2.06 -2.34
N ASP A 33 13.21 -2.91 -2.89
CA ASP A 33 12.06 -2.50 -3.68
C ASP A 33 11.06 -1.80 -2.76
N LEU A 34 10.82 -2.43 -1.60
CA LEU A 34 10.05 -1.85 -0.49
C LEU A 34 10.67 -0.54 -0.03
N ARG A 35 11.99 -0.52 0.11
CA ARG A 35 12.78 0.63 0.54
C ARG A 35 12.62 1.76 -0.46
N THR A 36 12.65 1.45 -1.74
CA THR A 36 12.38 2.43 -2.79
C THR A 36 10.96 3.00 -2.61
N LEU A 37 9.97 2.13 -2.39
CA LEU A 37 8.61 2.49 -1.99
C LEU A 37 8.62 3.39 -0.73
N GLN A 38 9.48 3.10 0.25
CA GLN A 38 9.59 3.85 1.49
C GLN A 38 10.20 5.23 1.22
N GLN A 39 11.06 5.38 0.20
CA GLN A 39 11.54 6.68 -0.20
C GLN A 39 10.40 7.47 -0.87
N LEU A 40 9.51 6.79 -1.61
CA LEU A 40 8.27 7.39 -2.11
C LEU A 40 7.33 7.79 -0.94
N PHE A 41 7.37 7.05 0.17
CA PHE A 41 6.67 7.37 1.43
C PHE A 41 7.25 8.65 2.05
N LEU A 42 8.58 8.73 2.12
CA LEU A 42 9.31 9.90 2.62
C LEU A 42 9.18 11.11 1.68
N SER A 43 8.95 10.87 0.39
CA SER A 43 8.62 11.85 -0.65
C SER A 43 7.26 12.47 -0.37
N THR A 44 6.17 11.75 -0.67
CA THR A 44 4.80 12.20 -0.38
C THR A 44 3.85 11.11 0.12
N LEU A 45 4.12 9.85 -0.22
CA LEU A 45 3.13 8.79 -0.11
C LEU A 45 2.72 8.56 1.34
N SER A 46 1.46 8.85 1.63
CA SER A 46 0.78 8.34 2.80
C SER A 46 -0.12 7.18 2.32
N PHE A 47 -0.64 6.40 3.26
CA PHE A 47 -1.48 5.25 2.97
C PHE A 47 -2.79 5.44 3.69
N VAL A 48 -3.85 4.89 3.11
CA VAL A 48 -5.23 5.12 3.50
C VAL A 48 -5.99 3.80 3.43
N CYS A 49 -6.30 3.29 4.63
CA CYS A 49 -6.89 1.97 4.87
C CYS A 49 -8.25 1.87 4.18
N PRO A 50 -8.67 0.69 3.68
CA PRO A 50 -9.86 0.58 2.83
C PRO A 50 -11.15 1.04 3.52
N TRP A 51 -11.21 0.96 4.86
CA TRP A 51 -12.27 1.53 5.69
C TRP A 51 -12.38 3.04 5.44
N CYS A 52 -11.36 3.82 5.79
CA CYS A 52 -11.38 5.27 5.61
C CYS A 52 -11.26 5.67 4.14
N ALA A 53 -10.81 4.75 3.29
CA ALA A 53 -10.81 5.02 1.88
C ALA A 53 -12.26 5.09 1.38
N THR A 54 -13.09 4.15 1.85
CA THR A 54 -14.51 4.04 1.56
C THR A 54 -15.29 5.17 2.25
N ASN A 55 -15.02 5.41 3.54
CA ASN A 55 -15.78 6.39 4.34
C ASN A 55 -15.35 7.83 4.07
N GLN A 56 -14.13 8.00 3.55
CA GLN A 56 -13.35 9.24 3.58
C GLN A 56 -12.98 9.56 5.03
N GLY B 1 -10.27 20.79 3.93
CA GLY B 1 -10.88 21.78 4.82
C GLY B 1 -12.40 21.65 4.73
N SER B 2 -13.14 22.75 4.79
CA SER B 2 -14.59 22.78 4.59
C SER B 2 -15.00 22.26 3.20
N HIS B 3 -14.09 22.34 2.23
CA HIS B 3 -14.08 21.55 1.01
C HIS B 3 -12.73 20.81 0.97
N MET B 4 -12.65 19.71 0.19
CA MET B 4 -11.42 18.98 -0.03
C MET B 4 -11.52 18.25 -1.38
N ALA B 5 -10.36 17.86 -1.91
CA ALA B 5 -10.01 17.14 -3.13
C ALA B 5 -8.64 17.66 -3.54
N GLU B 6 -7.74 16.75 -3.90
CA GLU B 6 -6.32 17.03 -3.86
C GLU B 6 -5.51 16.04 -4.73
N PRO B 7 -4.35 16.46 -5.27
CA PRO B 7 -3.59 15.71 -6.26
C PRO B 7 -2.67 14.65 -5.63
N GLN B 8 -3.13 14.03 -4.54
CA GLN B 8 -2.40 13.01 -3.78
C GLN B 8 -3.28 11.79 -3.57
N ARG B 9 -4.49 11.94 -3.02
CA ARG B 9 -5.41 10.85 -2.67
C ARG B 9 -5.76 10.03 -3.92
N HIS B 10 -5.06 8.92 -4.15
CA HIS B 10 -5.12 8.17 -5.40
C HIS B 10 -5.38 6.69 -5.09
N LYS B 11 -5.81 5.93 -6.11
CA LYS B 11 -6.39 4.60 -5.95
C LYS B 11 -5.82 3.68 -7.02
N ILE B 12 -4.76 2.94 -6.68
CA ILE B 12 -4.23 1.91 -7.55
C ILE B 12 -5.08 0.67 -7.31
N LEU B 13 -6.11 0.44 -8.11
CA LEU B 13 -6.79 -0.83 -8.15
C LEU B 13 -5.79 -1.89 -8.61
N CYS B 14 -5.39 -2.75 -7.68
CA CYS B 14 -4.63 -3.95 -7.96
C CYS B 14 -5.43 -5.16 -7.47
N VAL B 15 -4.81 -6.33 -7.52
CA VAL B 15 -5.33 -7.55 -6.93
C VAL B 15 -4.34 -8.04 -5.88
N CYS B 16 -4.88 -8.76 -4.89
CA CYS B 16 -4.11 -9.29 -3.78
C CYS B 16 -3.17 -10.39 -4.27
N CYS B 17 -1.91 -10.32 -3.86
CA CYS B 17 -0.85 -11.23 -4.28
C CYS B 17 -1.21 -12.70 -4.00
N LYS B 18 -1.84 -13.00 -2.84
CA LYS B 18 -2.03 -14.37 -2.38
C LYS B 18 -3.47 -14.88 -2.48
N CYS B 19 -4.45 -14.00 -2.74
CA CYS B 19 -5.84 -14.38 -2.84
C CYS B 19 -6.59 -13.74 -4.02
N ASP B 20 -5.90 -13.00 -4.90
CA ASP B 20 -6.44 -12.36 -6.11
C ASP B 20 -7.63 -11.41 -5.84
N GLY B 21 -7.82 -10.99 -4.59
CA GLY B 21 -8.95 -10.14 -4.22
C GLY B 21 -8.73 -8.74 -4.75
N ARG B 22 -9.82 -8.06 -5.11
CA ARG B 22 -9.83 -6.69 -5.63
C ARG B 22 -9.39 -5.74 -4.54
N ILE B 23 -8.24 -5.05 -4.69
CA ILE B 23 -7.78 -4.07 -3.73
C ILE B 23 -7.64 -2.73 -4.43
N GLU B 24 -8.52 -1.79 -4.11
CA GLU B 24 -8.40 -0.38 -4.48
C GLU B 24 -7.40 0.29 -3.54
N LEU B 25 -6.11 0.14 -3.86
CA LEU B 25 -4.99 0.57 -3.02
C LEU B 25 -5.03 2.08 -2.92
N THR B 26 -5.62 2.60 -1.84
CA THR B 26 -5.76 4.03 -1.67
C THR B 26 -4.47 4.53 -1.04
N VAL B 27 -3.56 5.00 -1.90
CA VAL B 27 -2.25 5.49 -1.53
C VAL B 27 -2.32 6.97 -1.90
N GLU B 28 -2.03 7.83 -0.93
CA GLU B 28 -2.28 9.25 -1.05
C GLU B 28 -0.90 9.86 -1.32
N SER B 29 -0.55 9.99 -2.61
CA SER B 29 0.75 10.48 -3.05
C SER B 29 0.62 11.12 -4.43
N SER B 30 1.55 12.01 -4.74
CA SER B 30 1.66 12.68 -6.03
C SER B 30 1.65 11.65 -7.16
N ALA B 31 0.98 11.97 -8.28
CA ALA B 31 0.64 10.96 -9.29
C ALA B 31 1.86 10.18 -9.81
N GLU B 32 3.03 10.83 -9.91
CA GLU B 32 4.20 10.20 -10.49
C GLU B 32 5.16 9.60 -9.47
N ASP B 33 5.01 10.01 -8.21
CA ASP B 33 5.51 9.26 -7.07
C ASP B 33 4.77 7.91 -7.03
N LEU B 34 3.44 7.93 -7.23
CA LEU B 34 2.59 6.76 -7.35
C LEU B 34 2.96 5.90 -8.55
N ARG B 35 3.24 6.55 -9.67
CA ARG B 35 3.66 5.95 -10.95
C ARG B 35 4.99 5.25 -10.76
N THR B 36 5.94 5.90 -10.10
CA THR B 36 7.22 5.29 -9.76
C THR B 36 6.96 4.01 -8.96
N LEU B 37 6.10 4.09 -7.94
CA LEU B 37 5.58 2.95 -7.19
C LEU B 37 4.91 1.91 -8.11
N GLN B 38 4.17 2.32 -9.15
CA GLN B 38 3.56 1.42 -10.10
C GLN B 38 4.65 0.74 -10.95
N GLN B 39 5.79 1.38 -11.19
CA GLN B 39 6.91 0.74 -11.85
C GLN B 39 7.55 -0.29 -10.91
N LEU B 40 7.55 -0.05 -9.60
CA LEU B 40 7.93 -1.05 -8.61
C LEU B 40 6.99 -2.26 -8.67
N PHE B 41 5.68 -2.03 -8.85
CA PHE B 41 4.69 -3.11 -9.09
C PHE B 41 5.05 -3.88 -10.36
N LEU B 42 5.24 -3.15 -11.47
CA LEU B 42 5.56 -3.72 -12.77
C LEU B 42 6.90 -4.48 -12.75
N SER B 43 7.84 -4.05 -11.91
CA SER B 43 9.09 -4.76 -11.62
C SER B 43 8.79 -6.06 -10.87
N THR B 44 8.30 -5.92 -9.64
CA THR B 44 8.38 -6.94 -8.62
C THR B 44 7.25 -6.89 -7.59
N LEU B 45 6.82 -5.70 -7.18
CA LEU B 45 6.02 -5.51 -5.98
C LEU B 45 4.59 -6.00 -6.16
N SER B 46 3.96 -6.40 -5.06
CA SER B 46 2.51 -6.58 -4.96
C SER B 46 2.05 -6.17 -3.55
N PHE B 47 0.75 -6.29 -3.28
CA PHE B 47 0.14 -5.95 -2.01
C PHE B 47 -0.66 -7.15 -1.52
N VAL B 48 -0.87 -7.21 -0.21
CA VAL B 48 -1.61 -8.28 0.41
C VAL B 48 -2.49 -7.71 1.54
N CYS B 49 -3.81 -7.71 1.31
CA CYS B 49 -4.81 -7.02 2.12
C CYS B 49 -4.80 -7.55 3.55
N PRO B 50 -5.03 -6.71 4.59
CA PRO B 50 -4.76 -7.10 5.97
C PRO B 50 -5.58 -8.31 6.44
N TRP B 51 -6.78 -8.53 5.88
CA TRP B 51 -7.57 -9.74 6.12
C TRP B 51 -6.74 -10.97 5.76
N CYS B 52 -6.40 -11.09 4.47
CA CYS B 52 -5.70 -12.25 3.94
C CYS B 52 -4.29 -12.35 4.52
N ALA B 53 -3.72 -11.20 4.89
CA ALA B 53 -2.40 -11.08 5.45
C ALA B 53 -2.39 -11.46 6.94
N THR B 54 -3.56 -11.46 7.60
CA THR B 54 -3.76 -12.00 8.94
C THR B 54 -4.16 -13.48 8.89
N ASN B 55 -4.99 -13.90 7.92
CA ASN B 55 -5.30 -15.33 7.67
C ASN B 55 -4.03 -16.09 7.28
N GLN B 56 -3.18 -15.40 6.51
CA GLN B 56 -1.76 -15.62 6.30
C GLN B 56 -1.34 -17.06 5.99
ZN ZN C . -6.93 5.57 7.37
ZN ZN D . -5.17 -10.41 -0.41
N GLY A 1 -0.94 -20.47 6.92
CA GLY A 1 0.15 -20.29 7.90
C GLY A 1 1.48 -20.13 7.17
N SER A 2 2.55 -20.73 7.68
CA SER A 2 3.80 -20.86 6.96
C SER A 2 3.58 -21.65 5.65
N HIS A 3 4.37 -21.36 4.62
CA HIS A 3 4.35 -22.09 3.36
C HIS A 3 5.74 -22.03 2.72
N MET A 4 6.11 -20.83 2.22
CA MET A 4 7.33 -20.58 1.47
C MET A 4 7.86 -19.24 1.97
N ALA A 5 8.76 -19.30 2.96
CA ALA A 5 9.29 -18.14 3.66
C ALA A 5 10.35 -17.46 2.80
N GLU A 6 9.98 -16.36 2.14
CA GLU A 6 10.85 -15.61 1.23
C GLU A 6 10.76 -14.11 1.58
N PRO A 7 11.82 -13.31 1.35
CA PRO A 7 11.90 -11.90 1.73
C PRO A 7 11.10 -11.02 0.77
N GLN A 8 9.79 -11.24 0.72
CA GLN A 8 8.84 -10.47 -0.07
C GLN A 8 7.70 -10.00 0.83
N ARG A 9 6.94 -10.90 1.48
CA ARG A 9 5.79 -10.56 2.32
C ARG A 9 6.20 -9.61 3.45
N HIS A 10 6.05 -8.29 3.27
CA HIS A 10 6.59 -7.29 4.17
C HIS A 10 5.50 -6.33 4.63
N LYS A 11 5.81 -5.53 5.66
CA LYS A 11 4.84 -4.82 6.47
C LYS A 11 5.41 -3.46 6.84
N ILE A 12 5.01 -2.43 6.09
CA ILE A 12 5.28 -1.05 6.49
C ILE A 12 4.15 -0.65 7.43
N LEU A 13 4.34 -0.78 8.74
CA LEU A 13 3.42 -0.21 9.69
C LEU A 13 3.50 1.30 9.60
N CYS A 14 2.42 1.91 9.12
CA CYS A 14 2.19 3.34 9.19
C CYS A 14 0.91 3.61 9.98
N VAL A 15 0.50 4.88 10.00
CA VAL A 15 -0.81 5.30 10.46
C VAL A 15 -1.49 6.03 9.31
N CYS A 16 -2.82 6.00 9.32
CA CYS A 16 -3.63 6.57 8.25
C CYS A 16 -3.50 8.08 8.25
N CYS A 17 -3.24 8.66 7.08
CA CYS A 17 -2.96 10.08 6.94
C CYS A 17 -4.10 10.96 7.47
N LYS A 18 -5.35 10.49 7.27
CA LYS A 18 -6.54 11.29 7.45
C LYS A 18 -7.40 10.87 8.65
N CYS A 19 -7.13 9.72 9.26
CA CYS A 19 -7.85 9.22 10.42
C CYS A 19 -6.96 8.58 11.49
N ASP A 20 -5.62 8.61 11.33
CA ASP A 20 -4.61 8.15 12.30
C ASP A 20 -4.75 6.67 12.69
N GLY A 21 -5.48 5.87 11.91
CA GLY A 21 -5.68 4.46 12.23
C GLY A 21 -4.41 3.68 11.93
N ARG A 22 -4.16 2.63 12.71
CA ARG A 22 -2.99 1.75 12.58
C ARG A 22 -3.09 0.99 11.26
N ILE A 23 -2.18 1.25 10.30
CA ILE A 23 -2.16 0.53 9.04
C ILE A 23 -0.86 -0.26 8.93
N GLU A 24 -0.96 -1.57 9.11
CA GLU A 24 0.10 -2.51 8.83
C GLU A 24 0.13 -2.80 7.33
N LEU A 25 0.83 -1.93 6.59
CA LEU A 25 0.82 -1.92 5.12
C LEU A 25 1.54 -3.17 4.63
N THR A 26 0.76 -4.21 4.37
CA THR A 26 1.26 -5.50 4.02
C THR A 26 1.43 -5.49 2.49
N VAL A 27 2.66 -5.25 2.04
CA VAL A 27 3.05 -5.16 0.64
C VAL A 27 4.11 -6.27 0.46
N GLU A 28 3.83 -7.26 -0.39
CA GLU A 28 4.78 -8.30 -0.72
C GLU A 28 5.75 -7.71 -1.75
N SER A 29 6.99 -7.39 -1.35
CA SER A 29 8.04 -7.07 -2.31
C SER A 29 9.42 -7.23 -1.70
N SER A 30 10.41 -7.46 -2.56
CA SER A 30 11.81 -7.57 -2.20
C SER A 30 12.23 -6.35 -1.36
N ALA A 31 13.07 -6.57 -0.35
CA ALA A 31 13.33 -5.58 0.69
C ALA A 31 13.75 -4.21 0.14
N GLU A 32 14.54 -4.17 -0.95
CA GLU A 32 15.01 -2.92 -1.53
C GLU A 32 14.01 -2.28 -2.50
N ASP A 33 13.14 -3.07 -3.11
CA ASP A 33 11.99 -2.60 -3.87
C ASP A 33 11.02 -1.93 -2.90
N LEU A 34 10.78 -2.57 -1.75
CA LEU A 34 10.04 -2.02 -0.62
C LEU A 34 10.70 -0.72 -0.13
N ARG A 35 12.01 -0.77 0.07
CA ARG A 35 12.83 0.35 0.53
C ARG A 35 12.65 1.52 -0.40
N THR A 36 12.74 1.27 -1.70
CA THR A 36 12.54 2.28 -2.73
C THR A 36 11.16 2.91 -2.56
N LEU A 37 10.11 2.11 -2.41
CA LEU A 37 8.76 2.59 -2.08
C LEU A 37 8.76 3.39 -0.76
N GLN A 38 9.57 2.98 0.22
CA GLN A 38 9.69 3.67 1.49
C GLN A 38 10.45 5.00 1.31
N GLN A 39 11.30 5.14 0.29
CA GLN A 39 11.90 6.41 -0.06
C GLN A 39 10.84 7.31 -0.70
N LEU A 40 9.92 6.76 -1.51
CA LEU A 40 8.74 7.51 -1.98
C LEU A 40 7.88 7.96 -0.79
N PHE A 41 7.80 7.15 0.27
CA PHE A 41 7.11 7.47 1.53
C PHE A 41 7.79 8.65 2.22
N LEU A 42 9.11 8.59 2.33
CA LEU A 42 9.92 9.68 2.89
C LEU A 42 9.85 10.95 2.04
N SER A 43 9.71 10.82 0.72
CA SER A 43 9.61 11.90 -0.25
C SER A 43 8.23 12.57 -0.21
N THR A 44 7.18 11.79 -0.52
CA THR A 44 5.91 12.30 -0.98
C THR A 44 4.69 11.53 -0.45
N LEU A 45 4.82 10.21 -0.27
CA LEU A 45 3.70 9.29 -0.16
C LEU A 45 3.22 9.14 1.29
N SER A 46 1.92 9.01 1.46
CA SER A 46 1.19 8.62 2.66
C SER A 46 0.23 7.47 2.30
N PHE A 47 -0.55 6.97 3.26
CA PHE A 47 -1.45 5.85 3.04
C PHE A 47 -2.78 6.04 3.75
N VAL A 48 -3.79 5.36 3.19
CA VAL A 48 -5.20 5.60 3.39
C VAL A 48 -5.91 4.22 3.33
N CYS A 49 -6.20 3.66 4.50
CA CYS A 49 -6.79 2.31 4.68
C CYS A 49 -8.15 2.23 3.97
N PRO A 50 -8.62 1.03 3.55
CA PRO A 50 -9.84 0.90 2.76
C PRO A 50 -11.10 1.41 3.48
N TRP A 51 -11.09 1.41 4.82
CA TRP A 51 -12.12 2.00 5.66
C TRP A 51 -12.30 3.47 5.30
N CYS A 52 -11.30 4.32 5.59
CA CYS A 52 -11.41 5.74 5.25
C CYS A 52 -11.42 5.96 3.75
N ALA A 53 -10.82 5.06 2.97
CA ALA A 53 -10.85 5.25 1.54
C ALA A 53 -12.30 5.24 1.03
N THR A 54 -13.12 4.35 1.63
CA THR A 54 -14.55 4.21 1.39
C THR A 54 -15.33 5.35 2.07
N ASN A 55 -15.06 5.62 3.36
CA ASN A 55 -15.86 6.53 4.20
C ASN A 55 -15.52 8.01 3.98
N GLN A 56 -14.44 8.25 3.23
CA GLN A 56 -13.79 9.53 2.99
C GLN A 56 -13.19 10.09 4.28
N GLY B 1 -10.58 16.34 8.83
CA GLY B 1 -10.38 17.79 8.64
C GLY B 1 -11.37 18.33 7.62
N SER B 2 -10.97 19.31 6.82
CA SER B 2 -11.68 19.82 5.65
C SER B 2 -10.64 20.11 4.57
N HIS B 3 -11.06 20.65 3.42
CA HIS B 3 -10.21 21.09 2.29
C HIS B 3 -9.40 19.99 1.59
N MET B 4 -9.21 18.82 2.22
CA MET B 4 -8.41 17.68 1.77
C MET B 4 -9.08 16.94 0.60
N ALA B 5 -9.22 17.64 -0.53
CA ALA B 5 -9.64 17.15 -1.82
C ALA B 5 -8.50 17.42 -2.80
N GLU B 6 -7.41 16.67 -2.63
CA GLU B 6 -6.09 16.99 -3.17
C GLU B 6 -5.56 15.78 -3.96
N PRO B 7 -4.69 15.99 -4.98
CA PRO B 7 -4.24 14.95 -5.90
C PRO B 7 -3.18 14.03 -5.27
N GLN B 8 -3.53 13.39 -4.16
CA GLN B 8 -2.72 12.43 -3.43
C GLN B 8 -3.52 11.14 -3.22
N ARG B 9 -4.67 11.19 -2.54
CA ARG B 9 -5.57 10.04 -2.30
C ARG B 9 -5.94 9.37 -3.63
N HIS B 10 -5.22 8.30 -4.00
CA HIS B 10 -5.24 7.72 -5.34
C HIS B 10 -5.43 6.22 -5.23
N LYS B 11 -6.16 5.67 -6.20
CA LYS B 11 -6.84 4.38 -6.10
C LYS B 11 -6.39 3.46 -7.22
N ILE B 12 -5.31 2.71 -7.00
CA ILE B 12 -4.77 1.77 -7.97
C ILE B 12 -5.57 0.47 -7.81
N LEU B 13 -6.52 0.20 -8.70
CA LEU B 13 -7.25 -1.04 -8.69
C LEU B 13 -6.29 -2.17 -9.08
N CYS B 14 -6.06 -3.07 -8.12
CA CYS B 14 -5.24 -4.25 -8.24
C CYS B 14 -6.08 -5.48 -7.83
N VAL B 15 -5.44 -6.64 -7.73
CA VAL B 15 -5.93 -7.77 -6.95
C VAL B 15 -5.03 -7.94 -5.73
N CYS B 16 -5.54 -8.67 -4.72
CA CYS B 16 -4.74 -9.27 -3.68
C CYS B 16 -3.82 -10.31 -4.33
N CYS B 17 -2.55 -10.25 -3.99
CA CYS B 17 -1.50 -11.15 -4.45
C CYS B 17 -1.90 -12.62 -4.28
N LYS B 18 -2.57 -12.95 -3.16
CA LYS B 18 -2.84 -14.33 -2.77
C LYS B 18 -4.30 -14.66 -2.48
N CYS B 19 -5.16 -13.65 -2.25
CA CYS B 19 -6.61 -13.89 -2.24
C CYS B 19 -7.17 -13.84 -3.66
N ASP B 20 -6.40 -13.34 -4.64
CA ASP B 20 -6.78 -13.13 -6.03
C ASP B 20 -8.14 -12.43 -6.16
N GLY B 21 -8.41 -11.50 -5.24
CA GLY B 21 -9.64 -10.72 -5.19
C GLY B 21 -9.31 -9.27 -5.40
N ARG B 22 -10.24 -8.52 -5.98
CA ARG B 22 -10.02 -7.14 -6.40
C ARG B 22 -9.80 -6.28 -5.16
N ILE B 23 -8.75 -5.45 -5.17
CA ILE B 23 -8.54 -4.43 -4.15
C ILE B 23 -8.39 -3.09 -4.88
N GLU B 24 -9.15 -2.09 -4.46
CA GLU B 24 -8.86 -0.71 -4.78
C GLU B 24 -7.72 -0.23 -3.86
N LEU B 25 -6.47 -0.26 -4.34
CA LEU B 25 -5.31 0.14 -3.54
C LEU B 25 -5.33 1.65 -3.38
N THR B 26 -5.96 2.13 -2.33
CA THR B 26 -5.91 3.54 -1.99
C THR B 26 -4.58 3.81 -1.30
N VAL B 27 -3.60 4.30 -2.05
CA VAL B 27 -2.40 4.91 -1.50
C VAL B 27 -2.71 6.43 -1.48
N GLU B 28 -1.82 7.26 -0.96
CA GLU B 28 -2.07 8.68 -0.89
C GLU B 28 -0.77 9.37 -1.35
N SER B 29 -0.60 9.61 -2.66
CA SER B 29 0.61 10.27 -3.16
C SER B 29 0.38 10.88 -4.53
N SER B 30 1.19 11.89 -4.85
CA SER B 30 1.18 12.59 -6.13
C SER B 30 1.31 11.59 -7.28
N ALA B 31 0.64 11.87 -8.40
CA ALA B 31 0.39 10.87 -9.44
C ALA B 31 1.64 10.17 -9.95
N GLU B 32 2.79 10.85 -10.01
CA GLU B 32 3.99 10.29 -10.61
C GLU B 32 4.98 9.72 -9.60
N ASP B 33 4.86 10.13 -8.34
CA ASP B 33 5.39 9.38 -7.22
C ASP B 33 4.65 8.03 -7.15
N LEU B 34 3.32 8.06 -7.33
CA LEU B 34 2.50 6.86 -7.41
C LEU B 34 2.90 5.99 -8.61
N ARG B 35 3.12 6.62 -9.76
CA ARG B 35 3.59 6.00 -11.00
C ARG B 35 4.92 5.31 -10.73
N THR B 36 5.83 5.97 -10.03
CA THR B 36 7.10 5.38 -9.60
C THR B 36 6.82 4.12 -8.75
N LEU B 37 5.91 4.23 -7.77
CA LEU B 37 5.39 3.08 -7.01
C LEU B 37 4.80 2.00 -7.94
N GLN B 38 4.11 2.38 -9.02
CA GLN B 38 3.55 1.45 -9.98
C GLN B 38 4.66 0.78 -10.80
N GLN B 39 5.80 1.44 -11.00
CA GLN B 39 6.96 0.80 -11.61
C GLN B 39 7.55 -0.22 -10.63
N LEU B 40 7.51 0.06 -9.32
CA LEU B 40 7.83 -0.95 -8.31
C LEU B 40 6.82 -2.11 -8.32
N PHE B 41 5.55 -1.87 -8.69
CA PHE B 41 4.59 -2.96 -8.94
C PHE B 41 5.03 -3.80 -10.13
N LEU B 42 5.44 -3.15 -11.23
CA LEU B 42 5.97 -3.82 -12.40
C LEU B 42 7.29 -4.58 -12.11
N SER B 43 8.05 -4.15 -11.09
CA SER B 43 9.19 -4.87 -10.52
C SER B 43 8.70 -6.11 -9.76
N THR B 44 8.22 -5.95 -8.51
CA THR B 44 7.72 -7.04 -7.67
C THR B 44 6.55 -6.68 -6.77
N LEU B 45 6.41 -5.38 -6.45
CA LEU B 45 5.53 -4.88 -5.41
C LEU B 45 4.11 -5.36 -5.64
N SER B 46 3.62 -6.19 -4.72
CA SER B 46 2.32 -6.79 -4.76
C SER B 46 1.67 -6.44 -3.42
N PHE B 47 0.34 -6.49 -3.36
CA PHE B 47 -0.42 -6.05 -2.22
C PHE B 47 -1.16 -7.23 -1.63
N VAL B 48 -1.27 -7.20 -0.31
CA VAL B 48 -1.99 -8.15 0.50
C VAL B 48 -2.87 -7.39 1.47
N CYS B 49 -4.18 -7.60 1.33
CA CYS B 49 -5.19 -6.93 2.14
C CYS B 49 -5.04 -7.31 3.62
N PRO B 50 -5.55 -6.51 4.58
CA PRO B 50 -5.42 -6.85 6.01
C PRO B 50 -5.89 -8.27 6.39
N TRP B 51 -6.83 -8.87 5.65
CA TRP B 51 -7.28 -10.23 5.85
C TRP B 51 -6.14 -11.23 5.66
N CYS B 52 -5.59 -11.36 4.44
CA CYS B 52 -4.45 -12.25 4.21
C CYS B 52 -3.26 -11.84 5.06
N ALA B 53 -3.08 -10.54 5.28
CA ALA B 53 -1.97 -10.08 6.09
C ALA B 53 -2.00 -10.67 7.49
N THR B 54 -3.22 -10.78 8.05
CA THR B 54 -3.47 -11.32 9.38
C THR B 54 -3.49 -12.86 9.36
N ASN B 55 -4.25 -13.47 8.43
CA ASN B 55 -4.49 -14.92 8.40
C ASN B 55 -3.27 -15.69 7.91
N GLN B 56 -2.68 -15.17 6.83
CA GLN B 56 -1.78 -15.87 5.90
C GLN B 56 -2.36 -17.26 5.57
ZN ZN C . -7.05 5.85 7.15
ZN ZN D . -5.43 -10.55 -0.25
N GLY A 1 13.75 -22.11 9.95
CA GLY A 1 14.10 -21.29 11.11
C GLY A 1 13.16 -20.10 11.19
N SER A 2 12.84 -19.63 12.40
CA SER A 2 11.78 -18.66 12.65
C SER A 2 10.42 -19.17 12.11
N HIS A 3 9.41 -18.29 12.08
CA HIS A 3 8.09 -18.58 11.52
C HIS A 3 7.51 -17.27 10.97
N MET A 4 6.47 -17.36 10.12
CA MET A 4 5.83 -16.28 9.37
C MET A 4 6.86 -15.22 8.92
N ALA A 5 7.87 -15.67 8.18
CA ALA A 5 8.99 -14.90 7.71
C ALA A 5 9.18 -15.24 6.24
N GLU A 6 8.59 -14.43 5.36
CA GLU A 6 8.58 -14.66 3.93
C GLU A 6 9.35 -13.54 3.24
N PRO A 7 9.88 -13.78 2.04
CA PRO A 7 10.21 -12.69 1.13
C PRO A 7 8.87 -12.11 0.64
N GLN A 8 8.92 -10.93 0.00
CA GLN A 8 7.79 -10.27 -0.59
C GLN A 8 6.79 -9.81 0.48
N ARG A 9 6.00 -10.68 1.13
CA ARG A 9 5.01 -10.39 2.19
C ARG A 9 5.61 -9.56 3.34
N HIS A 10 5.68 -8.24 3.19
CA HIS A 10 6.34 -7.34 4.13
C HIS A 10 5.32 -6.32 4.65
N LYS A 11 5.65 -5.70 5.78
CA LYS A 11 4.69 -4.98 6.60
C LYS A 11 5.32 -3.68 7.10
N ILE A 12 5.09 -2.59 6.37
CA ILE A 12 5.55 -1.26 6.76
C ILE A 12 4.50 -0.72 7.74
N LEU A 13 4.76 -0.73 9.04
CA LEU A 13 3.90 -0.04 9.99
C LEU A 13 4.00 1.46 9.76
N CYS A 14 2.93 2.02 9.23
CA CYS A 14 2.70 3.42 8.96
C CYS A 14 1.50 3.86 9.81
N VAL A 15 1.06 5.11 9.66
CA VAL A 15 -0.28 5.52 10.04
C VAL A 15 -1.09 5.80 8.76
N CYS A 16 -2.42 5.78 8.89
CA CYS A 16 -3.31 6.33 7.90
C CYS A 16 -3.13 7.85 7.88
N CYS A 17 -3.10 8.46 6.70
CA CYS A 17 -3.07 9.91 6.53
C CYS A 17 -4.13 10.61 7.38
N LYS A 18 -5.36 10.11 7.36
CA LYS A 18 -6.55 10.85 7.77
C LYS A 18 -7.31 10.23 8.94
N CYS A 19 -7.07 8.95 9.24
CA CYS A 19 -7.45 8.37 10.52
C CYS A 19 -6.42 8.68 11.60
N ASP A 20 -5.19 9.05 11.18
CA ASP A 20 -3.98 9.12 12.02
C ASP A 20 -3.91 7.91 12.97
N GLY A 21 -4.04 6.73 12.37
CA GLY A 21 -4.16 5.45 13.07
C GLY A 21 -3.24 4.42 12.43
N ARG A 22 -2.78 3.45 13.23
CA ARG A 22 -1.77 2.46 12.91
C ARG A 22 -2.25 1.63 11.73
N ILE A 23 -1.50 1.64 10.62
CA ILE A 23 -1.71 0.68 9.54
C ILE A 23 -0.39 -0.06 9.30
N GLU A 24 -0.44 -1.37 9.48
CA GLU A 24 0.58 -2.31 9.06
C GLU A 24 0.45 -2.53 7.55
N LEU A 25 1.13 -1.68 6.77
CA LEU A 25 1.02 -1.63 5.31
C LEU A 25 1.61 -2.92 4.76
N THR A 26 0.74 -3.88 4.48
CA THR A 26 1.17 -5.18 4.02
C THR A 26 1.34 -5.09 2.50
N VAL A 27 2.57 -4.82 2.06
CA VAL A 27 2.91 -4.69 0.64
C VAL A 27 3.86 -5.85 0.35
N GLU A 28 3.72 -6.45 -0.84
CA GLU A 28 4.34 -7.73 -1.13
C GLU A 28 5.44 -7.36 -2.13
N SER A 29 6.61 -7.04 -1.58
CA SER A 29 7.63 -6.25 -2.25
C SER A 29 9.03 -6.69 -1.83
N SER A 30 10.07 -6.50 -2.66
CA SER A 30 11.43 -6.87 -2.23
C SER A 30 11.87 -5.93 -1.11
N ALA A 31 12.87 -6.30 -0.29
CA ALA A 31 13.27 -5.48 0.87
C ALA A 31 13.73 -4.08 0.45
N GLU A 32 14.60 -4.00 -0.55
CA GLU A 32 15.16 -2.74 -0.99
C GLU A 32 14.19 -1.95 -1.87
N ASP A 33 13.27 -2.66 -2.52
CA ASP A 33 12.15 -2.07 -3.25
C ASP A 33 11.15 -1.47 -2.25
N LEU A 34 10.90 -2.17 -1.15
CA LEU A 34 10.12 -1.68 -0.01
C LEU A 34 10.78 -0.44 0.58
N ARG A 35 12.09 -0.49 0.73
CA ARG A 35 12.91 0.63 1.18
C ARG A 35 12.69 1.79 0.23
N THR A 36 12.87 1.56 -1.06
CA THR A 36 12.69 2.54 -2.13
C THR A 36 11.28 3.15 -2.05
N LEU A 37 10.24 2.33 -2.02
CA LEU A 37 8.87 2.84 -1.93
C LEU A 37 8.64 3.56 -0.59
N GLN A 38 9.33 3.15 0.48
CA GLN A 38 9.32 3.86 1.74
C GLN A 38 10.09 5.19 1.63
N GLN A 39 11.08 5.33 0.73
CA GLN A 39 11.71 6.61 0.40
C GLN A 39 10.70 7.51 -0.32
N LEU A 40 9.81 6.95 -1.16
CA LEU A 40 8.68 7.71 -1.71
C LEU A 40 7.81 8.25 -0.55
N PHE A 41 7.47 7.40 0.43
CA PHE A 41 6.75 7.86 1.64
C PHE A 41 7.54 8.96 2.37
N LEU A 42 8.85 8.77 2.53
CA LEU A 42 9.77 9.74 3.12
C LEU A 42 9.79 11.06 2.34
N SER A 43 9.59 11.00 1.01
CA SER A 43 9.50 12.17 0.16
C SER A 43 8.17 12.89 0.39
N THR A 44 7.03 12.24 0.05
CA THR A 44 5.70 12.82 0.11
C THR A 44 4.59 11.82 0.44
N LEU A 45 4.79 10.54 0.14
CA LEU A 45 3.71 9.57 0.01
C LEU A 45 3.08 9.18 1.36
N SER A 46 1.81 8.78 1.30
CA SER A 46 1.02 8.33 2.43
C SER A 46 0.16 7.14 2.00
N PHE A 47 -0.56 6.54 2.96
CA PHE A 47 -1.48 5.45 2.72
C PHE A 47 -2.81 5.80 3.34
N VAL A 48 -3.86 5.21 2.75
CA VAL A 48 -5.24 5.51 2.99
C VAL A 48 -5.98 4.17 2.96
N CYS A 49 -6.26 3.61 4.14
CA CYS A 49 -6.84 2.27 4.28
C CYS A 49 -8.18 2.17 3.54
N PRO A 50 -8.59 0.99 3.04
CA PRO A 50 -9.84 0.85 2.30
C PRO A 50 -11.07 1.29 3.11
N TRP A 51 -10.99 1.19 4.44
CA TRP A 51 -11.96 1.72 5.38
C TRP A 51 -12.17 3.22 5.18
N CYS A 52 -11.13 4.05 5.39
CA CYS A 52 -11.27 5.48 5.17
C CYS A 52 -11.38 5.81 3.70
N ALA A 53 -10.88 4.96 2.80
CA ALA A 53 -11.02 5.26 1.40
C ALA A 53 -12.50 5.22 1.00
N THR A 54 -13.26 4.31 1.63
CA THR A 54 -14.69 4.14 1.45
C THR A 54 -15.47 5.19 2.24
N ASN A 55 -15.18 5.35 3.55
CA ASN A 55 -16.04 6.11 4.47
C ASN A 55 -15.64 7.59 4.57
N GLN A 56 -14.37 7.89 4.33
CA GLN A 56 -13.68 9.17 4.49
C GLN A 56 -14.08 9.90 5.78
N GLY B 1 -15.71 17.94 8.84
CA GLY B 1 -15.47 19.20 8.13
C GLY B 1 -14.15 19.13 7.36
N SER B 2 -13.65 20.27 6.90
CA SER B 2 -12.38 20.47 6.18
C SER B 2 -12.35 19.82 4.79
N HIS B 3 -12.61 18.51 4.70
CA HIS B 3 -12.42 17.68 3.52
C HIS B 3 -10.94 17.67 3.06
N MET B 4 -10.68 17.06 1.90
CA MET B 4 -9.46 17.23 1.12
C MET B 4 -9.86 17.26 -0.35
N ALA B 5 -8.98 17.76 -1.22
CA ALA B 5 -9.18 17.78 -2.66
C ALA B 5 -7.81 17.92 -3.33
N GLU B 6 -7.00 16.85 -3.30
CA GLU B 6 -5.61 16.89 -3.69
C GLU B 6 -5.29 15.70 -4.60
N PRO B 7 -4.35 15.85 -5.56
CA PRO B 7 -3.88 14.77 -6.42
C PRO B 7 -2.91 13.89 -5.62
N GLN B 8 -3.46 13.11 -4.70
CA GLN B 8 -2.70 12.22 -3.84
C GLN B 8 -3.49 10.94 -3.63
N ARG B 9 -4.67 10.99 -3.00
CA ARG B 9 -5.54 9.83 -2.77
C ARG B 9 -5.93 9.18 -4.09
N HIS B 10 -5.14 8.20 -4.54
CA HIS B 10 -5.23 7.58 -5.85
C HIS B 10 -5.40 6.07 -5.70
N LYS B 11 -5.83 5.39 -6.77
CA LYS B 11 -6.47 4.10 -6.67
C LYS B 11 -5.97 3.17 -7.77
N ILE B 12 -4.93 2.39 -7.47
CA ILE B 12 -4.38 1.43 -8.42
C ILE B 12 -5.23 0.16 -8.31
N LEU B 13 -6.15 -0.07 -9.25
CA LEU B 13 -6.89 -1.31 -9.31
C LEU B 13 -5.95 -2.44 -9.72
N CYS B 14 -5.61 -3.26 -8.74
CA CYS B 14 -4.73 -4.42 -8.80
C CYS B 14 -5.58 -5.65 -8.43
N VAL B 15 -4.92 -6.80 -8.30
CA VAL B 15 -5.45 -7.93 -7.55
C VAL B 15 -4.57 -8.18 -6.33
N CYS B 16 -5.12 -8.89 -5.34
CA CYS B 16 -4.37 -9.49 -4.25
C CYS B 16 -3.52 -10.62 -4.82
N CYS B 17 -2.25 -10.71 -4.42
CA CYS B 17 -1.37 -11.78 -4.87
C CYS B 17 -1.92 -13.18 -4.57
N LYS B 18 -2.57 -13.34 -3.40
CA LYS B 18 -2.90 -14.66 -2.86
C LYS B 18 -4.40 -14.91 -2.70
N CYS B 19 -5.23 -13.87 -2.65
CA CYS B 19 -6.67 -14.02 -2.80
C CYS B 19 -7.08 -14.04 -4.28
N ASP B 20 -6.19 -13.58 -5.19
CA ASP B 20 -6.47 -13.32 -6.60
C ASP B 20 -7.82 -12.63 -6.80
N GLY B 21 -8.01 -11.55 -6.03
CA GLY B 21 -9.23 -10.77 -5.98
C GLY B 21 -8.91 -9.30 -6.16
N ARG B 22 -9.84 -8.56 -6.77
CA ARG B 22 -9.78 -7.15 -7.14
C ARG B 22 -9.48 -6.33 -5.89
N ILE B 23 -8.29 -5.72 -5.81
CA ILE B 23 -8.03 -4.69 -4.82
C ILE B 23 -7.87 -3.36 -5.56
N GLU B 24 -8.79 -2.45 -5.28
CA GLU B 24 -8.68 -1.05 -5.60
C GLU B 24 -7.72 -0.40 -4.58
N LEU B 25 -6.43 -0.43 -4.90
CA LEU B 25 -5.36 -0.03 -4.00
C LEU B 25 -5.39 1.47 -3.80
N THR B 26 -6.07 1.93 -2.75
CA THR B 26 -6.03 3.33 -2.39
C THR B 26 -4.67 3.63 -1.73
N VAL B 27 -3.72 4.16 -2.50
CA VAL B 27 -2.42 4.65 -2.01
C VAL B 27 -2.49 6.15 -2.22
N GLU B 28 -1.94 6.92 -1.29
CA GLU B 28 -2.11 8.36 -1.30
C GLU B 28 -0.77 8.89 -1.80
N SER B 29 -0.69 9.08 -3.13
CA SER B 29 0.54 9.14 -3.86
C SER B 29 0.39 9.97 -5.13
N SER B 30 1.32 10.89 -5.40
CA SER B 30 1.29 11.77 -6.59
C SER B 30 1.22 10.93 -7.87
N ALA B 31 0.59 11.42 -8.94
CA ALA B 31 0.29 10.58 -10.12
C ALA B 31 1.53 9.89 -10.71
N GLU B 32 2.66 10.61 -10.82
CA GLU B 32 3.89 10.03 -11.36
C GLU B 32 4.65 9.20 -10.33
N ASP B 33 4.42 9.44 -9.04
CA ASP B 33 4.97 8.63 -7.96
C ASP B 33 4.21 7.30 -7.90
N LEU B 34 2.89 7.36 -8.08
CA LEU B 34 2.00 6.22 -8.28
C LEU B 34 2.46 5.44 -9.51
N ARG B 35 2.77 6.14 -10.59
CA ARG B 35 3.28 5.55 -11.81
C ARG B 35 4.57 4.83 -11.49
N THR B 36 5.52 5.51 -10.86
CA THR B 36 6.80 4.99 -10.44
C THR B 36 6.61 3.72 -9.60
N LEU B 37 5.79 3.77 -8.55
CA LEU B 37 5.53 2.62 -7.71
C LEU B 37 4.81 1.51 -8.51
N GLN B 38 3.97 1.88 -9.50
CA GLN B 38 3.37 0.92 -10.41
C GLN B 38 4.44 0.34 -11.37
N GLN B 39 5.55 1.03 -11.64
CA GLN B 39 6.69 0.47 -12.34
C GLN B 39 7.39 -0.56 -11.45
N LEU B 40 7.45 -0.34 -10.13
CA LEU B 40 7.86 -1.39 -9.19
C LEU B 40 6.95 -2.62 -9.34
N PHE B 41 5.62 -2.42 -9.44
CA PHE B 41 4.68 -3.53 -9.65
C PHE B 41 4.98 -4.23 -10.98
N LEU B 42 5.17 -3.46 -12.06
CA LEU B 42 5.56 -3.98 -13.37
C LEU B 42 6.91 -4.71 -13.32
N SER B 43 7.83 -4.30 -12.44
CA SER B 43 9.10 -4.98 -12.21
C SER B 43 8.85 -6.34 -11.53
N THR B 44 8.34 -6.33 -10.29
CA THR B 44 8.12 -7.52 -9.48
C THR B 44 6.96 -7.43 -8.49
N LEU B 45 6.58 -6.22 -8.08
CA LEU B 45 5.82 -5.99 -6.86
C LEU B 45 4.36 -6.46 -6.95
N SER B 46 3.81 -6.81 -5.78
CA SER B 46 2.45 -7.26 -5.57
C SER B 46 1.89 -6.61 -4.29
N PHE B 47 0.59 -6.82 -4.05
CA PHE B 47 -0.09 -6.30 -2.87
C PHE B 47 -0.89 -7.42 -2.22
N VAL B 48 -1.09 -7.26 -0.92
CA VAL B 48 -1.63 -8.25 -0.02
C VAL B 48 -2.57 -7.49 0.93
N CYS B 49 -3.87 -7.52 0.60
CA CYS B 49 -4.92 -6.76 1.29
C CYS B 49 -4.96 -7.12 2.79
N PRO B 50 -5.45 -6.23 3.68
CA PRO B 50 -5.43 -6.46 5.12
C PRO B 50 -6.18 -7.73 5.56
N TRP B 51 -7.14 -8.18 4.75
CA TRP B 51 -7.84 -9.45 4.90
C TRP B 51 -6.85 -10.62 4.89
N CYS B 52 -6.14 -10.87 3.78
CA CYS B 52 -5.12 -11.90 3.77
C CYS B 52 -3.89 -11.52 4.59
N ALA B 53 -3.65 -10.23 4.82
CA ALA B 53 -2.52 -9.89 5.64
C ALA B 53 -2.70 -10.49 7.04
N THR B 54 -3.95 -10.44 7.53
CA THR B 54 -4.44 -11.03 8.76
C THR B 54 -4.53 -12.57 8.63
N ASN B 55 -5.24 -13.09 7.62
CA ASN B 55 -5.64 -14.50 7.55
C ASN B 55 -4.60 -15.42 6.92
N GLN B 56 -3.59 -14.82 6.29
CA GLN B 56 -2.63 -15.45 5.38
C GLN B 56 -3.35 -15.96 4.13
ZN ZN C . -6.90 5.64 7.01
ZN ZN D . -5.25 -10.57 -0.82
N GLY A 1 4.91 -29.30 3.58
CA GLY A 1 3.56 -28.69 3.57
C GLY A 1 3.67 -27.21 3.24
N SER A 2 2.69 -26.42 3.70
CA SER A 2 2.63 -24.97 3.52
C SER A 2 3.79 -24.29 4.25
N HIS A 3 4.92 -24.11 3.56
CA HIS A 3 6.18 -23.61 4.14
C HIS A 3 6.78 -22.46 3.32
N MET A 4 6.15 -22.08 2.21
CA MET A 4 6.53 -20.92 1.41
C MET A 4 6.26 -19.64 2.24
N ALA A 5 7.32 -18.93 2.59
CA ALA A 5 7.30 -17.58 3.12
C ALA A 5 8.56 -16.91 2.62
N GLU A 6 8.44 -15.67 2.15
CA GLU A 6 9.41 -15.06 1.25
C GLU A 6 9.70 -13.63 1.68
N PRO A 7 10.85 -13.04 1.27
CA PRO A 7 11.23 -11.68 1.60
C PRO A 7 10.42 -10.67 0.76
N GLN A 8 9.10 -10.72 0.92
CA GLN A 8 8.12 -10.00 0.12
C GLN A 8 7.11 -9.37 1.07
N ARG A 9 6.22 -10.16 1.70
CA ARG A 9 5.17 -9.73 2.62
C ARG A 9 5.75 -8.98 3.82
N HIS A 10 5.88 -7.65 3.71
CA HIS A 10 6.55 -6.81 4.70
C HIS A 10 5.57 -5.75 5.21
N LYS A 11 5.92 -5.11 6.32
CA LYS A 11 4.98 -4.35 7.14
C LYS A 11 5.62 -3.02 7.53
N ILE A 12 5.31 -1.95 6.78
CA ILE A 12 5.75 -0.61 7.12
C ILE A 12 4.70 -0.05 8.09
N LEU A 13 4.99 -0.03 9.39
CA LEU A 13 4.12 0.61 10.36
C LEU A 13 4.16 2.11 10.12
N CYS A 14 3.02 2.64 9.70
CA CYS A 14 2.75 4.03 9.44
C CYS A 14 1.53 4.44 10.26
N VAL A 15 1.07 5.68 10.09
CA VAL A 15 -0.29 6.07 10.43
C VAL A 15 -1.04 6.41 9.15
N CYS A 16 -2.37 6.36 9.22
CA CYS A 16 -3.24 6.87 8.19
C CYS A 16 -3.20 8.38 8.23
N CYS A 17 -2.99 9.03 7.08
CA CYS A 17 -2.79 10.48 7.00
C CYS A 17 -3.97 11.26 7.59
N LYS A 18 -5.20 10.75 7.41
CA LYS A 18 -6.44 11.45 7.73
C LYS A 18 -7.13 10.91 8.98
N CYS A 19 -6.67 9.77 9.51
CA CYS A 19 -7.15 9.22 10.77
C CYS A 19 -6.15 9.41 11.90
N ASP A 20 -4.86 9.65 11.58
CA ASP A 20 -3.71 9.53 12.48
C ASP A 20 -3.71 8.19 13.25
N GLY A 21 -4.25 7.14 12.61
CA GLY A 21 -4.41 5.83 13.22
C GLY A 21 -3.37 4.87 12.68
N ARG A 22 -2.92 3.96 13.54
CA ARG A 22 -1.83 3.01 13.31
C ARG A 22 -2.21 2.10 12.15
N ILE A 23 -1.49 2.18 11.02
CA ILE A 23 -1.61 1.20 9.96
C ILE A 23 -0.28 0.47 9.85
N GLU A 24 -0.31 -0.83 10.08
CA GLU A 24 0.76 -1.74 9.69
C GLU A 24 0.64 -2.00 8.19
N LEU A 25 1.30 -1.17 7.38
CA LEU A 25 1.16 -1.17 5.92
C LEU A 25 1.77 -2.46 5.39
N THR A 26 0.95 -3.48 5.17
CA THR A 26 1.44 -4.71 4.61
C THR A 26 1.57 -4.53 3.10
N VAL A 27 2.79 -4.31 2.62
CA VAL A 27 3.12 -4.15 1.22
C VAL A 27 4.07 -5.31 0.92
N GLU A 28 3.84 -6.00 -0.20
CA GLU A 28 4.51 -7.25 -0.48
C GLU A 28 5.63 -6.84 -1.43
N SER A 29 6.78 -6.48 -0.84
CA SER A 29 7.78 -5.66 -1.48
C SER A 29 9.17 -6.03 -1.00
N SER A 30 10.10 -6.24 -1.92
CA SER A 30 11.45 -6.71 -1.61
C SER A 30 12.11 -5.70 -0.70
N ALA A 31 12.94 -6.11 0.27
CA ALA A 31 13.31 -5.25 1.40
C ALA A 31 13.83 -3.87 1.00
N GLU A 32 14.59 -3.76 -0.10
CA GLU A 32 15.17 -2.49 -0.50
C GLU A 32 14.39 -1.77 -1.59
N ASP A 33 13.47 -2.48 -2.22
CA ASP A 33 12.40 -1.91 -3.01
C ASP A 33 11.39 -1.25 -2.06
N LEU A 34 11.13 -1.90 -0.91
CA LEU A 34 10.38 -1.37 0.23
C LEU A 34 11.09 -0.16 0.80
N ARG A 35 12.40 -0.25 0.97
CA ARG A 35 13.24 0.86 1.43
C ARG A 35 13.08 2.02 0.46
N THR A 36 13.20 1.77 -0.84
CA THR A 36 13.05 2.77 -1.88
C THR A 36 11.66 3.43 -1.78
N LEU A 37 10.59 2.64 -1.72
CA LEU A 37 9.24 3.19 -1.58
C LEU A 37 9.08 3.93 -0.23
N GLN A 38 9.80 3.51 0.82
CA GLN A 38 9.87 4.21 2.09
C GLN A 38 10.65 5.52 1.97
N GLN A 39 11.61 5.63 1.04
CA GLN A 39 12.26 6.90 0.74
C GLN A 39 11.25 7.83 0.07
N LEU A 40 10.35 7.30 -0.79
CA LEU A 40 9.20 8.08 -1.23
C LEU A 40 8.38 8.57 -0.03
N PHE A 41 8.09 7.71 0.96
CA PHE A 41 7.34 8.14 2.16
C PHE A 41 8.09 9.24 2.91
N LEU A 42 9.40 9.09 3.06
CA LEU A 42 10.27 10.08 3.69
C LEU A 42 10.33 11.38 2.87
N SER A 43 10.15 11.33 1.55
CA SER A 43 10.19 12.47 0.67
C SER A 43 8.84 13.21 0.65
N THR A 44 7.77 12.49 0.29
CA THR A 44 6.52 13.02 -0.21
C THR A 44 5.27 12.23 0.19
N LEU A 45 5.41 10.95 0.51
CA LEU A 45 4.29 10.00 0.47
C LEU A 45 3.63 9.71 1.82
N SER A 46 2.34 9.36 1.75
CA SER A 46 1.50 8.95 2.85
C SER A 46 0.61 7.77 2.41
N PHE A 47 -0.14 7.18 3.35
CA PHE A 47 -1.05 6.08 3.08
C PHE A 47 -2.41 6.41 3.68
N VAL A 48 -3.44 5.80 3.09
CA VAL A 48 -4.82 6.01 3.40
C VAL A 48 -5.54 4.64 3.39
N CYS A 49 -5.80 4.08 4.58
CA CYS A 49 -6.37 2.74 4.76
C CYS A 49 -7.71 2.60 4.02
N PRO A 50 -8.05 1.41 3.48
CA PRO A 50 -9.24 1.25 2.63
C PRO A 50 -10.55 1.57 3.36
N TRP A 51 -10.58 1.40 4.69
CA TRP A 51 -11.68 1.82 5.55
C TRP A 51 -11.92 3.33 5.39
N CYS A 52 -10.93 4.15 5.76
CA CYS A 52 -11.07 5.60 5.72
C CYS A 52 -11.15 6.12 4.30
N ALA A 53 -10.65 5.35 3.33
CA ALA A 53 -10.73 5.72 1.95
C ALA A 53 -12.19 5.61 1.48
N THR A 54 -12.82 4.48 1.82
CA THR A 54 -14.22 4.20 1.51
C THR A 54 -15.13 5.22 2.20
N ASN A 55 -14.86 5.52 3.48
CA ASN A 55 -15.68 6.45 4.27
C ASN A 55 -15.50 7.88 3.81
N GLN A 56 -14.26 8.30 3.57
CA GLN A 56 -13.79 9.69 3.54
C GLN A 56 -14.11 10.36 4.88
N GLY B 1 -17.79 10.87 4.42
CA GLY B 1 -17.90 11.64 3.18
C GLY B 1 -18.25 10.73 2.02
N SER B 2 -17.55 10.86 0.88
CA SER B 2 -17.76 10.08 -0.33
C SER B 2 -16.47 10.07 -1.18
N HIS B 3 -16.60 9.68 -2.45
CA HIS B 3 -15.63 10.00 -3.50
C HIS B 3 -15.46 11.52 -3.60
N MET B 4 -14.23 11.96 -3.86
CA MET B 4 -13.89 13.30 -4.27
C MET B 4 -12.57 13.18 -5.04
N ALA B 5 -12.34 14.06 -6.01
CA ALA B 5 -11.11 14.16 -6.77
C ALA B 5 -10.05 14.88 -5.93
N GLU B 6 -9.52 14.21 -4.90
CA GLU B 6 -8.57 14.81 -3.99
C GLU B 6 -7.16 14.67 -4.58
N PRO B 7 -6.23 15.60 -4.28
CA PRO B 7 -4.81 15.36 -4.47
C PRO B 7 -4.34 14.39 -3.38
N GLN B 8 -3.19 13.75 -3.63
CA GLN B 8 -2.50 12.85 -2.75
C GLN B 8 -3.27 11.52 -2.75
N ARG B 9 -4.51 11.49 -2.21
CA ARG B 9 -5.39 10.34 -2.07
C ARG B 9 -5.70 9.67 -3.42
N HIS B 10 -4.83 8.79 -3.91
CA HIS B 10 -4.96 8.17 -5.22
C HIS B 10 -5.11 6.66 -5.06
N LYS B 11 -5.51 5.96 -6.12
CA LYS B 11 -6.12 4.64 -6.04
C LYS B 11 -5.55 3.75 -7.14
N ILE B 12 -4.49 2.99 -6.81
CA ILE B 12 -3.93 2.00 -7.72
C ILE B 12 -4.77 0.73 -7.52
N LEU B 13 -5.70 0.44 -8.42
CA LEU B 13 -6.38 -0.84 -8.42
C LEU B 13 -5.36 -1.92 -8.75
N CYS B 14 -5.11 -2.78 -7.78
CA CYS B 14 -4.30 -3.98 -7.87
C CYS B 14 -5.21 -5.18 -7.53
N VAL B 15 -4.62 -6.37 -7.49
CA VAL B 15 -5.18 -7.50 -6.77
C VAL B 15 -4.30 -7.82 -5.57
N CYS B 16 -4.86 -8.51 -4.58
CA CYS B 16 -4.10 -9.10 -3.51
C CYS B 16 -3.30 -10.26 -4.08
N CYS B 17 -1.99 -10.26 -3.83
CA CYS B 17 -1.07 -11.25 -4.40
C CYS B 17 -1.51 -12.69 -4.15
N LYS B 18 -2.11 -12.97 -2.99
CA LYS B 18 -2.47 -14.32 -2.57
C LYS B 18 -3.97 -14.61 -2.66
N CYS B 19 -4.83 -13.58 -2.66
CA CYS B 19 -6.27 -13.76 -2.74
C CYS B 19 -6.75 -13.65 -4.19
N ASP B 20 -5.92 -13.08 -5.08
CA ASP B 20 -6.28 -12.63 -6.43
C ASP B 20 -7.59 -11.82 -6.43
N GLY B 21 -7.78 -11.03 -5.37
CA GLY B 21 -8.99 -10.25 -5.15
C GLY B 21 -8.68 -8.78 -5.31
N ARG B 22 -9.65 -8.03 -5.83
CA ARG B 22 -9.54 -6.62 -6.20
C ARG B 22 -9.20 -5.82 -4.95
N ILE B 23 -8.03 -5.16 -4.94
CA ILE B 23 -7.72 -4.16 -3.94
C ILE B 23 -7.54 -2.82 -4.64
N GLU B 24 -8.36 -1.86 -4.24
CA GLU B 24 -8.12 -0.46 -4.53
C GLU B 24 -7.03 0.05 -3.58
N LEU B 25 -5.77 0.03 -4.03
CA LEU B 25 -4.64 0.48 -3.21
C LEU B 25 -4.74 1.99 -3.09
N THR B 26 -5.37 2.46 -2.03
CA THR B 26 -5.50 3.89 -1.79
C THR B 26 -4.20 4.37 -1.15
N VAL B 27 -3.26 4.84 -1.97
CA VAL B 27 -1.94 5.29 -1.57
C VAL B 27 -1.99 6.80 -1.76
N GLU B 28 -1.62 7.54 -0.72
CA GLU B 28 -1.81 8.97 -0.67
C GLU B 28 -0.47 9.53 -1.18
N SER B 29 -0.34 9.51 -2.50
CA SER B 29 0.91 9.54 -3.22
C SER B 29 0.74 10.32 -4.51
N SER B 30 1.56 11.35 -4.69
CA SER B 30 1.44 12.32 -5.78
C SER B 30 1.49 11.60 -7.12
N ALA B 31 0.80 12.08 -8.16
CA ALA B 31 0.49 11.25 -9.33
C ALA B 31 1.69 10.52 -9.93
N GLU B 32 2.88 11.15 -9.98
CA GLU B 32 4.03 10.54 -10.61
C GLU B 32 4.99 9.88 -9.64
N ASP B 33 4.79 10.16 -8.35
CA ASP B 33 5.33 9.41 -7.24
C ASP B 33 4.56 8.07 -7.14
N LEU B 34 3.24 8.12 -7.35
CA LEU B 34 2.36 6.97 -7.52
C LEU B 34 2.77 6.17 -8.73
N ARG B 35 3.04 6.86 -9.83
CA ARG B 35 3.52 6.28 -11.08
C ARG B 35 4.83 5.57 -10.80
N THR B 36 5.78 6.24 -10.16
CA THR B 36 7.07 5.65 -9.82
C THR B 36 6.86 4.37 -9.00
N LEU B 37 6.06 4.43 -7.93
CA LEU B 37 5.79 3.23 -7.13
C LEU B 37 4.99 2.16 -7.92
N GLN B 38 4.17 2.56 -8.90
CA GLN B 38 3.53 1.64 -9.83
C GLN B 38 4.59 0.98 -10.74
N GLN B 39 5.67 1.69 -11.10
CA GLN B 39 6.76 1.08 -11.84
C GLN B 39 7.46 0.05 -10.96
N LEU B 40 7.58 0.30 -9.65
CA LEU B 40 8.02 -0.74 -8.70
C LEU B 40 7.07 -1.95 -8.78
N PHE B 41 5.75 -1.75 -8.82
CA PHE B 41 4.80 -2.86 -8.95
C PHE B 41 5.00 -3.62 -10.26
N LEU B 42 5.17 -2.88 -11.37
CA LEU B 42 5.44 -3.44 -12.68
C LEU B 42 6.80 -4.18 -12.72
N SER B 43 7.76 -3.77 -11.89
CA SER B 43 9.08 -4.36 -11.77
C SER B 43 9.09 -5.61 -10.89
N THR B 44 8.75 -5.42 -9.61
CA THR B 44 9.08 -6.30 -8.51
C THR B 44 8.01 -6.47 -7.44
N LEU B 45 7.06 -5.55 -7.37
CA LEU B 45 6.22 -5.34 -6.19
C LEU B 45 4.80 -5.85 -6.31
N SER B 46 4.20 -6.17 -5.15
CA SER B 46 2.84 -6.64 -4.99
C SER B 46 2.24 -6.04 -3.69
N PHE B 47 0.96 -6.32 -3.43
CA PHE B 47 0.28 -5.86 -2.23
C PHE B 47 -0.49 -7.00 -1.62
N VAL B 48 -0.69 -6.90 -0.30
CA VAL B 48 -1.27 -7.89 0.55
C VAL B 48 -2.20 -7.16 1.54
N CYS B 49 -3.52 -7.24 1.29
CA CYS B 49 -4.55 -6.49 2.03
C CYS B 49 -4.47 -6.79 3.54
N PRO B 50 -4.77 -5.84 4.45
CA PRO B 50 -4.57 -6.04 5.89
C PRO B 50 -5.34 -7.24 6.47
N TRP B 51 -6.48 -7.58 5.86
CA TRP B 51 -7.25 -8.79 6.16
C TRP B 51 -6.36 -10.02 5.97
N CYS B 52 -5.92 -10.31 4.73
CA CYS B 52 -5.07 -11.47 4.47
C CYS B 52 -3.71 -11.33 5.13
N ALA B 53 -3.26 -10.09 5.34
CA ALA B 53 -2.00 -9.88 6.01
C ALA B 53 -2.08 -10.46 7.43
N THR B 54 -3.23 -10.27 8.08
CA THR B 54 -3.56 -10.81 9.39
C THR B 54 -3.90 -12.31 9.32
N ASN B 55 -4.76 -12.72 8.37
CA ASN B 55 -5.34 -14.09 8.31
C ASN B 55 -4.39 -15.13 7.76
N GLN B 56 -3.32 -14.67 7.10
CA GLN B 56 -2.43 -15.41 6.21
C GLN B 56 -3.21 -15.80 4.95
ZN ZN C . -6.75 6.17 7.27
ZN ZN D . -4.89 -10.23 -0.05
N GLY A 1 3.17 -17.73 19.48
CA GLY A 1 2.63 -16.61 18.69
C GLY A 1 2.56 -17.02 17.23
N SER A 2 2.68 -16.06 16.31
CA SER A 2 2.93 -16.40 14.91
C SER A 2 4.32 -17.03 14.78
N HIS A 3 4.56 -17.66 13.64
CA HIS A 3 5.78 -18.39 13.28
C HIS A 3 5.92 -18.40 11.75
N MET A 4 5.64 -17.26 11.12
CA MET A 4 5.59 -17.08 9.68
C MET A 4 6.39 -15.83 9.32
N ALA A 5 7.35 -15.96 8.40
CA ALA A 5 8.37 -15.00 8.04
C ALA A 5 9.05 -15.41 6.74
N GLU A 6 8.67 -14.82 5.62
CA GLU A 6 9.20 -15.18 4.31
C GLU A 6 9.50 -13.91 3.51
N PRO A 7 10.32 -13.98 2.44
CA PRO A 7 10.52 -12.84 1.56
C PRO A 7 9.23 -12.48 0.82
N GLN A 8 9.28 -11.39 0.04
CA GLN A 8 8.19 -10.72 -0.62
C GLN A 8 7.18 -10.19 0.42
N ARG A 9 6.36 -11.04 1.04
CA ARG A 9 5.30 -10.73 2.02
C ARG A 9 5.82 -9.91 3.21
N HIS A 10 5.90 -8.59 3.06
CA HIS A 10 6.51 -7.67 4.01
C HIS A 10 5.50 -6.63 4.46
N LYS A 11 5.81 -5.90 5.54
CA LYS A 11 4.85 -5.08 6.27
C LYS A 11 5.51 -3.77 6.66
N ILE A 12 5.20 -2.69 5.93
CA ILE A 12 5.64 -1.34 6.25
C ILE A 12 4.57 -0.76 7.17
N LEU A 13 4.78 -0.74 8.48
CA LEU A 13 3.89 -0.05 9.38
C LEU A 13 4.01 1.45 9.15
N CYS A 14 2.92 2.04 8.67
CA CYS A 14 2.75 3.47 8.50
C CYS A 14 1.46 3.91 9.20
N VAL A 15 1.05 5.17 8.97
CA VAL A 15 -0.23 5.69 9.44
C VAL A 15 -1.02 6.27 8.25
N CYS A 16 -2.34 6.31 8.41
CA CYS A 16 -3.28 6.83 7.43
C CYS A 16 -3.27 8.36 7.49
N CYS A 17 -3.01 9.06 6.39
CA CYS A 17 -2.85 10.52 6.45
C CYS A 17 -4.15 11.23 6.80
N LYS A 18 -5.32 10.67 6.46
CA LYS A 18 -6.58 11.38 6.61
C LYS A 18 -7.21 11.10 7.98
N CYS A 19 -6.77 10.06 8.70
CA CYS A 19 -7.39 9.60 9.93
C CYS A 19 -6.40 9.15 11.01
N ASP A 20 -5.08 9.25 10.79
CA ASP A 20 -3.97 8.83 11.66
C ASP A 20 -4.10 7.39 12.17
N GLY A 21 -4.80 6.54 11.42
CA GLY A 21 -4.98 5.15 11.80
C GLY A 21 -3.71 4.37 11.49
N ARG A 22 -3.42 3.38 12.34
CA ARG A 22 -2.29 2.46 12.20
C ARG A 22 -2.52 1.58 10.96
N ILE A 23 -1.61 1.62 9.98
CA ILE A 23 -1.70 0.75 8.81
C ILE A 23 -0.41 -0.05 8.68
N GLU A 24 -0.51 -1.36 8.89
CA GLU A 24 0.53 -2.31 8.59
C GLU A 24 0.48 -2.61 7.08
N LEU A 25 1.17 -1.78 6.30
CA LEU A 25 1.10 -1.78 4.84
C LEU A 25 1.74 -3.07 4.34
N THR A 26 0.92 -4.08 4.09
CA THR A 26 1.42 -5.36 3.65
C THR A 26 1.62 -5.29 2.14
N VAL A 27 2.88 -5.16 1.72
CA VAL A 27 3.27 -5.12 0.32
C VAL A 27 4.21 -6.31 0.12
N GLU A 28 4.21 -6.89 -1.08
CA GLU A 28 4.75 -8.22 -1.27
C GLU A 28 5.88 -8.08 -2.30
N SER A 29 7.07 -7.68 -1.82
CA SER A 29 8.20 -7.31 -2.69
C SER A 29 9.54 -7.47 -2.01
N SER A 30 10.64 -7.38 -2.77
CA SER A 30 11.99 -7.43 -2.25
C SER A 30 12.22 -6.25 -1.29
N ALA A 31 13.09 -6.42 -0.30
CA ALA A 31 13.27 -5.44 0.77
C ALA A 31 13.66 -4.06 0.23
N GLU A 32 14.59 -3.99 -0.71
CA GLU A 32 15.06 -2.72 -1.28
C GLU A 32 14.00 -2.04 -2.14
N ASP A 33 13.16 -2.82 -2.81
CA ASP A 33 12.05 -2.34 -3.61
C ASP A 33 10.98 -1.72 -2.69
N LEU A 34 10.64 -2.45 -1.61
CA LEU A 34 9.81 -2.02 -0.48
C LEU A 34 10.33 -0.73 0.14
N ARG A 35 11.65 -0.67 0.28
CA ARG A 35 12.41 0.39 0.94
C ARG A 35 12.38 1.60 0.05
N THR A 36 12.62 1.43 -1.25
CA THR A 36 12.49 2.50 -2.23
C THR A 36 11.07 3.09 -2.12
N LEU A 37 10.05 2.23 -2.13
CA LEU A 37 8.66 2.60 -1.84
C LEU A 37 8.52 3.31 -0.48
N GLN A 38 9.23 2.88 0.55
CA GLN A 38 9.22 3.52 1.86
C GLN A 38 9.84 4.92 1.74
N GLN A 39 10.84 5.14 0.88
CA GLN A 39 11.42 6.46 0.65
C GLN A 39 10.43 7.36 -0.11
N LEU A 40 9.58 6.79 -0.98
CA LEU A 40 8.45 7.54 -1.55
C LEU A 40 7.54 8.03 -0.41
N PHE A 41 7.17 7.14 0.51
CA PHE A 41 6.35 7.50 1.67
C PHE A 41 7.06 8.54 2.54
N LEU A 42 8.35 8.38 2.76
CA LEU A 42 9.21 9.32 3.48
C LEU A 42 9.23 10.68 2.77
N SER A 43 9.24 10.70 1.44
CA SER A 43 9.22 11.91 0.64
C SER A 43 7.87 12.63 0.80
N THR A 44 6.78 11.97 0.39
CA THR A 44 5.46 12.57 0.23
C THR A 44 4.30 11.59 0.41
N LEU A 45 4.51 10.31 0.09
CA LEU A 45 3.41 9.37 -0.13
C LEU A 45 2.76 8.90 1.17
N SER A 46 1.47 8.55 1.10
CA SER A 46 0.77 7.89 2.18
C SER A 46 -0.28 6.92 1.63
N PHE A 47 -0.88 6.14 2.53
CA PHE A 47 -1.88 5.15 2.21
C PHE A 47 -3.14 5.57 2.93
N VAL A 48 -4.27 5.19 2.36
CA VAL A 48 -5.55 5.31 2.99
C VAL A 48 -6.17 3.92 3.12
N CYS A 49 -6.21 3.44 4.37
CA CYS A 49 -6.65 2.09 4.74
C CYS A 49 -8.03 1.82 4.15
N PRO A 50 -8.38 0.56 3.78
CA PRO A 50 -9.66 0.26 3.14
C PRO A 50 -10.86 0.67 4.00
N TRP A 51 -10.70 0.66 5.33
CA TRP A 51 -11.63 1.29 6.26
C TRP A 51 -11.87 2.76 5.89
N CYS A 52 -10.83 3.59 5.90
CA CYS A 52 -10.98 5.02 5.65
C CYS A 52 -11.38 5.29 4.22
N ALA A 53 -10.95 4.45 3.28
CA ALA A 53 -11.32 4.56 1.90
C ALA A 53 -12.82 4.29 1.70
N THR A 54 -13.39 3.39 2.51
CA THR A 54 -14.82 3.07 2.51
C THR A 54 -15.62 4.16 3.23
N ASN A 55 -15.14 4.65 4.39
CA ASN A 55 -15.83 5.70 5.16
C ASN A 55 -15.78 7.04 4.42
N GLN A 56 -14.63 7.32 3.81
CA GLN A 56 -14.21 8.51 3.08
C GLN A 56 -14.72 9.81 3.71
N GLY B 1 -6.32 22.65 10.69
CA GLY B 1 -7.05 22.60 9.41
C GLY B 1 -6.44 21.53 8.51
N SER B 2 -7.06 21.26 7.36
CA SER B 2 -6.54 20.40 6.31
C SER B 2 -7.18 20.84 4.99
N HIS B 3 -6.89 20.13 3.90
CA HIS B 3 -7.43 20.34 2.56
C HIS B 3 -7.63 18.97 1.90
N MET B 4 -8.18 18.92 0.68
CA MET B 4 -8.60 17.68 0.02
C MET B 4 -8.68 17.87 -1.50
N ALA B 5 -9.10 16.81 -2.21
CA ALA B 5 -9.37 16.77 -3.66
C ALA B 5 -8.16 17.16 -4.53
N GLU B 6 -6.97 17.04 -3.95
CA GLU B 6 -5.71 17.23 -4.63
C GLU B 6 -5.33 15.95 -5.40
N PRO B 7 -4.39 16.03 -6.37
CA PRO B 7 -3.88 14.87 -7.12
C PRO B 7 -2.96 14.02 -6.24
N GLN B 8 -3.54 13.46 -5.17
CA GLN B 8 -2.86 12.70 -4.14
C GLN B 8 -3.62 11.39 -3.94
N ARG B 9 -4.76 11.42 -3.24
CA ARG B 9 -5.62 10.27 -2.93
C ARG B 9 -6.04 9.51 -4.21
N HIS B 10 -5.28 8.49 -4.60
CA HIS B 10 -5.48 7.74 -5.84
C HIS B 10 -5.75 6.27 -5.54
N LYS B 11 -6.19 5.53 -6.57
CA LYS B 11 -6.83 4.23 -6.45
C LYS B 11 -6.24 3.30 -7.51
N ILE B 12 -5.13 2.62 -7.19
CA ILE B 12 -4.54 1.65 -8.11
C ILE B 12 -5.31 0.34 -7.93
N LEU B 13 -6.23 0.04 -8.82
CA LEU B 13 -6.93 -1.23 -8.84
C LEU B 13 -5.94 -2.32 -9.25
N CYS B 14 -5.60 -3.19 -8.31
CA CYS B 14 -4.85 -4.41 -8.52
C CYS B 14 -5.70 -5.61 -8.07
N VAL B 15 -5.10 -6.79 -8.05
CA VAL B 15 -5.65 -7.95 -7.36
C VAL B 15 -4.69 -8.32 -6.23
N CYS B 16 -5.24 -8.94 -5.18
CA CYS B 16 -4.46 -9.55 -4.12
C CYS B 16 -3.71 -10.74 -4.69
N CYS B 17 -2.40 -10.83 -4.44
CA CYS B 17 -1.54 -11.90 -4.96
C CYS B 17 -2.07 -13.30 -4.66
N LYS B 18 -2.74 -13.49 -3.52
CA LYS B 18 -3.12 -14.80 -3.00
C LYS B 18 -4.62 -15.00 -2.85
N CYS B 19 -5.43 -13.93 -2.82
CA CYS B 19 -6.87 -14.03 -2.92
C CYS B 19 -7.34 -13.97 -4.38
N ASP B 20 -6.50 -13.46 -5.29
CA ASP B 20 -6.84 -13.06 -6.66
C ASP B 20 -8.14 -12.22 -6.68
N GLY B 21 -8.29 -11.36 -5.66
CA GLY B 21 -9.46 -10.54 -5.44
C GLY B 21 -9.10 -9.08 -5.62
N ARG B 22 -10.07 -8.31 -6.13
CA ARG B 22 -9.96 -6.91 -6.52
C ARG B 22 -9.57 -6.06 -5.33
N ILE B 23 -8.36 -5.50 -5.32
CA ILE B 23 -7.97 -4.49 -4.36
C ILE B 23 -7.89 -3.15 -5.07
N GLU B 24 -8.74 -2.21 -4.67
CA GLU B 24 -8.61 -0.80 -5.02
C GLU B 24 -7.56 -0.17 -4.08
N LEU B 25 -6.28 -0.23 -4.48
CA LEU B 25 -5.17 0.21 -3.64
C LEU B 25 -5.29 1.72 -3.46
N THR B 26 -5.82 2.13 -2.32
CA THR B 26 -6.14 3.52 -2.03
C THR B 26 -4.85 4.14 -1.45
N VAL B 27 -3.99 4.65 -2.34
CA VAL B 27 -2.65 5.17 -2.04
C VAL B 27 -2.68 6.67 -2.39
N GLU B 28 -2.56 7.51 -1.37
CA GLU B 28 -2.37 8.96 -1.54
C GLU B 28 -0.97 9.18 -2.11
N SER B 29 -0.87 9.35 -3.42
CA SER B 29 0.36 9.14 -4.13
C SER B 29 0.34 9.85 -5.47
N SER B 30 1.25 10.80 -5.63
CA SER B 30 1.29 11.74 -6.73
C SER B 30 1.46 10.96 -8.03
N ALA B 31 0.79 11.33 -9.13
CA ALA B 31 0.66 10.44 -10.29
C ALA B 31 1.98 9.82 -10.74
N GLU B 32 3.06 10.61 -10.80
CA GLU B 32 4.32 10.15 -11.35
C GLU B 32 5.12 9.32 -10.35
N ASP B 33 4.92 9.59 -9.06
CA ASP B 33 5.44 8.83 -7.96
C ASP B 33 4.67 7.50 -7.87
N LEU B 34 3.34 7.54 -8.01
CA LEU B 34 2.46 6.37 -8.11
C LEU B 34 2.87 5.48 -9.28
N ARG B 35 3.26 6.11 -10.38
CA ARG B 35 3.75 5.50 -11.60
C ARG B 35 5.09 4.87 -11.32
N THR B 36 5.98 5.57 -10.64
CA THR B 36 7.25 5.01 -10.20
C THR B 36 6.99 3.76 -9.33
N LEU B 37 6.08 3.85 -8.36
CA LEU B 37 5.55 2.73 -7.57
C LEU B 37 4.97 1.62 -8.48
N GLN B 38 4.27 1.98 -9.56
CA GLN B 38 3.72 1.03 -10.53
C GLN B 38 4.88 0.34 -11.27
N GLN B 39 6.03 1.00 -11.46
CA GLN B 39 7.21 0.37 -12.03
C GLN B 39 7.84 -0.58 -11.02
N LEU B 40 7.80 -0.27 -9.70
CA LEU B 40 8.15 -1.25 -8.66
C LEU B 40 7.21 -2.47 -8.71
N PHE B 41 5.93 -2.25 -9.05
CA PHE B 41 4.93 -3.29 -9.24
C PHE B 41 5.35 -4.21 -10.39
N LEU B 42 5.70 -3.61 -11.53
CA LEU B 42 6.23 -4.31 -12.70
C LEU B 42 7.59 -4.96 -12.42
N SER B 43 8.41 -4.37 -11.56
CA SER B 43 9.70 -4.90 -11.12
C SER B 43 9.51 -6.21 -10.37
N THR B 44 8.68 -6.20 -9.31
CA THR B 44 8.47 -7.35 -8.43
C THR B 44 7.22 -7.20 -7.54
N LEU B 45 6.85 -5.98 -7.14
CA LEU B 45 5.92 -5.75 -6.03
C LEU B 45 4.51 -6.27 -6.35
N SER B 46 4.10 -7.36 -5.72
CA SER B 46 2.70 -7.73 -5.60
C SER B 46 2.13 -7.05 -4.34
N PHE B 47 0.82 -7.16 -4.15
CA PHE B 47 0.11 -6.54 -3.06
C PHE B 47 -0.80 -7.57 -2.40
N VAL B 48 -0.97 -7.40 -1.08
CA VAL B 48 -1.51 -8.36 -0.16
C VAL B 48 -2.37 -7.57 0.85
N CYS B 49 -3.69 -7.62 0.68
CA CYS B 49 -4.66 -6.88 1.48
C CYS B 49 -4.54 -7.26 2.97
N PRO B 50 -4.89 -6.37 3.93
CA PRO B 50 -4.68 -6.63 5.36
C PRO B 50 -5.44 -7.87 5.87
N TRP B 51 -6.54 -8.23 5.21
CA TRP B 51 -7.30 -9.45 5.43
C TRP B 51 -6.41 -10.67 5.28
N CYS B 52 -5.89 -10.94 4.08
CA CYS B 52 -4.99 -12.06 3.87
C CYS B 52 -3.64 -11.84 4.52
N ALA B 53 -3.24 -10.58 4.74
CA ALA B 53 -1.98 -10.34 5.39
C ALA B 53 -2.00 -11.00 6.78
N THR B 54 -3.12 -10.79 7.47
CA THR B 54 -3.44 -11.32 8.79
C THR B 54 -3.77 -12.81 8.73
N ASN B 55 -4.70 -13.23 7.86
CA ASN B 55 -5.36 -14.55 7.94
C ASN B 55 -4.81 -15.56 6.93
N GLN B 56 -4.06 -15.09 5.93
CA GLN B 56 -3.81 -15.76 4.67
C GLN B 56 -5.12 -16.21 4.02
ZN ZN C . -6.83 5.89 6.67
ZN ZN D . -5.19 -10.61 -0.62
N GLY A 1 5.14 -24.64 13.13
CA GLY A 1 4.44 -23.87 12.08
C GLY A 1 5.20 -24.01 10.76
N SER A 2 4.94 -23.14 9.77
CA SER A 2 5.74 -23.13 8.55
C SER A 2 7.17 -22.67 8.88
N HIS A 3 7.28 -21.57 9.65
CA HIS A 3 8.47 -20.76 9.92
C HIS A 3 9.06 -20.13 8.65
N MET A 4 9.07 -20.86 7.54
CA MET A 4 9.17 -20.29 6.21
C MET A 4 7.99 -19.35 5.99
N ALA A 5 8.30 -18.20 5.41
CA ALA A 5 7.44 -17.27 4.69
C ALA A 5 8.38 -16.52 3.72
N GLU A 6 7.79 -15.82 2.75
CA GLU A 6 8.51 -15.33 1.59
C GLU A 6 9.08 -13.93 1.86
N PRO A 7 10.23 -13.57 1.25
CA PRO A 7 10.85 -12.26 1.37
C PRO A 7 10.12 -11.26 0.48
N GLN A 8 8.82 -11.08 0.73
CA GLN A 8 7.94 -10.27 -0.09
C GLN A 8 6.82 -9.69 0.79
N ARG A 9 5.92 -10.52 1.35
CA ARG A 9 4.82 -10.12 2.23
C ARG A 9 5.37 -9.35 3.45
N HIS A 10 5.44 -8.02 3.36
CA HIS A 10 6.15 -7.16 4.30
C HIS A 10 5.21 -6.08 4.83
N LYS A 11 5.36 -5.72 6.10
CA LYS A 11 4.32 -5.07 6.89
C LYS A 11 4.85 -3.76 7.47
N ILE A 12 4.68 -2.68 6.72
CA ILE A 12 5.13 -1.35 7.08
C ILE A 12 4.03 -0.76 7.98
N LEU A 13 4.23 -0.68 9.29
CA LEU A 13 3.34 0.07 10.15
C LEU A 13 3.46 1.55 9.78
N CYS A 14 2.38 2.10 9.24
CA CYS A 14 2.18 3.51 8.96
C CYS A 14 1.00 4.02 9.79
N VAL A 15 0.64 5.29 9.58
CA VAL A 15 -0.65 5.84 9.97
C VAL A 15 -1.38 6.33 8.72
N CYS A 16 -2.69 6.51 8.85
CA CYS A 16 -3.57 6.97 7.80
C CYS A 16 -3.62 8.49 7.80
N CYS A 17 -3.11 9.16 6.76
CA CYS A 17 -2.96 10.62 6.78
C CYS A 17 -4.28 11.37 6.52
N LYS A 18 -5.43 10.67 6.43
CA LYS A 18 -6.73 11.31 6.39
C LYS A 18 -7.55 11.13 7.68
N CYS A 19 -7.27 10.11 8.49
CA CYS A 19 -8.06 9.76 9.66
C CYS A 19 -7.21 9.42 10.91
N ASP A 20 -5.89 9.57 10.82
CA ASP A 20 -4.89 9.33 11.87
C ASP A 20 -5.11 7.99 12.61
N GLY A 21 -5.44 6.95 11.85
CA GLY A 21 -5.50 5.59 12.38
C GLY A 21 -4.18 4.89 12.11
N ARG A 22 -3.80 3.99 13.00
CA ARG A 22 -2.69 3.06 12.80
C ARG A 22 -3.05 2.16 11.63
N ILE A 23 -2.15 1.99 10.66
CA ILE A 23 -2.32 1.02 9.61
C ILE A 23 -1.06 0.16 9.55
N GLU A 24 -1.19 -1.15 9.75
CA GLU A 24 -0.16 -2.06 9.30
C GLU A 24 -0.34 -2.25 7.79
N LEU A 25 0.59 -1.71 7.00
CA LEU A 25 0.57 -1.78 5.55
C LEU A 25 1.28 -3.05 5.12
N THR A 26 0.53 -4.13 4.90
CA THR A 26 1.10 -5.25 4.20
C THR A 26 1.18 -4.84 2.73
N VAL A 27 2.40 -4.73 2.20
CA VAL A 27 2.69 -4.56 0.78
C VAL A 27 3.66 -5.71 0.46
N GLU A 28 3.49 -6.38 -0.68
CA GLU A 28 4.21 -7.62 -0.93
C GLU A 28 5.37 -7.22 -1.83
N SER A 29 6.55 -6.99 -1.23
CA SER A 29 7.60 -6.20 -1.85
C SER A 29 8.99 -6.59 -1.36
N SER A 30 9.93 -6.76 -2.28
CA SER A 30 11.33 -7.06 -1.95
C SER A 30 11.89 -5.94 -1.11
N ALA A 31 12.75 -6.25 -0.13
CA ALA A 31 13.06 -5.32 0.95
C ALA A 31 13.53 -3.93 0.50
N GLU A 32 14.29 -3.83 -0.60
CA GLU A 32 14.85 -2.56 -1.02
C GLU A 32 14.06 -1.88 -2.14
N ASP A 33 13.21 -2.64 -2.81
CA ASP A 33 12.10 -2.13 -3.59
C ASP A 33 11.06 -1.50 -2.64
N LEU A 34 10.82 -2.17 -1.49
CA LEU A 34 10.01 -1.67 -0.38
C LEU A 34 10.62 -0.40 0.19
N ARG A 35 11.93 -0.43 0.40
CA ARG A 35 12.73 0.71 0.86
C ARG A 35 12.54 1.86 -0.10
N THR A 36 12.68 1.62 -1.41
CA THR A 36 12.47 2.64 -2.43
C THR A 36 11.05 3.23 -2.31
N LEU A 37 10.02 2.39 -2.26
CA LEU A 37 8.65 2.86 -2.07
C LEU A 37 8.52 3.61 -0.71
N GLN A 38 9.29 3.22 0.31
CA GLN A 38 9.33 3.88 1.60
C GLN A 38 10.06 5.24 1.50
N GLN A 39 10.98 5.42 0.54
CA GLN A 39 11.57 6.73 0.25
C GLN A 39 10.52 7.63 -0.42
N LEU A 40 9.61 7.05 -1.22
CA LEU A 40 8.39 7.76 -1.61
C LEU A 40 7.62 8.23 -0.35
N PHE A 41 7.37 7.33 0.62
CA PHE A 41 6.70 7.69 1.88
C PHE A 41 7.46 8.80 2.62
N LEU A 42 8.80 8.69 2.67
CA LEU A 42 9.69 9.69 3.23
C LEU A 42 9.58 11.04 2.50
N SER A 43 9.28 11.04 1.18
CA SER A 43 9.06 12.25 0.41
C SER A 43 7.73 12.91 0.83
N THR A 44 6.58 12.31 0.49
CA THR A 44 5.25 12.80 0.84
C THR A 44 4.23 11.70 1.13
N LEU A 45 4.53 10.47 0.77
CA LEU A 45 3.52 9.44 0.58
C LEU A 45 2.98 8.88 1.89
N SER A 46 1.70 8.52 1.87
CA SER A 46 1.03 7.83 2.94
C SER A 46 -0.01 6.88 2.35
N PHE A 47 -0.68 6.11 3.20
CA PHE A 47 -1.67 5.15 2.80
C PHE A 47 -2.99 5.57 3.42
N VAL A 48 -4.07 5.11 2.79
CA VAL A 48 -5.41 5.29 3.26
C VAL A 48 -6.08 3.91 3.30
N CYS A 49 -6.16 3.37 4.53
CA CYS A 49 -6.65 2.04 4.89
C CYS A 49 -8.00 1.75 4.22
N PRO A 50 -8.34 0.48 3.88
CA PRO A 50 -9.55 0.17 3.12
C PRO A 50 -10.86 0.66 3.77
N TRP A 51 -10.88 0.79 5.10
CA TRP A 51 -11.91 1.49 5.85
C TRP A 51 -12.08 2.92 5.32
N CYS A 52 -11.01 3.73 5.37
CA CYS A 52 -11.05 5.14 5.00
C CYS A 52 -11.05 5.31 3.48
N ALA A 53 -10.62 4.28 2.76
CA ALA A 53 -10.78 4.23 1.32
C ALA A 53 -12.28 4.28 1.01
N THR A 54 -13.04 3.40 1.68
CA THR A 54 -14.47 3.21 1.52
C THR A 54 -15.27 4.37 2.12
N ASN A 55 -14.95 4.80 3.35
CA ASN A 55 -15.66 5.90 4.03
C ASN A 55 -15.39 7.23 3.34
N GLN A 56 -14.16 7.37 2.82
CA GLN A 56 -13.65 8.57 2.18
C GLN A 56 -13.69 9.79 3.09
N GLY B 1 -4.79 13.58 3.25
CA GLY B 1 -5.73 14.39 4.05
C GLY B 1 -7.15 14.30 3.49
N SER B 2 -7.92 15.39 3.47
CA SER B 2 -9.34 15.40 3.10
C SER B 2 -9.83 16.82 2.84
N HIS B 3 -11.10 16.94 2.42
CA HIS B 3 -11.89 18.17 2.18
C HIS B 3 -11.40 18.93 0.95
N MET B 4 -10.10 19.17 0.82
CA MET B 4 -9.48 19.50 -0.45
C MET B 4 -9.56 18.27 -1.36
N ALA B 5 -9.77 18.51 -2.66
CA ALA B 5 -9.59 17.52 -3.71
C ALA B 5 -8.09 17.32 -3.93
N GLU B 6 -7.44 16.59 -3.03
CA GLU B 6 -5.99 16.53 -2.98
C GLU B 6 -5.40 15.87 -4.25
N PRO B 7 -4.27 16.35 -4.76
CA PRO B 7 -3.48 15.69 -5.80
C PRO B 7 -2.64 14.56 -5.18
N GLN B 8 -3.21 13.82 -4.22
CA GLN B 8 -2.47 12.90 -3.37
C GLN B 8 -3.33 11.67 -3.08
N ARG B 9 -4.40 11.74 -2.28
CA ARG B 9 -5.30 10.62 -1.96
C ARG B 9 -5.84 9.93 -3.23
N HIS B 10 -5.14 8.91 -3.72
CA HIS B 10 -5.34 8.27 -5.03
C HIS B 10 -5.51 6.76 -4.88
N LYS B 11 -5.79 6.07 -5.99
CA LYS B 11 -6.29 4.71 -6.01
C LYS B 11 -5.67 3.92 -7.16
N ILE B 12 -4.71 3.06 -6.87
CA ILE B 12 -4.18 2.07 -7.81
C ILE B 12 -5.03 0.81 -7.65
N LEU B 13 -5.97 0.55 -8.55
CA LEU B 13 -6.68 -0.72 -8.54
C LEU B 13 -5.73 -1.83 -8.94
N CYS B 14 -5.55 -2.76 -8.01
CA CYS B 14 -4.78 -3.99 -8.15
C CYS B 14 -5.70 -5.17 -7.79
N VAL B 15 -5.14 -6.38 -7.80
CA VAL B 15 -5.71 -7.52 -7.11
C VAL B 15 -4.77 -7.95 -5.99
N CYS B 16 -5.30 -8.71 -5.02
CA CYS B 16 -4.51 -9.37 -3.99
C CYS B 16 -3.75 -10.54 -4.61
N CYS B 17 -2.46 -10.64 -4.33
CA CYS B 17 -1.57 -11.65 -4.86
C CYS B 17 -2.07 -13.08 -4.58
N LYS B 18 -2.68 -13.31 -3.40
CA LYS B 18 -3.08 -14.63 -2.97
C LYS B 18 -4.60 -14.85 -3.00
N CYS B 19 -5.41 -13.79 -3.07
CA CYS B 19 -6.85 -13.90 -3.13
C CYS B 19 -7.38 -13.70 -4.56
N ASP B 20 -6.57 -13.11 -5.45
CA ASP B 20 -6.99 -12.57 -6.75
C ASP B 20 -8.21 -11.65 -6.62
N GLY B 21 -8.37 -11.01 -5.45
CA GLY B 21 -9.51 -10.18 -5.13
C GLY B 21 -9.16 -8.73 -5.39
N ARG B 22 -10.14 -7.96 -5.85
CA ARG B 22 -10.04 -6.56 -6.24
C ARG B 22 -9.62 -5.73 -5.04
N ILE B 23 -8.42 -5.14 -5.06
CA ILE B 23 -8.01 -4.18 -4.05
C ILE B 23 -7.77 -2.83 -4.76
N GLU B 24 -8.60 -1.86 -4.43
CA GLU B 24 -8.37 -0.47 -4.76
C GLU B 24 -7.29 0.07 -3.80
N LEU B 25 -6.02 0.00 -4.21
CA LEU B 25 -4.88 0.36 -3.37
C LEU B 25 -4.91 1.86 -3.20
N THR B 26 -5.48 2.29 -2.08
CA THR B 26 -5.78 3.68 -1.84
C THR B 26 -4.54 4.26 -1.15
N VAL B 27 -3.70 4.93 -1.95
CA VAL B 27 -2.36 5.41 -1.59
C VAL B 27 -2.40 6.93 -1.83
N GLU B 28 -2.18 7.72 -0.77
CA GLU B 28 -1.97 9.16 -0.87
C GLU B 28 -0.60 9.37 -1.50
N SER B 29 -0.56 9.71 -2.79
CA SER B 29 0.60 9.56 -3.64
C SER B 29 0.47 10.47 -4.86
N SER B 30 1.53 11.19 -5.25
CA SER B 30 1.49 12.12 -6.36
C SER B 30 1.39 11.34 -7.65
N ALA B 31 0.65 11.81 -8.67
CA ALA B 31 0.24 10.98 -9.80
C ALA B 31 1.36 10.18 -10.46
N GLU B 32 2.55 10.77 -10.61
CA GLU B 32 3.65 10.11 -11.32
C GLU B 32 4.65 9.42 -10.40
N ASP B 33 4.58 9.70 -9.11
CA ASP B 33 5.13 8.86 -8.08
C ASP B 33 4.25 7.60 -7.92
N LEU B 34 2.93 7.75 -8.07
CA LEU B 34 1.96 6.65 -8.11
C LEU B 34 2.23 5.80 -9.34
N ARG B 35 2.50 6.46 -10.46
CA ARG B 35 2.97 5.83 -11.69
C ARG B 35 4.26 5.07 -11.38
N THR B 36 5.23 5.71 -10.75
CA THR B 36 6.51 5.08 -10.42
C THR B 36 6.28 3.85 -9.55
N LEU B 37 5.48 3.95 -8.47
CA LEU B 37 5.22 2.80 -7.60
C LEU B 37 4.36 1.74 -8.31
N GLN B 38 3.55 2.15 -9.31
CA GLN B 38 2.88 1.24 -10.22
C GLN B 38 3.91 0.51 -11.09
N GLN B 39 4.99 1.19 -11.53
CA GLN B 39 6.08 0.54 -12.24
C GLN B 39 6.83 -0.42 -11.32
N LEU B 40 6.89 -0.17 -10.00
CA LEU B 40 7.37 -1.17 -9.06
C LEU B 40 6.47 -2.41 -9.11
N PHE B 41 5.13 -2.26 -9.04
CA PHE B 41 4.21 -3.40 -9.21
C PHE B 41 4.43 -4.10 -10.56
N LEU B 42 4.65 -3.34 -11.63
CA LEU B 42 4.91 -3.86 -12.98
C LEU B 42 6.23 -4.63 -13.04
N SER B 43 7.25 -4.15 -12.33
CA SER B 43 8.60 -4.68 -12.26
C SER B 43 8.66 -5.97 -11.44
N THR B 44 8.32 -5.83 -10.16
CA THR B 44 8.69 -6.73 -9.10
C THR B 44 7.61 -6.99 -8.07
N LEU B 45 6.80 -5.97 -7.78
CA LEU B 45 5.99 -5.90 -6.57
C LEU B 45 4.59 -6.47 -6.72
N SER B 46 3.96 -6.79 -5.60
CA SER B 46 2.58 -7.25 -5.50
C SER B 46 1.94 -6.62 -4.26
N PHE B 47 0.64 -6.86 -4.06
CA PHE B 47 -0.07 -6.37 -2.91
C PHE B 47 -0.84 -7.51 -2.27
N VAL B 48 -0.96 -7.42 -0.95
CA VAL B 48 -1.55 -8.40 -0.07
C VAL B 48 -2.32 -7.62 0.99
N CYS B 49 -3.66 -7.64 0.92
CA CYS B 49 -4.54 -6.95 1.87
C CYS B 49 -4.25 -7.42 3.29
N PRO B 50 -4.26 -6.54 4.32
CA PRO B 50 -3.82 -6.92 5.66
C PRO B 50 -4.66 -8.04 6.30
N TRP B 51 -5.94 -8.18 5.87
CA TRP B 51 -6.79 -9.31 6.16
C TRP B 51 -6.08 -10.61 5.76
N CYS B 52 -5.87 -10.82 4.45
CA CYS B 52 -5.23 -12.04 3.95
C CYS B 52 -3.79 -12.15 4.41
N ALA B 53 -3.17 -11.02 4.74
CA ALA B 53 -1.82 -11.02 5.24
C ALA B 53 -1.75 -11.70 6.60
N THR B 54 -2.76 -11.43 7.43
CA THR B 54 -2.88 -11.85 8.83
C THR B 54 -3.56 -13.22 8.94
N ASN B 55 -4.57 -13.50 8.10
CA ASN B 55 -5.16 -14.84 7.96
C ASN B 55 -4.09 -15.80 7.43
N GLN B 56 -3.29 -15.28 6.48
CA GLN B 56 -2.14 -15.88 5.82
C GLN B 56 -2.55 -16.74 4.63
ZN ZN C . -7.01 5.97 6.78
ZN ZN D . -5.24 -10.56 -0.54
#